data_6YMY
#
_entry.id   6YMY
#
_cell.length_a   1.00
_cell.length_b   1.00
_cell.length_c   1.00
_cell.angle_alpha   90.00
_cell.angle_beta   90.00
_cell.angle_gamma   90.00
#
_symmetry.space_group_name_H-M   'P 1'
#
loop_
_entity.id
_entity.type
_entity.pdbx_description
1 polymer 'Cytochrome c oxidase subunit 1'
2 polymer 'Cytochrome c oxidase subunit 2'
3 polymer 'Cytochrome c oxidase subunit 3'
4 polymer 'Cytochrome c oxidase subunit 4, mitochondrial'
5 polymer 'Cytochrome c oxidase subunit 5A, mitochondrial'
6 polymer 'Cytochrome c oxidase subunit 6, mitochondrial'
7 polymer 'Cytochrome c oxidase subunit 7, mitochondrial'
8 polymer 'Cytochrome c oxidase subunit 8, mitochondrial'
9 polymer 'Cytochrome c oxidase subunit 9, mitochondrial'
10 polymer 'Cytochrome c oxidase subunit 12, mitochondrial'
11 polymer 'Cytochrome c oxidase subunit 13, mitochondrial'
12 polymer 'Cytochrome c oxidase subunit 26, mitochondrial'
13 non-polymer 'COPPER (II) ION'
14 non-polymer HEME-A
15 non-polymer PHOSPHATIDYLETHANOLAMINE
16 non-polymer '(2R,5S,11R,14R)-5,8,11-trihydroxy-2-(nonanoyloxy)-5,11-dioxido-16-oxo-14-[(propanoyloxy)methyl]-4,6,10,12,15-pentaoxa-5,11-diphosphanonadec-1-yl undecanoate'
17 non-polymer 'DINUCLEAR COPPER ION'
18 non-polymer 1,2-DIACYL-SN-GLYCERO-3-PHOSHOCHOLINE
19 non-polymer 'ZINC ION'
#
loop_
_entity_poly.entity_id
_entity_poly.type
_entity_poly.pdbx_seq_one_letter_code
_entity_poly.pdbx_strand_id
1 'polypeptide(L)'
;WLYSTNAKDIAVLYFMLAIFSGMAGTAMSLIIRLELAAPGSQYLHGNSQLFNVLVVGHAVLMIFFLVMPALIGGFGNYLL
PLMIGATDTAFPRINNIAFWVLPMGLVCLVTSTLVESGAGTGWTVYPPLSSIQAHSGPSVDLAIFALHLTSISSLLGAIN
FIVTTLNMRTNGMTMHKLPLFVWSIFITAFLLLLSLPVLSAGITMLLLDRNFNTSFFEVSGGGDPILYEHLFWFFGHPEV
YILIIPGFGIISHVVSTYSKKPVFGEISMVYAMASIGLLGFLVWSHHMYIVGLDADTRAYFTSATMIIAIPTGIKIFSWL
ATIHGGSIRLATPMLYAIAFLFLFTMGGLTGVALANASLDVAFHDTYYVVGHFHYVLSMGAIFSLFAGYYYWSPQILGLN
YNEKLAQIQFWLIFIGANVIFFPMHFLGINGMPRRIPDYPDAFAGWNYVASIGSFIATLSLFLFIYILYDQLVNGLNNKV
NNKSVIYNKAPDFVESNTIFNLNTVKSSSIEFLLTSPPAVHSFNTPAVQS
;
a
2 'polypeptide(L)'
;DVPTPYACYFQDSATPNQEGILELHDNIMFYLLVILGLVSWMLYTIVMTYSKNPIAYKYIKHGQTIEVIWTIFPAVILLI
IAFPSFILLYLCDEVISPAMTIKAIGYQWYWKYEYSDFINDSGETVEFESYVIPDELLEEGQLRLLDTDTSMVVPVDTHI
RFVVTAADVIHDFAIPSLGIKVDATPGRLNQVSALIQREGVFYGACSELCGTGHANMPIKIEAVSLPKFLEWLNEQ
;
b
3 'polypeptide(L)'
;THLERSRHQQHPFHMVMPSPWPIVVSFALLSLALSTALTMHGYIGNMNMVYLALFVLLTSSILWFRDIVAEATYLGDHTM
AVRKGINLGFLMFVLSEVLIFAGLFWAYFHSAMSPDVTLGACWPPVGIEAVQPTELPLLNTIILLSSGATVTYSHHALIA
GNRNKALSGLLITFWLIVIFVTCQYIEYTNAAFTISDGVYGSVFYAGTGLHFLHMVMLAAMLGVNYWRMRNYHLTAGHHV
GYETTIIYTHVLDVIWLFLYVVFYWWGV
;
c
4 'polypeptide(L)'
;VVKTAQNLAEVNGPETLIGPGAKEGTVPTDLDQETGLARLELLGKLEGIDVFDTKPLDSSRKGTMKDPIIIESYDDYRYV
GCTGSPAGSHTIMWLKPTVNEVARCWECGSVYKLNPV
;
d
5 'polypeptide(L)'
;ALSNAAVMDLQSRWENMPSTEQQDIVSKLSERQKLPWAQLTEPEKQAVWYISYGEWGPRRPVLNKGDSSFIAKGVAAGLL
FSVGLFAVVRMAGGQDAKTMNKEWQLKSDEYLKSKNANPWGGYSQVQS
;
e
6 'polypeptide(L)'
;ETFEEFTARYEKEFDEAYDLFEVQRVLNNCFSYDLVPAPAVIEKALRAARRVNDLPTAIRVFEALKYKVENEDQYKAYLD
ELKDVRQELGVPLKEELFP
;
f
7 'polypeptide(L)' NKVIQLQKIFQSSTKPLWWRHPRSALYLYPFYAIFAVAVVTPLLYIPNAIRGIKA g
8 'polypeptide(L)' VHFKDGVYENIPFKVKGRKTPYALSHFGFFAIGFAVPFVACYVQLKKSGAF h
9 'polypeptide(L)' TIAPITGTIKRRVIMDIVLGFSLGGVMASYWWWGFHMDKINKREKFYAELAE i
10 'polypeptide(L)' NSPLHTVGFDARFPQQNQTKHCWQSYVDYHKCVNMKGEDFAPCKVFWKTYNALCPLDWIEKWDDQREKGIFAGDINSD j
11 'polypeptide(L)'
;NALKPAFGPPDKVAAQKFKESLMATEKHAKDTSNMWVKISVWVALPAIALTAVNTYFVEKEHAEHREHLKHVPDSEWPRD
YEFMNIRSKPFFWGDGDKTLFWNPVVNRHIEHDD
;
k
12 'polypeptide(L)' ESWVITEGRRLIPEIFQWSAVLSVCLGWPGAVYFFSKA m
#
# COMPACT_ATOMS: atom_id res chain seq x y z
N TRP A 1 19.98 8.10 16.54
CA TRP A 1 21.37 8.17 16.12
C TRP A 1 21.44 8.20 14.59
N LEU A 2 22.55 8.73 14.06
CA LEU A 2 22.61 9.13 12.65
C LEU A 2 22.74 7.93 11.73
N TYR A 3 23.87 7.22 11.79
CA TYR A 3 24.06 6.04 10.96
C TYR A 3 23.91 4.76 11.77
N SER A 4 22.95 4.74 12.67
CA SER A 4 22.70 3.56 13.49
C SER A 4 22.11 2.43 12.65
N THR A 5 22.35 1.21 13.10
CA THR A 5 21.86 0.02 12.43
C THR A 5 20.85 -0.74 13.28
N ASN A 6 20.52 -0.22 14.46
CA ASN A 6 19.55 -0.86 15.34
C ASN A 6 18.16 -0.82 14.71
N ALA A 7 17.53 -1.98 14.63
CA ALA A 7 16.33 -2.14 13.80
C ALA A 7 15.09 -1.49 14.36
N LYS A 8 15.13 -0.96 15.58
CA LYS A 8 13.98 -0.26 16.13
C LYS A 8 14.24 1.22 16.38
N ASP A 9 15.48 1.68 16.24
CA ASP A 9 15.74 3.11 16.19
C ASP A 9 15.45 3.68 14.82
N ILE A 10 15.52 2.85 13.79
CA ILE A 10 15.11 3.26 12.45
C ILE A 10 13.60 3.45 12.40
N ALA A 11 12.85 2.62 13.11
CA ALA A 11 11.40 2.68 13.06
C ALA A 11 10.85 3.93 13.72
N VAL A 12 11.61 4.55 14.63
CA VAL A 12 11.19 5.84 15.18
C VAL A 12 11.69 6.99 14.33
N LEU A 13 12.73 6.77 13.52
CA LEU A 13 13.12 7.76 12.53
C LEU A 13 12.13 7.80 11.38
N TYR A 14 11.61 6.63 11.02
CA TYR A 14 10.45 6.54 10.13
C TYR A 14 9.28 7.33 10.67
N PHE A 15 9.00 7.22 11.96
CA PHE A 15 7.83 7.87 12.51
C PHE A 15 8.07 9.34 12.78
N MET A 16 9.30 9.83 12.70
CA MET A 16 9.54 11.27 12.70
C MET A 16 9.52 11.86 11.30
N LEU A 17 9.23 11.05 10.29
CA LEU A 17 9.05 11.50 8.92
C LEU A 17 7.61 11.46 8.46
N ALA A 18 6.80 10.56 9.03
CA ALA A 18 5.39 10.48 8.69
C ALA A 18 4.66 11.73 9.14
N ILE A 19 4.69 12.01 10.45
CA ILE A 19 4.00 13.17 11.00
C ILE A 19 4.60 14.49 10.53
N PHE A 20 5.84 14.48 10.05
CA PHE A 20 6.39 15.66 9.39
C PHE A 20 5.77 15.84 8.01
N SER A 21 5.87 14.82 7.16
CA SER A 21 5.36 14.91 5.81
C SER A 21 3.83 14.84 5.76
N GLY A 22 3.22 14.19 6.75
CA GLY A 22 1.77 14.22 6.84
C GLY A 22 1.23 15.57 7.24
N MET A 23 2.06 16.42 7.84
CA MET A 23 1.67 17.80 8.05
C MET A 23 1.65 18.57 6.73
N ALA A 24 2.71 18.41 5.93
CA ALA A 24 2.76 19.06 4.62
C ALA A 24 1.77 18.43 3.65
N GLY A 25 1.44 17.16 3.84
CA GLY A 25 0.36 16.56 3.06
C GLY A 25 -0.99 17.10 3.45
N THR A 26 -1.13 17.61 4.66
CA THR A 26 -2.37 18.23 5.11
C THR A 26 -2.42 19.70 4.78
N ALA A 27 -1.28 20.39 4.82
CA ALA A 27 -1.26 21.80 4.46
C ALA A 27 -1.50 22.01 2.97
N MET A 28 -1.00 21.10 2.14
CA MET A 28 -1.36 21.12 0.73
C MET A 28 -2.81 20.68 0.54
N SER A 29 -3.32 19.86 1.44
CA SER A 29 -4.74 19.53 1.41
C SER A 29 -5.58 20.71 1.88
N LEU A 30 -4.99 21.61 2.67
CA LEU A 30 -5.74 22.76 3.16
C LEU A 30 -5.95 23.78 2.05
N ILE A 31 -4.92 24.03 1.24
CA ILE A 31 -4.98 25.07 0.22
C ILE A 31 -5.91 24.66 -0.91
N ILE A 32 -5.93 23.36 -1.24
CA ILE A 32 -6.82 22.84 -2.28
C ILE A 32 -8.27 23.06 -1.91
N ARG A 33 -8.65 22.66 -0.70
CA ARG A 33 -10.01 22.83 -0.25
C ARG A 33 -10.33 24.28 0.12
N LEU A 34 -9.32 25.10 0.38
CA LEU A 34 -9.60 26.51 0.61
C LEU A 34 -9.91 27.22 -0.70
N GLU A 35 -9.25 26.83 -1.78
CA GLU A 35 -9.52 27.43 -3.08
C GLU A 35 -10.85 26.95 -3.64
N LEU A 36 -11.29 25.76 -3.25
CA LEU A 36 -12.52 25.19 -3.77
C LEU A 36 -13.74 25.52 -2.93
N ALA A 37 -13.60 26.40 -1.93
CA ALA A 37 -14.73 26.70 -1.08
C ALA A 37 -15.77 27.55 -1.79
N ALA A 38 -15.35 28.36 -2.75
CA ALA A 38 -16.24 29.28 -3.44
C ALA A 38 -15.84 29.34 -4.89
N PRO A 39 -16.79 29.62 -5.80
CA PRO A 39 -16.43 29.85 -7.20
C PRO A 39 -15.57 31.09 -7.35
N GLY A 40 -14.77 31.10 -8.41
CA GLY A 40 -13.79 32.16 -8.55
C GLY A 40 -12.52 31.87 -7.78
N SER A 41 -11.40 32.31 -8.34
CA SER A 41 -10.10 32.00 -7.77
C SER A 41 -9.84 32.96 -6.60
N GLN A 42 -10.05 32.46 -5.38
CA GLN A 42 -10.02 33.34 -4.21
C GLN A 42 -8.60 33.59 -3.72
N TYR A 43 -7.92 32.55 -3.23
CA TYR A 43 -6.67 32.72 -2.51
C TYR A 43 -5.48 32.63 -3.45
N LEU A 44 -5.45 31.59 -4.27
CA LEU A 44 -4.68 31.65 -5.50
C LEU A 44 -5.25 32.75 -6.37
N HIS A 45 -4.38 33.49 -7.06
CA HIS A 45 -4.85 34.71 -7.72
C HIS A 45 -5.63 34.40 -8.98
N GLY A 46 -4.99 33.82 -9.98
CA GLY A 46 -5.70 33.35 -11.15
C GLY A 46 -5.02 32.10 -11.66
N ASN A 47 -4.08 31.62 -10.86
CA ASN A 47 -3.12 30.62 -11.30
C ASN A 47 -3.73 29.23 -11.19
N SER A 48 -3.89 28.56 -12.33
CA SER A 48 -4.37 27.20 -12.33
C SER A 48 -3.23 26.20 -12.15
N GLN A 49 -2.07 26.49 -12.73
CA GLN A 49 -0.84 25.97 -12.18
C GLN A 49 -0.65 26.55 -10.78
N LEU A 50 0.04 25.81 -9.93
CA LEU A 50 0.12 25.86 -8.46
C LEU A 50 -1.16 25.30 -7.83
N PHE A 51 -2.21 25.03 -8.59
CA PHE A 51 -3.24 24.15 -8.09
C PHE A 51 -3.07 22.73 -8.59
N ASN A 52 -2.72 22.55 -9.86
CA ASN A 52 -2.35 21.23 -10.35
C ASN A 52 -0.96 20.84 -9.89
N VAL A 53 -0.20 21.75 -9.30
CA VAL A 53 1.05 21.40 -8.68
C VAL A 53 0.84 20.94 -7.24
N LEU A 54 -0.06 21.59 -6.51
CA LEU A 54 -0.34 21.20 -5.14
C LEU A 54 -1.29 20.02 -5.02
N VAL A 55 -1.76 19.46 -6.13
CA VAL A 55 -2.46 18.19 -6.06
C VAL A 55 -1.47 17.02 -6.10
N VAL A 56 -0.48 17.08 -6.98
CA VAL A 56 0.53 16.01 -6.98
C VAL A 56 1.49 16.17 -5.82
N GLY A 57 1.61 17.39 -5.28
CA GLY A 57 2.36 17.54 -4.05
C GLY A 57 1.62 16.98 -2.85
N HIS A 58 0.29 16.91 -2.93
CA HIS A 58 -0.49 16.41 -1.82
C HIS A 58 -0.71 14.91 -1.91
N ALA A 59 -0.85 14.39 -3.12
CA ALA A 59 -1.09 12.95 -3.26
C ALA A 59 0.18 12.13 -3.11
N VAL A 60 1.34 12.71 -3.42
CA VAL A 60 2.59 11.98 -3.23
C VAL A 60 3.01 12.00 -1.77
N LEU A 61 2.82 13.14 -1.10
CA LEU A 61 3.21 13.26 0.30
C LEU A 61 2.33 12.44 1.21
N MET A 62 1.06 12.23 0.85
CA MET A 62 0.19 11.45 1.72
C MET A 62 0.33 9.96 1.48
N ILE A 63 0.53 9.54 0.23
CA ILE A 63 0.66 8.12 -0.06
C ILE A 63 2.09 7.65 0.18
N PHE A 64 3.04 8.26 -0.50
CA PHE A 64 4.40 7.74 -0.51
C PHE A 64 5.25 8.27 0.63
N PHE A 65 4.75 9.21 1.42
CA PHE A 65 5.53 9.76 2.51
C PHE A 65 4.79 9.81 3.84
N LEU A 66 3.52 9.45 3.89
CA LEU A 66 2.82 9.31 5.16
C LEU A 66 2.37 7.90 5.44
N VAL A 67 1.55 7.30 4.58
CA VAL A 67 0.94 6.02 4.91
C VAL A 67 1.91 4.88 4.68
N MET A 68 2.69 4.95 3.59
CA MET A 68 3.69 3.92 3.34
C MET A 68 4.85 3.91 4.34
N PRO A 69 5.50 5.03 4.70
CA PRO A 69 6.60 4.91 5.67
C PRO A 69 6.16 4.78 7.12
N ALA A 70 4.87 4.78 7.42
CA ALA A 70 4.41 4.55 8.78
C ALA A 70 3.76 3.19 8.99
N LEU A 71 3.00 2.71 8.01
CA LEU A 71 2.45 1.36 8.12
C LEU A 71 3.49 0.30 7.80
N ILE A 72 4.24 0.50 6.73
CA ILE A 72 5.28 -0.45 6.33
C ILE A 72 6.60 -0.13 7.01
N GLY A 73 6.90 1.14 7.18
CA GLY A 73 8.16 1.52 7.78
C GLY A 73 8.09 1.62 9.30
N GLY A 74 7.16 2.42 9.80
CA GLY A 74 7.09 2.70 11.22
C GLY A 74 6.66 1.53 12.08
N PHE A 75 5.45 1.03 11.87
CA PHE A 75 5.00 -0.15 12.59
C PHE A 75 5.52 -1.44 11.99
N GLY A 76 6.20 -1.37 10.85
CA GLY A 76 6.76 -2.57 10.26
C GLY A 76 8.08 -2.93 10.90
N ASN A 77 9.05 -2.01 10.86
CA ASN A 77 10.37 -2.30 11.39
C ASN A 77 10.39 -2.40 12.91
N TYR A 78 9.41 -1.83 13.60
CA TYR A 78 9.43 -1.96 15.04
C TYR A 78 8.83 -3.28 15.49
N LEU A 79 7.81 -3.77 14.81
CA LEU A 79 7.03 -4.89 15.33
C LEU A 79 7.28 -6.20 14.61
N LEU A 80 7.85 -6.18 13.44
CA LEU A 80 8.15 -7.46 12.79
C LEU A 80 9.31 -8.20 13.42
N PRO A 81 10.40 -7.58 13.90
CA PRO A 81 11.35 -8.35 14.71
C PRO A 81 10.82 -8.71 16.08
N LEU A 82 9.96 -7.89 16.66
CA LEU A 82 9.54 -8.10 18.04
C LEU A 82 8.48 -9.19 18.17
N MET A 83 7.48 -9.18 17.31
CA MET A 83 6.39 -10.13 17.44
C MET A 83 6.76 -11.54 16.99
N ILE A 84 7.80 -11.69 16.18
CA ILE A 84 8.35 -13.00 15.91
C ILE A 84 9.51 -13.33 16.81
N GLY A 85 9.94 -12.39 17.64
CA GLY A 85 11.01 -12.66 18.56
C GLY A 85 12.39 -12.59 17.96
N ALA A 86 12.53 -11.96 16.79
CA ALA A 86 13.84 -11.74 16.22
C ALA A 86 14.59 -10.68 17.01
N THR A 87 15.91 -10.81 17.04
CA THR A 87 16.73 -9.83 17.77
C THR A 87 16.74 -8.50 17.05
N ASP A 88 17.00 -8.52 15.75
CA ASP A 88 16.86 -7.37 14.89
C ASP A 88 16.26 -7.85 13.58
N THR A 89 16.28 -7.00 12.57
CA THR A 89 15.82 -7.44 11.26
C THR A 89 16.90 -8.31 10.60
N ALA A 90 16.58 -8.85 9.43
CA ALA A 90 17.47 -9.80 8.78
C ALA A 90 18.70 -9.10 8.22
N PHE A 91 18.52 -8.15 7.33
CA PHE A 91 19.62 -7.34 6.83
C PHE A 91 19.55 -5.98 7.51
N PRO A 92 20.38 -5.69 8.49
CA PRO A 92 20.20 -4.45 9.26
C PRO A 92 20.69 -3.20 8.55
N ARG A 93 21.67 -3.31 7.65
CA ARG A 93 22.19 -2.09 7.03
C ARG A 93 21.30 -1.60 5.89
N ILE A 94 20.73 -2.51 5.08
CA ILE A 94 19.81 -2.05 4.05
C ILE A 94 18.47 -1.68 4.64
N ASN A 95 18.21 -2.03 5.89
CA ASN A 95 17.11 -1.44 6.63
C ASN A 95 17.36 0.02 6.92
N ASN A 96 18.63 0.42 7.03
CA ASN A 96 18.95 1.82 7.26
C ASN A 96 18.87 2.63 5.98
N ILE A 97 19.29 2.05 4.85
CA ILE A 97 19.21 2.77 3.60
C ILE A 97 17.78 2.84 3.09
N ALA A 98 16.90 1.96 3.58
CA ALA A 98 15.49 2.09 3.27
C ALA A 98 14.86 3.30 3.93
N PHE A 99 15.46 3.79 5.02
CA PHE A 99 14.97 5.02 5.63
C PHE A 99 15.60 6.24 4.99
N TRP A 100 16.93 6.32 4.97
CA TRP A 100 17.61 7.57 4.64
C TRP A 100 17.46 7.98 3.18
N VAL A 101 16.95 7.11 2.32
CA VAL A 101 16.71 7.52 0.94
C VAL A 101 15.34 8.16 0.82
N LEU A 102 14.55 8.16 1.90
CA LEU A 102 13.29 8.90 1.91
C LEU A 102 13.44 10.40 2.15
N PRO A 103 14.31 10.91 3.04
CA PRO A 103 14.49 12.37 3.06
C PRO A 103 15.19 12.92 1.83
N MET A 104 16.03 12.11 1.18
CA MET A 104 16.54 12.53 -0.11
C MET A 104 15.45 12.51 -1.16
N GLY A 105 14.49 11.60 -1.04
CA GLY A 105 13.30 11.67 -1.85
C GLY A 105 12.32 12.74 -1.42
N LEU A 106 12.51 13.30 -0.23
CA LEU A 106 11.75 14.46 0.21
C LEU A 106 12.35 15.74 -0.33
N VAL A 107 13.67 15.81 -0.46
CA VAL A 107 14.31 16.99 -1.02
C VAL A 107 14.03 17.08 -2.51
N CYS A 108 14.08 15.94 -3.21
CA CYS A 108 13.82 15.89 -4.64
C CYS A 108 12.37 16.18 -5.01
N LEU A 109 11.46 16.21 -4.04
CA LEU A 109 10.08 16.57 -4.31
C LEU A 109 9.79 18.05 -4.06
N VAL A 110 10.34 18.60 -2.98
CA VAL A 110 10.16 20.03 -2.71
C VAL A 110 10.91 20.86 -3.72
N THR A 111 12.06 20.36 -4.21
CA THR A 111 12.73 21.08 -5.27
C THR A 111 12.08 20.87 -6.63
N SER A 112 11.11 19.96 -6.74
CA SER A 112 10.33 19.85 -7.97
C SER A 112 9.21 20.88 -8.03
N THR A 113 8.85 21.45 -6.89
CA THR A 113 7.82 22.48 -6.82
C THR A 113 8.39 23.88 -6.95
N LEU A 114 9.60 24.10 -6.45
CA LEU A 114 10.18 25.44 -6.50
C LEU A 114 10.67 25.82 -7.88
N VAL A 115 11.01 24.83 -8.72
CA VAL A 115 11.43 25.06 -10.10
C VAL A 115 10.24 25.59 -10.87
N GLU A 116 10.49 26.49 -11.84
CA GLU A 116 9.53 27.43 -12.41
C GLU A 116 8.27 26.79 -12.98
N SER A 117 8.30 25.52 -13.32
CA SER A 117 7.12 24.91 -13.94
C SER A 117 6.15 24.37 -12.90
N GLY A 118 6.60 23.43 -12.09
CA GLY A 118 5.70 22.72 -11.21
C GLY A 118 5.05 21.57 -11.93
N ALA A 119 5.04 20.39 -11.31
CA ALA A 119 4.43 19.21 -11.93
C ALA A 119 2.92 19.38 -11.92
N GLY A 120 2.34 19.65 -13.08
CA GLY A 120 0.91 19.85 -13.15
C GLY A 120 0.21 18.70 -13.82
N THR A 121 0.70 17.49 -13.54
CA THR A 121 0.23 16.30 -14.24
C THR A 121 -0.78 15.51 -13.44
N GLY A 122 -0.99 15.82 -12.18
CA GLY A 122 -1.73 14.95 -11.30
C GLY A 122 -0.83 13.83 -10.80
N TRP A 123 -1.39 13.03 -9.90
CA TRP A 123 -0.61 11.96 -9.28
C TRP A 123 -0.26 10.88 -10.29
N THR A 124 -1.22 10.46 -11.09
CA THR A 124 -0.92 9.58 -12.21
C THR A 124 -0.29 10.42 -13.30
N VAL A 125 1.03 10.33 -13.44
CA VAL A 125 1.77 11.27 -14.27
C VAL A 125 1.63 10.85 -15.72
N TYR A 126 0.55 11.32 -16.38
CA TYR A 126 0.15 10.81 -17.68
C TYR A 126 1.08 11.31 -18.78
N PRO A 127 1.35 10.48 -19.80
CA PRO A 127 2.51 10.71 -20.66
C PRO A 127 2.47 11.97 -21.52
N PRO A 128 1.43 12.25 -22.34
CA PRO A 128 1.59 13.42 -23.24
C PRO A 128 1.44 14.75 -22.51
N LEU A 129 0.84 14.76 -21.32
CA LEU A 129 0.88 15.96 -20.49
C LEU A 129 2.24 16.12 -19.84
N SER A 130 2.88 15.01 -19.47
CA SER A 130 4.19 15.06 -18.86
C SER A 130 5.31 14.84 -19.86
N SER A 131 5.00 14.76 -21.14
CA SER A 131 6.05 14.76 -22.14
C SER A 131 6.65 16.16 -22.25
N ILE A 132 7.78 16.25 -22.95
CA ILE A 132 8.54 17.48 -22.96
C ILE A 132 7.87 18.55 -23.81
N GLN A 133 6.90 18.18 -24.64
CA GLN A 133 6.21 19.17 -25.45
C GLN A 133 5.26 20.02 -24.62
N ALA A 134 4.76 19.48 -23.51
CA ALA A 134 3.82 20.20 -22.65
C ALA A 134 4.49 20.80 -21.42
N HIS A 135 5.12 19.96 -20.60
CA HIS A 135 5.86 20.43 -19.41
C HIS A 135 7.33 20.51 -19.80
N SER A 136 7.75 21.68 -20.28
CA SER A 136 9.11 21.81 -20.80
C SER A 136 10.17 21.95 -19.71
N GLY A 137 9.78 22.12 -18.46
CA GLY A 137 10.74 22.33 -17.41
C GLY A 137 11.32 21.04 -16.88
N PRO A 138 12.26 21.18 -15.94
CA PRO A 138 12.81 20.00 -15.26
C PRO A 138 12.04 19.64 -14.02
N SER A 139 10.82 20.16 -13.88
CA SER A 139 10.08 19.97 -12.63
C SER A 139 9.64 18.53 -12.46
N VAL A 140 9.04 17.94 -13.50
CA VAL A 140 8.50 16.59 -13.35
C VAL A 140 9.60 15.54 -13.47
N ASP A 141 10.80 15.93 -13.91
CA ASP A 141 11.94 15.02 -13.81
C ASP A 141 12.35 14.81 -12.36
N LEU A 142 12.29 15.87 -11.56
CA LEU A 142 12.54 15.71 -10.14
C LEU A 142 11.35 15.06 -9.43
N ALA A 143 10.16 15.20 -9.99
CA ALA A 143 8.98 14.59 -9.38
C ALA A 143 8.90 13.10 -9.63
N ILE A 144 9.73 12.55 -10.51
CA ILE A 144 9.80 11.10 -10.68
C ILE A 144 11.11 10.53 -10.19
N PHE A 145 12.16 11.35 -10.01
CA PHE A 145 13.28 10.92 -9.19
C PHE A 145 12.88 10.76 -7.74
N ALA A 146 11.89 11.54 -7.28
CA ALA A 146 11.33 11.30 -5.96
C ALA A 146 10.59 9.97 -5.92
N LEU A 147 9.91 9.61 -7.01
CA LEU A 147 9.27 8.31 -7.07
C LEU A 147 10.26 7.20 -7.39
N HIS A 148 11.48 7.55 -7.82
CA HIS A 148 12.54 6.55 -7.91
C HIS A 148 13.16 6.29 -6.54
N LEU A 149 13.37 7.35 -5.77
CA LEU A 149 13.97 7.18 -4.45
C LEU A 149 12.99 6.58 -3.46
N THR A 150 11.69 6.77 -3.70
CA THR A 150 10.70 6.13 -2.83
C THR A 150 10.48 4.68 -3.22
N SER A 151 10.58 4.35 -4.51
CA SER A 151 10.42 2.97 -4.95
C SER A 151 11.53 2.09 -4.43
N ILE A 152 12.76 2.59 -4.43
CA ILE A 152 13.86 1.81 -3.86
C ILE A 152 13.91 1.88 -2.35
N SER A 153 13.07 2.71 -1.72
CA SER A 153 12.90 2.61 -0.28
C SER A 153 11.96 1.47 0.07
N SER A 154 10.81 1.41 -0.59
CA SER A 154 9.84 0.37 -0.32
C SER A 154 10.26 -0.98 -0.86
N LEU A 155 11.07 -1.02 -1.90
CA LEU A 155 11.55 -2.31 -2.40
C LEU A 155 12.58 -2.90 -1.45
N LEU A 156 13.58 -2.10 -1.07
CA LEU A 156 14.64 -2.59 -0.19
C LEU A 156 14.19 -2.78 1.25
N GLY A 157 13.00 -2.35 1.60
CA GLY A 157 12.44 -2.70 2.89
C GLY A 157 11.61 -3.97 2.75
N ALA A 158 11.07 -4.21 1.56
CA ALA A 158 10.25 -5.38 1.36
C ALA A 158 11.08 -6.65 1.23
N ILE A 159 12.29 -6.54 0.67
CA ILE A 159 13.19 -7.69 0.65
C ILE A 159 13.66 -8.00 2.06
N ASN A 160 13.81 -6.96 2.89
CA ASN A 160 14.21 -7.15 4.27
C ASN A 160 13.11 -7.79 5.10
N PHE A 161 11.85 -7.58 4.73
CA PHE A 161 10.76 -8.13 5.52
C PHE A 161 10.40 -9.55 5.13
N ILE A 162 10.60 -9.93 3.87
CA ILE A 162 10.35 -11.31 3.47
C ILE A 162 11.36 -12.24 4.12
N VAL A 163 12.62 -11.84 4.16
CA VAL A 163 13.66 -12.77 4.58
C VAL A 163 13.88 -12.61 6.09
N THR A 164 13.11 -11.71 6.71
CA THR A 164 13.09 -11.71 8.17
C THR A 164 12.14 -12.76 8.71
N THR A 165 10.87 -12.70 8.32
CA THR A 165 9.89 -13.63 8.86
C THR A 165 9.89 -14.98 8.15
N LEU A 166 10.95 -15.31 7.41
CA LEU A 166 11.07 -16.63 6.84
C LEU A 166 12.09 -17.50 7.56
N ASN A 167 13.12 -16.90 8.17
CA ASN A 167 14.05 -17.70 8.95
C ASN A 167 14.50 -17.07 10.25
N MET A 168 13.99 -15.91 10.65
CA MET A 168 14.40 -15.30 11.90
C MET A 168 13.30 -15.30 12.94
N ARG A 169 12.31 -16.18 12.81
CA ARG A 169 11.37 -16.37 13.88
C ARG A 169 11.97 -17.30 14.92
N THR A 170 11.36 -17.31 16.11
CA THR A 170 11.89 -18.10 17.21
C THR A 170 11.55 -19.57 17.11
N ASN A 171 11.76 -20.30 18.21
CA ASN A 171 11.83 -21.76 18.19
C ASN A 171 10.51 -22.43 17.84
N GLY A 172 9.49 -22.22 18.66
CA GLY A 172 8.26 -22.93 18.44
C GLY A 172 7.28 -22.25 17.52
N MET A 173 7.62 -21.11 16.95
CA MET A 173 6.70 -20.34 16.13
C MET A 173 6.79 -20.84 14.69
N THR A 174 5.84 -21.68 14.29
CA THR A 174 5.71 -22.06 12.90
C THR A 174 4.97 -20.96 12.14
N MET A 175 4.80 -21.16 10.84
CA MET A 175 4.13 -20.15 10.02
C MET A 175 2.64 -20.10 10.31
N HIS A 176 2.05 -21.21 10.75
CA HIS A 176 0.63 -21.20 11.09
C HIS A 176 0.38 -20.46 12.39
N LYS A 177 1.31 -20.52 13.33
CA LYS A 177 1.15 -19.84 14.62
C LYS A 177 1.75 -18.45 14.58
N LEU A 178 1.42 -17.70 13.61
CA LEU A 178 1.94 -16.35 13.49
C LEU A 178 0.90 -15.33 13.87
N PRO A 179 1.30 -14.16 14.37
CA PRO A 179 0.34 -13.09 14.60
C PRO A 179 -0.20 -12.56 13.28
N LEU A 180 -1.39 -11.96 13.36
CA LEU A 180 -2.03 -11.47 12.14
C LEU A 180 -1.33 -10.24 11.60
N PHE A 181 -0.71 -9.44 12.45
CA PHE A 181 0.05 -8.29 11.97
C PHE A 181 1.36 -8.73 11.31
N VAL A 182 1.90 -9.88 11.68
CA VAL A 182 3.10 -10.37 11.01
C VAL A 182 2.76 -10.92 9.63
N TRP A 183 1.65 -11.66 9.54
CA TRP A 183 1.16 -12.14 8.25
C TRP A 183 0.75 -11.00 7.34
N SER A 184 0.35 -9.86 7.90
CA SER A 184 -0.16 -8.78 7.07
C SER A 184 0.97 -8.01 6.40
N ILE A 185 2.15 -7.95 7.03
CA ILE A 185 3.27 -7.27 6.39
C ILE A 185 4.02 -8.30 5.55
N PHE A 186 3.81 -9.58 5.84
CA PHE A 186 4.40 -10.61 5.02
C PHE A 186 3.70 -10.75 3.67
N ILE A 187 2.38 -10.57 3.64
CA ILE A 187 1.68 -10.51 2.37
C ILE A 187 2.02 -9.22 1.64
N THR A 188 2.15 -8.12 2.38
CA THR A 188 2.37 -6.81 1.77
C THR A 188 3.78 -6.70 1.18
N ALA A 189 4.77 -7.34 1.82
CA ALA A 189 6.13 -7.27 1.29
C ALA A 189 6.31 -8.13 0.04
N PHE A 190 5.34 -8.96 -0.32
CA PHE A 190 5.37 -9.63 -1.61
C PHE A 190 4.78 -8.77 -2.72
N LEU A 191 3.76 -7.97 -2.42
CA LEU A 191 3.18 -7.10 -3.44
C LEU A 191 4.10 -5.93 -3.76
N LEU A 192 4.83 -5.43 -2.76
CA LEU A 192 5.86 -4.43 -3.02
C LEU A 192 7.00 -5.00 -3.85
N LEU A 193 7.23 -6.30 -3.75
CA LEU A 193 8.25 -6.95 -4.56
C LEU A 193 7.78 -7.24 -5.97
N LEU A 194 6.48 -7.39 -6.19
CA LEU A 194 5.94 -7.78 -7.48
C LEU A 194 5.21 -6.66 -8.20
N SER A 195 5.32 -5.44 -7.74
CA SER A 195 4.69 -4.35 -8.46
C SER A 195 5.62 -3.17 -8.68
N LEU A 196 6.57 -2.96 -7.78
CA LEU A 196 7.51 -1.85 -7.95
C LEU A 196 8.46 -1.95 -9.13
N PRO A 197 8.90 -3.13 -9.61
CA PRO A 197 9.60 -3.14 -10.91
C PRO A 197 8.73 -2.73 -12.08
N VAL A 198 7.41 -2.89 -11.99
CA VAL A 198 6.55 -2.43 -13.08
C VAL A 198 6.44 -0.91 -13.05
N LEU A 199 6.41 -0.32 -11.86
CA LEU A 199 6.46 1.14 -11.74
C LEU A 199 7.81 1.68 -12.19
N SER A 200 8.90 1.12 -11.67
CA SER A 200 10.24 1.62 -11.95
C SER A 200 10.67 1.40 -13.39
N ALA A 201 9.97 0.53 -14.13
CA ALA A 201 10.13 0.51 -15.58
C ALA A 201 9.32 1.61 -16.24
N GLY A 202 8.03 1.73 -15.87
CA GLY A 202 7.16 2.67 -16.53
C GLY A 202 7.48 4.12 -16.23
N ILE A 203 8.10 4.39 -15.09
CA ILE A 203 8.57 5.74 -14.81
C ILE A 203 9.79 6.07 -15.65
N THR A 204 10.73 5.13 -15.76
CA THR A 204 11.92 5.29 -16.58
C THR A 204 11.59 5.42 -18.06
N MET A 205 10.57 4.70 -18.55
CA MET A 205 10.13 4.88 -19.93
C MET A 205 9.50 6.25 -20.17
N LEU A 206 9.07 6.94 -19.11
CA LEU A 206 8.64 8.32 -19.23
C LEU A 206 9.82 9.29 -19.17
N LEU A 207 10.84 8.97 -18.37
CA LEU A 207 12.02 9.82 -18.31
C LEU A 207 12.81 9.77 -19.60
N LEU A 208 12.83 8.62 -20.26
CA LEU A 208 13.54 8.53 -21.53
C LEU A 208 12.79 9.22 -22.67
N ASP A 209 11.49 9.43 -22.54
CA ASP A 209 10.78 10.15 -23.59
C ASP A 209 11.07 11.64 -23.56
N ARG A 210 11.31 12.18 -22.37
CA ARG A 210 11.58 13.61 -22.29
C ARG A 210 13.02 13.92 -22.62
N ASN A 211 13.95 13.41 -21.82
CA ASN A 211 15.33 13.83 -21.92
C ASN A 211 16.10 13.12 -23.03
N PHE A 212 15.59 12.00 -23.54
CA PHE A 212 16.29 11.25 -24.58
C PHE A 212 15.45 11.06 -25.83
N ASN A 213 14.26 11.66 -25.89
CA ASN A 213 13.28 11.66 -26.99
C ASN A 213 13.16 10.32 -27.72
N THR A 214 13.00 9.27 -26.94
CA THR A 214 12.98 7.93 -27.52
C THR A 214 11.59 7.50 -27.98
N SER A 215 10.54 8.26 -27.62
CA SER A 215 9.16 8.03 -28.05
C SER A 215 8.64 6.66 -27.65
N PHE A 216 8.68 6.37 -26.34
CA PHE A 216 7.94 5.22 -25.82
C PHE A 216 6.44 5.50 -25.84
N PHE A 217 6.06 6.73 -25.52
CA PHE A 217 4.66 7.12 -25.53
C PHE A 217 4.39 8.35 -26.37
N GLU A 218 5.39 8.90 -27.05
CA GLU A 218 5.15 10.02 -27.95
C GLU A 218 4.41 9.56 -29.18
N VAL A 219 3.38 10.31 -29.57
CA VAL A 219 2.46 9.87 -30.61
C VAL A 219 3.12 9.91 -31.98
N SER A 220 3.93 10.93 -32.23
CA SER A 220 4.70 10.97 -33.46
C SER A 220 5.81 9.94 -33.37
N GLY A 221 5.51 8.71 -33.77
CA GLY A 221 6.43 7.61 -33.57
C GLY A 221 5.73 6.30 -33.27
N GLY A 222 4.42 6.37 -33.06
CA GLY A 222 3.65 5.19 -32.74
C GLY A 222 3.63 4.83 -31.27
N GLY A 223 4.25 5.63 -30.41
CA GLY A 223 4.19 5.38 -28.99
C GLY A 223 2.82 5.67 -28.43
N ASP A 224 2.10 4.63 -28.07
CA ASP A 224 0.72 4.80 -27.64
C ASP A 224 0.71 5.20 -26.17
N PRO A 225 0.04 6.29 -25.79
CA PRO A 225 -0.02 6.66 -24.37
C PRO A 225 -0.93 5.78 -23.53
N ILE A 226 -1.68 4.85 -24.14
CA ILE A 226 -2.45 3.89 -23.35
C ILE A 226 -1.57 2.80 -22.76
N LEU A 227 -0.32 2.69 -23.23
CA LEU A 227 0.59 1.71 -22.65
C LEU A 227 1.01 2.12 -21.24
N TYR A 228 1.26 3.41 -21.03
CA TYR A 228 1.52 3.92 -19.69
C TYR A 228 0.30 3.76 -18.79
N GLU A 229 -0.90 3.86 -19.36
CA GLU A 229 -2.12 3.61 -18.60
C GLU A 229 -2.16 2.16 -18.11
N HIS A 230 -1.74 1.23 -18.95
CA HIS A 230 -1.63 -0.16 -18.54
C HIS A 230 -0.46 -0.37 -17.59
N LEU A 231 0.65 0.32 -17.81
CA LEU A 231 1.85 0.06 -17.05
C LEU A 231 1.83 0.70 -15.68
N PHE A 232 1.26 1.88 -15.54
CA PHE A 232 1.21 2.51 -14.24
C PHE A 232 0.20 1.84 -13.33
N TRP A 233 -0.97 1.47 -13.87
CA TRP A 233 -2.01 0.92 -13.01
C TRP A 233 -1.77 -0.54 -12.67
N PHE A 234 -0.86 -1.23 -13.35
CA PHE A 234 -0.43 -2.53 -12.86
C PHE A 234 0.37 -2.39 -11.58
N PHE A 235 1.02 -1.25 -11.38
CA PHE A 235 1.52 -0.90 -10.07
C PHE A 235 0.42 -0.32 -9.21
N GLY A 236 -0.51 0.42 -9.82
CA GLY A 236 -1.36 1.33 -9.06
C GLY A 236 -2.39 0.66 -8.18
N HIS A 237 -3.03 -0.39 -8.66
CA HIS A 237 -3.94 -1.07 -7.75
C HIS A 237 -3.24 -1.99 -6.74
N PRO A 238 -2.13 -2.69 -7.06
CA PRO A 238 -1.37 -3.30 -5.95
C PRO A 238 -0.87 -2.31 -4.92
N GLU A 239 -0.47 -1.10 -5.35
CA GLU A 239 -0.08 -0.06 -4.42
C GLU A 239 -1.24 0.35 -3.52
N VAL A 240 -2.45 0.33 -4.08
CA VAL A 240 -3.67 0.61 -3.33
C VAL A 240 -3.89 -0.41 -2.22
N TYR A 241 -3.67 -1.69 -2.50
CA TYR A 241 -3.88 -2.68 -1.47
C TYR A 241 -2.71 -2.77 -0.49
N ILE A 242 -1.53 -2.28 -0.87
CA ILE A 242 -0.39 -2.23 0.04
C ILE A 242 -0.64 -1.24 1.17
N LEU A 243 -1.38 -0.18 0.91
CA LEU A 243 -1.68 0.77 1.99
C LEU A 243 -2.79 0.30 2.91
N ILE A 244 -3.44 -0.82 2.62
CA ILE A 244 -4.62 -1.23 3.39
C ILE A 244 -4.50 -2.62 3.98
N ILE A 245 -3.54 -3.43 3.57
CA ILE A 245 -3.37 -4.75 4.20
C ILE A 245 -2.73 -4.58 5.58
N PRO A 246 -1.72 -3.72 5.81
CA PRO A 246 -1.38 -3.38 7.20
C PRO A 246 -2.47 -2.65 7.95
N GLY A 247 -3.40 -1.99 7.25
CA GLY A 247 -4.58 -1.50 7.92
C GLY A 247 -5.47 -2.62 8.43
N PHE A 248 -5.47 -3.76 7.74
CA PHE A 248 -6.21 -4.92 8.22
C PHE A 248 -5.47 -5.66 9.32
N GLY A 249 -4.18 -5.41 9.49
CA GLY A 249 -3.43 -6.10 10.51
C GLY A 249 -3.65 -5.50 11.88
N ILE A 250 -3.60 -4.17 11.97
CA ILE A 250 -3.72 -3.51 13.26
C ILE A 250 -5.14 -3.63 13.79
N ILE A 251 -6.14 -3.57 12.90
CA ILE A 251 -7.53 -3.71 13.33
C ILE A 251 -7.81 -5.13 13.79
N SER A 252 -7.08 -6.11 13.25
CA SER A 252 -7.23 -7.47 13.73
C SER A 252 -6.61 -7.70 15.09
N HIS A 253 -5.88 -6.73 15.64
CA HIS A 253 -5.29 -6.86 16.97
C HIS A 253 -5.92 -5.94 18.00
N VAL A 254 -6.31 -4.72 17.60
CA VAL A 254 -6.97 -3.81 18.51
C VAL A 254 -8.35 -4.35 18.88
N VAL A 255 -9.02 -5.01 17.93
CA VAL A 255 -10.29 -5.66 18.22
C VAL A 255 -10.09 -6.85 19.15
N SER A 256 -9.08 -7.67 18.91
CA SER A 256 -8.89 -8.86 19.74
C SER A 256 -8.36 -8.54 21.13
N THR A 257 -7.82 -7.35 21.35
CA THR A 257 -7.30 -7.00 22.66
C THR A 257 -8.33 -6.25 23.49
N TYR A 258 -8.91 -5.20 22.93
CA TYR A 258 -9.91 -4.42 23.65
C TYR A 258 -11.26 -5.11 23.69
N SER A 259 -11.41 -6.24 23.01
CA SER A 259 -12.50 -7.16 23.24
C SER A 259 -11.87 -8.51 23.54
N LYS A 260 -12.00 -8.98 24.79
CA LYS A 260 -11.22 -10.10 25.28
C LYS A 260 -11.71 -11.41 24.67
N LYS A 261 -11.35 -11.58 23.39
CA LYS A 261 -11.74 -12.73 22.60
C LYS A 261 -10.68 -12.90 21.52
N PRO A 262 -10.39 -14.13 21.09
CA PRO A 262 -9.52 -14.30 19.93
C PRO A 262 -10.24 -13.92 18.65
N VAL A 263 -9.47 -13.75 17.59
CA VAL A 263 -10.05 -13.40 16.29
C VAL A 263 -10.83 -14.57 15.75
N PHE A 264 -12.08 -14.33 15.35
CA PHE A 264 -13.02 -15.38 14.98
C PHE A 264 -12.57 -16.03 13.68
N GLY A 265 -12.05 -17.25 13.78
CA GLY A 265 -11.55 -17.96 12.61
C GLY A 265 -10.29 -17.30 12.09
N GLU A 266 -9.21 -17.40 12.87
CA GLU A 266 -7.97 -16.72 12.50
C GLU A 266 -7.32 -17.34 11.27
N ILE A 267 -7.40 -18.66 11.12
CA ILE A 267 -6.79 -19.30 9.97
C ILE A 267 -7.59 -19.07 8.70
N SER A 268 -8.87 -18.69 8.83
CA SER A 268 -9.63 -18.24 7.68
C SER A 268 -9.51 -16.74 7.46
N MET A 269 -8.96 -16.02 8.43
CA MET A 269 -8.69 -14.60 8.26
C MET A 269 -7.42 -14.38 7.44
N VAL A 270 -6.44 -15.26 7.60
CA VAL A 270 -5.18 -15.11 6.87
C VAL A 270 -5.35 -15.53 5.41
N TYR A 271 -6.26 -16.46 5.13
CA TYR A 271 -6.51 -16.85 3.74
C TYR A 271 -7.19 -15.73 2.98
N ALA A 272 -8.12 -15.02 3.62
CA ALA A 272 -8.78 -13.90 2.98
C ALA A 272 -7.84 -12.72 2.79
N MET A 273 -6.90 -12.53 3.72
CA MET A 273 -5.96 -11.42 3.58
C MET A 273 -4.91 -11.70 2.52
N ALA A 274 -4.62 -12.97 2.24
CA ALA A 274 -3.68 -13.32 1.19
C ALA A 274 -4.32 -13.42 -0.17
N SER A 275 -5.63 -13.70 -0.23
CA SER A 275 -6.34 -13.72 -1.51
C SER A 275 -6.79 -12.34 -1.95
N ILE A 276 -6.43 -11.29 -1.21
CA ILE A 276 -6.55 -9.94 -1.74
C ILE A 276 -5.34 -9.60 -2.59
N GLY A 277 -4.15 -9.98 -2.11
CA GLY A 277 -2.93 -9.67 -2.84
C GLY A 277 -2.77 -10.47 -4.12
N LEU A 278 -3.22 -11.73 -4.12
CA LEU A 278 -3.18 -12.52 -5.35
C LEU A 278 -4.20 -12.01 -6.35
N LEU A 279 -5.38 -11.62 -5.87
CA LEU A 279 -6.42 -11.07 -6.74
C LEU A 279 -6.15 -9.61 -7.10
N GLY A 280 -5.28 -8.93 -6.34
CA GLY A 280 -4.99 -7.54 -6.65
C GLY A 280 -4.21 -7.35 -7.94
N PHE A 281 -3.53 -8.38 -8.42
CA PHE A 281 -2.83 -8.28 -9.68
C PHE A 281 -3.77 -8.42 -10.87
N LEU A 282 -4.84 -9.18 -10.71
CA LEU A 282 -5.73 -9.51 -11.82
C LEU A 282 -6.69 -8.38 -12.17
N VAL A 283 -6.65 -7.25 -11.45
CA VAL A 283 -7.43 -6.08 -11.81
C VAL A 283 -6.51 -4.85 -11.85
N TRP A 284 -6.40 -4.24 -13.01
CA TRP A 284 -5.86 -2.90 -13.13
C TRP A 284 -6.63 -2.04 -14.11
N SER A 285 -7.45 -2.63 -14.97
CA SER A 285 -8.16 -1.87 -15.97
C SER A 285 -9.45 -1.25 -15.44
N HIS A 286 -9.77 -1.43 -14.16
CA HIS A 286 -10.94 -0.72 -13.65
C HIS A 286 -10.66 0.75 -13.37
N HIS A 287 -9.41 1.18 -13.50
CA HIS A 287 -9.09 2.59 -13.53
C HIS A 287 -9.12 3.18 -14.93
N MET A 288 -9.30 2.34 -15.94
CA MET A 288 -9.34 2.78 -17.34
C MET A 288 -10.44 2.03 -18.08
N TYR A 289 -11.66 2.06 -17.54
CA TYR A 289 -12.79 1.46 -18.21
C TYR A 289 -13.21 2.18 -19.48
N ILE A 290 -12.80 3.43 -19.66
CA ILE A 290 -13.32 4.23 -20.78
C ILE A 290 -12.24 4.72 -21.72
N VAL A 291 -11.07 4.10 -21.75
CA VAL A 291 -10.00 4.54 -22.64
C VAL A 291 -10.24 4.01 -24.04
N GLY A 292 -11.13 3.04 -24.17
CA GLY A 292 -11.41 2.45 -25.46
C GLY A 292 -11.16 0.97 -25.50
N LEU A 293 -11.27 0.31 -24.35
CA LEU A 293 -11.13 -1.13 -24.29
C LEU A 293 -12.35 -1.80 -24.89
N ASP A 294 -12.13 -2.95 -25.54
CA ASP A 294 -13.21 -3.68 -26.16
C ASP A 294 -14.14 -4.30 -25.11
N ALA A 295 -15.30 -4.74 -25.57
CA ALA A 295 -16.40 -5.04 -24.66
C ALA A 295 -16.18 -6.34 -23.88
N ASP A 296 -15.49 -7.32 -24.45
CA ASP A 296 -15.20 -8.53 -23.71
C ASP A 296 -14.16 -8.29 -22.63
N THR A 297 -13.27 -7.32 -22.84
CA THR A 297 -12.28 -7.00 -21.82
C THR A 297 -12.90 -6.24 -20.66
N ARG A 298 -13.85 -5.34 -20.95
CA ARG A 298 -14.58 -4.69 -19.86
C ARG A 298 -15.47 -5.67 -19.13
N ALA A 299 -15.95 -6.71 -19.82
CA ALA A 299 -16.77 -7.72 -19.16
C ALA A 299 -15.94 -8.59 -18.23
N TYR A 300 -14.65 -8.75 -18.52
CA TYR A 300 -13.79 -9.51 -17.61
C TYR A 300 -13.46 -8.68 -16.38
N PHE A 301 -12.99 -7.45 -16.58
CA PHE A 301 -12.53 -6.63 -15.46
C PHE A 301 -13.66 -6.12 -14.59
N THR A 302 -14.91 -6.25 -15.01
CA THR A 302 -16.02 -5.95 -14.10
C THR A 302 -16.37 -7.15 -13.26
N SER A 303 -15.95 -8.35 -13.69
CA SER A 303 -16.19 -9.53 -12.89
C SER A 303 -15.09 -9.73 -11.86
N ALA A 304 -13.83 -9.62 -12.30
CA ALA A 304 -12.70 -9.85 -11.40
C ALA A 304 -12.52 -8.73 -10.39
N THR A 305 -13.13 -7.57 -10.61
CA THR A 305 -13.17 -6.55 -9.57
C THR A 305 -14.28 -6.81 -8.58
N MET A 306 -15.36 -7.47 -9.01
CA MET A 306 -16.42 -7.83 -8.09
C MET A 306 -16.00 -8.95 -7.14
N ILE A 307 -15.03 -9.76 -7.55
CA ILE A 307 -14.65 -10.91 -6.73
C ILE A 307 -13.89 -10.46 -5.48
N ILE A 308 -13.26 -9.27 -5.53
CA ILE A 308 -12.56 -8.73 -4.37
C ILE A 308 -13.49 -8.39 -3.20
N ALA A 309 -14.79 -8.26 -3.45
CA ALA A 309 -15.74 -8.09 -2.36
C ALA A 309 -15.91 -9.37 -1.54
N ILE A 310 -15.55 -10.52 -2.06
CA ILE A 310 -15.69 -11.78 -1.33
C ILE A 310 -14.68 -11.89 -0.20
N PRO A 311 -13.32 -11.77 -0.40
CA PRO A 311 -12.44 -11.99 0.74
C PRO A 311 -12.36 -10.78 1.67
N THR A 312 -12.63 -9.58 1.14
CA THR A 312 -12.73 -8.43 2.04
C THR A 312 -13.99 -8.51 2.88
N GLY A 313 -15.08 -8.99 2.29
CA GLY A 313 -16.31 -9.16 3.04
C GLY A 313 -16.23 -10.24 4.10
N ILE A 314 -15.36 -11.22 3.90
CA ILE A 314 -15.11 -12.22 4.94
C ILE A 314 -14.41 -11.57 6.13
N LYS A 315 -13.48 -10.66 5.86
CA LYS A 315 -12.73 -10.03 6.94
C LYS A 315 -13.57 -9.05 7.74
N ILE A 316 -14.55 -8.42 7.11
CA ILE A 316 -15.43 -7.53 7.85
C ILE A 316 -16.40 -8.33 8.71
N PHE A 317 -16.92 -9.43 8.17
CA PHE A 317 -17.83 -10.28 8.94
C PHE A 317 -17.09 -11.07 10.01
N SER A 318 -15.78 -11.24 9.87
CA SER A 318 -15.02 -11.90 10.92
C SER A 318 -14.76 -10.95 12.08
N TRP A 319 -14.57 -9.66 11.78
CA TRP A 319 -14.39 -8.69 12.85
C TRP A 319 -15.70 -8.42 13.59
N LEU A 320 -16.84 -8.54 12.92
CA LEU A 320 -18.11 -8.40 13.63
C LEU A 320 -18.34 -9.56 14.59
N ALA A 321 -17.93 -10.77 14.20
CA ALA A 321 -18.11 -11.93 15.06
C ALA A 321 -17.11 -11.96 16.20
N THR A 322 -16.02 -11.21 16.11
CA THR A 322 -15.02 -11.22 17.18
C THR A 322 -15.46 -10.35 18.34
N ILE A 323 -15.96 -9.14 18.05
CA ILE A 323 -16.43 -8.27 19.12
C ILE A 323 -17.82 -8.62 19.60
N HIS A 324 -18.45 -9.65 19.05
CA HIS A 324 -19.85 -9.93 19.39
C HIS A 324 -19.96 -10.52 20.79
N GLY A 325 -19.30 -11.66 21.03
CA GLY A 325 -19.55 -12.38 22.26
C GLY A 325 -18.91 -11.78 23.48
N GLY A 326 -17.77 -11.12 23.32
CA GLY A 326 -16.95 -10.76 24.45
C GLY A 326 -17.27 -9.41 25.05
N SER A 327 -16.53 -9.08 26.10
CA SER A 327 -16.56 -7.74 26.69
C SER A 327 -15.98 -6.73 25.71
N ILE A 328 -16.22 -5.45 25.99
CA ILE A 328 -15.70 -4.37 25.15
C ILE A 328 -15.25 -3.24 26.07
N ARG A 329 -13.99 -2.84 25.93
CA ARG A 329 -13.41 -1.74 26.70
C ARG A 329 -13.17 -0.58 25.74
N LEU A 330 -14.05 0.41 25.76
CA LEU A 330 -14.03 1.49 24.77
C LEU A 330 -12.97 2.53 25.13
N ALA A 331 -11.71 2.14 24.97
CA ALA A 331 -10.63 3.11 24.98
C ALA A 331 -10.47 3.68 23.59
N THR A 332 -9.62 4.70 23.45
CA THR A 332 -9.47 5.35 22.15
C THR A 332 -8.85 4.52 21.02
N PRO A 333 -8.04 3.47 21.22
CA PRO A 333 -7.77 2.61 20.06
C PRO A 333 -8.97 1.82 19.63
N MET A 334 -9.83 1.43 20.57
CA MET A 334 -11.03 0.70 20.20
C MET A 334 -12.03 1.60 19.51
N LEU A 335 -12.01 2.90 19.81
CA LEU A 335 -12.90 3.83 19.11
C LEU A 335 -12.46 4.03 17.66
N TYR A 336 -11.17 4.00 17.39
CA TYR A 336 -10.71 4.10 16.02
C TYR A 336 -10.97 2.82 15.24
N ALA A 337 -10.90 1.67 15.90
CA ALA A 337 -11.17 0.41 15.23
C ALA A 337 -12.66 0.17 15.01
N ILE A 338 -13.51 0.69 15.91
CA ILE A 338 -14.93 0.46 15.75
C ILE A 338 -15.51 1.39 14.69
N ALA A 339 -14.82 2.49 14.38
CA ALA A 339 -15.22 3.34 13.26
C ALA A 339 -14.57 2.93 11.97
N PHE A 340 -13.52 2.10 12.03
CA PHE A 340 -12.97 1.52 10.81
C PHE A 340 -13.93 0.51 10.20
N LEU A 341 -14.74 -0.17 11.02
CA LEU A 341 -15.69 -1.13 10.49
C LEU A 341 -16.86 -0.48 9.79
N PHE A 342 -17.08 0.82 9.99
CA PHE A 342 -18.18 1.53 9.34
C PHE A 342 -17.71 2.35 8.15
N LEU A 343 -16.63 3.13 8.31
CA LEU A 343 -16.20 4.00 7.23
C LEU A 343 -15.50 3.24 6.12
N PHE A 344 -14.83 2.13 6.42
CA PHE A 344 -14.32 1.30 5.34
C PHE A 344 -15.43 0.49 4.69
N THR A 345 -16.54 0.27 5.40
CA THR A 345 -17.66 -0.40 4.79
C THR A 345 -18.35 0.50 3.77
N MET A 346 -18.56 1.77 4.11
CA MET A 346 -19.20 2.67 3.17
C MET A 346 -18.28 3.03 2.02
N GLY A 347 -16.98 3.03 2.25
CA GLY A 347 -16.07 3.20 1.15
C GLY A 347 -15.79 1.96 0.35
N GLY A 348 -16.28 0.81 0.80
CA GLY A 348 -16.10 -0.39 0.03
C GLY A 348 -17.30 -0.65 -0.85
N LEU A 349 -18.47 -0.20 -0.39
CA LEU A 349 -19.67 -0.35 -1.21
C LEU A 349 -19.67 0.65 -2.35
N THR A 350 -19.06 1.82 -2.15
CA THR A 350 -18.96 2.80 -3.22
C THR A 350 -18.07 2.28 -4.35
N GLY A 351 -17.05 1.50 -4.01
CA GLY A 351 -16.23 0.87 -5.03
C GLY A 351 -16.94 -0.24 -5.78
N VAL A 352 -17.97 -0.84 -5.19
CA VAL A 352 -18.70 -1.91 -5.87
C VAL A 352 -19.50 -1.34 -7.03
N ALA A 353 -20.16 -0.20 -6.81
CA ALA A 353 -20.84 0.49 -7.91
C ALA A 353 -19.83 1.00 -8.93
N LEU A 354 -18.66 1.43 -8.47
CA LEU A 354 -17.62 1.87 -9.38
C LEU A 354 -16.98 0.72 -10.14
N ALA A 355 -17.08 -0.50 -9.63
CA ALA A 355 -16.46 -1.65 -10.28
C ALA A 355 -17.18 -2.05 -11.56
N ASN A 356 -18.44 -1.66 -11.71
CA ASN A 356 -19.18 -1.97 -12.93
C ASN A 356 -18.64 -1.14 -14.08
N ALA A 357 -18.27 -1.81 -15.17
CA ALA A 357 -17.74 -1.10 -16.32
C ALA A 357 -18.82 -0.29 -17.01
N SER A 358 -20.07 -0.73 -16.94
CA SER A 358 -21.14 0.00 -17.58
C SER A 358 -21.67 1.14 -16.72
N LEU A 359 -21.31 1.18 -15.44
CA LEU A 359 -21.67 2.30 -14.57
C LEU A 359 -20.53 3.28 -14.40
N ASP A 360 -19.29 2.84 -14.60
CA ASP A 360 -18.14 3.73 -14.47
C ASP A 360 -18.07 4.77 -15.59
N VAL A 361 -18.80 4.56 -16.69
CA VAL A 361 -18.83 5.54 -17.77
C VAL A 361 -19.57 6.81 -17.36
N ALA A 362 -20.34 6.78 -16.28
CA ALA A 362 -20.94 7.96 -15.71
C ALA A 362 -20.27 8.40 -14.42
N PHE A 363 -19.16 7.75 -14.05
CA PHE A 363 -18.51 8.04 -12.78
C PHE A 363 -17.02 8.30 -12.89
N HIS A 364 -16.36 7.95 -13.99
CA HIS A 364 -14.90 8.06 -14.05
C HIS A 364 -14.47 9.52 -14.11
N ASP A 365 -13.45 9.85 -13.32
CA ASP A 365 -12.90 11.20 -13.16
C ASP A 365 -13.96 12.22 -12.76
N THR A 366 -14.91 11.80 -11.94
CA THR A 366 -15.78 12.73 -11.25
C THR A 366 -15.38 12.75 -9.79
N TYR A 367 -16.11 13.51 -8.98
CA TYR A 367 -15.82 13.51 -7.56
C TYR A 367 -16.45 12.33 -6.83
N TYR A 368 -17.17 11.46 -7.53
CA TYR A 368 -17.64 10.24 -6.92
C TYR A 368 -16.51 9.25 -6.69
N VAL A 369 -15.40 9.40 -7.43
CA VAL A 369 -14.21 8.61 -7.14
C VAL A 369 -13.45 9.23 -5.97
N VAL A 370 -13.35 10.57 -5.95
CA VAL A 370 -12.60 11.24 -4.90
C VAL A 370 -13.28 11.10 -3.55
N GLY A 371 -14.61 11.07 -3.55
CA GLY A 371 -15.31 10.68 -2.34
C GLY A 371 -15.26 9.21 -2.02
N HIS A 372 -14.82 8.39 -2.97
CA HIS A 372 -14.73 6.97 -2.70
C HIS A 372 -13.42 6.58 -2.03
N PHE A 373 -12.28 7.07 -2.54
CA PHE A 373 -11.04 6.57 -1.98
C PHE A 373 -10.66 7.25 -0.68
N HIS A 374 -11.23 8.42 -0.37
CA HIS A 374 -10.93 9.01 0.94
C HIS A 374 -11.64 8.28 2.06
N TYR A 375 -12.72 7.57 1.75
CA TYR A 375 -13.37 6.73 2.73
C TYR A 375 -12.62 5.45 3.01
N VAL A 376 -11.57 5.14 2.24
CA VAL A 376 -10.78 3.94 2.47
C VAL A 376 -9.30 4.29 2.59
N LEU A 377 -8.93 5.55 2.38
CA LEU A 377 -7.57 6.00 2.63
C LEU A 377 -7.49 6.97 3.79
N SER A 378 -8.26 8.06 3.75
CA SER A 378 -8.31 8.99 4.86
C SER A 378 -9.19 8.49 6.00
N MET A 379 -9.85 7.36 5.83
CA MET A 379 -10.59 6.73 6.91
C MET A 379 -10.27 5.25 7.05
N GLY A 380 -9.57 4.65 6.10
CA GLY A 380 -9.18 3.27 6.23
C GLY A 380 -7.71 3.10 6.59
N ALA A 381 -6.85 3.88 5.94
CA ALA A 381 -5.41 3.80 6.17
C ALA A 381 -4.91 4.88 7.10
N ILE A 382 -5.80 5.70 7.65
CA ILE A 382 -5.44 6.72 8.62
C ILE A 382 -6.03 6.41 9.99
N PHE A 383 -7.26 5.89 10.02
CA PHE A 383 -7.85 5.42 11.27
C PHE A 383 -7.05 4.26 11.85
N SER A 384 -6.61 3.33 11.00
CA SER A 384 -5.74 2.26 11.48
C SER A 384 -4.35 2.78 11.81
N LEU A 385 -3.95 3.89 11.19
CA LEU A 385 -2.68 4.50 11.57
C LEU A 385 -2.80 5.25 12.89
N PHE A 386 -3.95 5.87 13.14
CA PHE A 386 -4.19 6.45 14.46
C PHE A 386 -4.43 5.38 15.52
N ALA A 387 -5.11 4.29 15.16
CA ALA A 387 -5.31 3.21 16.11
C ALA A 387 -3.99 2.52 16.41
N GLY A 388 -3.09 2.45 15.43
CA GLY A 388 -1.81 1.82 15.67
C GLY A 388 -0.94 2.63 16.61
N TYR A 389 -1.12 3.95 16.62
CA TYR A 389 -0.35 4.76 17.55
C TYR A 389 -0.87 4.58 18.97
N TYR A 390 -2.16 4.77 19.19
CA TYR A 390 -2.72 4.76 20.54
C TYR A 390 -2.74 3.38 21.18
N TYR A 391 -2.53 2.32 20.41
CA TYR A 391 -2.49 0.97 20.96
C TYR A 391 -1.10 0.56 21.39
N TRP A 392 -0.05 1.15 20.84
CA TRP A 392 1.30 0.70 21.13
C TRP A 392 2.22 1.75 21.72
N SER A 393 1.92 3.04 21.63
CA SER A 393 2.83 4.08 22.08
C SER A 393 3.11 4.15 23.58
N PRO A 394 2.21 3.75 24.49
CA PRO A 394 2.65 3.52 25.87
C PRO A 394 3.66 2.40 26.02
N GLN A 395 3.74 1.47 25.09
CA GLN A 395 4.76 0.44 25.18
C GLN A 395 6.06 0.87 24.51
N ILE A 396 5.97 1.57 23.38
CA ILE A 396 7.17 1.98 22.65
C ILE A 396 7.88 3.10 23.38
N LEU A 397 7.19 4.22 23.56
CA LEU A 397 7.81 5.37 24.23
C LEU A 397 7.93 5.17 25.72
N GLY A 398 6.97 4.49 26.34
CA GLY A 398 6.97 4.31 27.77
C GLY A 398 6.14 5.31 28.54
N LEU A 399 5.42 6.19 27.85
CA LEU A 399 4.69 7.28 28.47
C LEU A 399 3.26 7.30 27.96
N ASN A 400 2.30 7.41 28.88
CA ASN A 400 0.89 7.41 28.51
C ASN A 400 0.49 8.76 27.95
N TYR A 401 -0.72 8.83 27.37
CA TYR A 401 -1.00 9.87 26.39
C TYR A 401 -2.26 10.67 26.67
N ASN A 402 -2.68 10.76 27.95
CA ASN A 402 -3.81 11.59 28.39
C ASN A 402 -5.11 11.21 27.68
N GLU A 403 -5.60 10.02 28.06
CA GLU A 403 -6.67 9.30 27.36
C GLU A 403 -7.93 10.14 27.14
N LYS A 404 -8.35 10.88 28.16
CA LYS A 404 -9.57 11.67 28.02
C LYS A 404 -9.40 12.89 27.12
N LEU A 405 -8.16 13.27 26.81
CA LEU A 405 -7.91 14.23 25.74
C LEU A 405 -7.82 13.56 24.38
N ALA A 406 -7.52 12.27 24.34
CA ALA A 406 -7.48 11.56 23.07
C ALA A 406 -8.86 11.14 22.59
N GLN A 407 -9.88 11.21 23.44
CA GLN A 407 -11.22 10.87 23.01
C GLN A 407 -11.79 11.95 22.11
N ILE A 408 -11.54 13.22 22.44
CA ILE A 408 -12.06 14.29 21.61
C ILE A 408 -11.25 14.46 20.32
N GLN A 409 -10.03 13.95 20.28
CA GLN A 409 -9.27 13.99 19.04
C GLN A 409 -9.79 12.96 18.04
N PHE A 410 -10.31 11.84 18.54
CA PHE A 410 -10.99 10.92 17.65
C PHE A 410 -12.32 11.47 17.19
N TRP A 411 -13.07 12.07 18.12
CA TRP A 411 -14.41 12.54 17.80
C TRP A 411 -14.38 13.72 16.85
N LEU A 412 -13.35 14.56 16.94
CA LEU A 412 -13.21 15.63 15.98
C LEU A 412 -12.64 15.15 14.65
N ILE A 413 -12.13 13.93 14.58
CA ILE A 413 -11.74 13.33 13.31
C ILE A 413 -12.94 12.69 12.63
N PHE A 414 -13.76 11.96 13.40
CA PHE A 414 -14.86 11.21 12.83
C PHE A 414 -15.95 12.13 12.30
N ILE A 415 -16.40 13.08 13.11
CA ILE A 415 -17.38 14.05 12.62
C ILE A 415 -16.70 15.13 11.78
N GLY A 416 -15.38 15.22 11.83
CA GLY A 416 -14.66 16.18 11.02
C GLY A 416 -14.45 15.71 9.61
N ALA A 417 -13.84 14.54 9.44
CA ALA A 417 -13.54 14.04 8.11
C ALA A 417 -14.77 13.52 7.39
N ASN A 418 -15.87 13.30 8.08
CA ASN A 418 -17.09 12.89 7.38
C ASN A 418 -17.81 14.07 6.74
N VAL A 419 -17.49 15.29 7.17
CA VAL A 419 -18.14 16.45 6.56
C VAL A 419 -17.53 16.75 5.20
N ILE A 420 -16.27 16.40 4.99
CA ILE A 420 -15.65 16.59 3.69
C ILE A 420 -16.14 15.54 2.70
N PHE A 421 -15.93 14.27 3.02
CA PHE A 421 -16.00 13.24 1.99
C PHE A 421 -17.38 12.67 1.78
N PHE A 422 -18.35 12.97 2.63
CA PHE A 422 -19.68 12.47 2.32
C PHE A 422 -20.42 13.29 1.26
N PRO A 423 -20.38 14.64 1.25
CA PRO A 423 -20.96 15.34 0.10
C PRO A 423 -20.15 15.24 -1.18
N MET A 424 -18.94 14.69 -1.15
CA MET A 424 -18.16 14.51 -2.37
C MET A 424 -18.78 13.49 -3.30
N HIS A 425 -19.58 12.56 -2.78
CA HIS A 425 -20.34 11.69 -3.66
C HIS A 425 -21.43 12.47 -4.39
N PHE A 426 -21.94 13.54 -3.79
CA PHE A 426 -23.00 14.31 -4.42
C PHE A 426 -22.49 15.16 -5.56
N LEU A 427 -21.25 15.64 -5.47
CA LEU A 427 -20.68 16.42 -6.56
C LEU A 427 -20.38 15.54 -7.76
N GLY A 428 -19.93 14.31 -7.52
CA GLY A 428 -19.64 13.41 -8.62
C GLY A 428 -20.86 12.82 -9.26
N ILE A 429 -21.91 12.58 -8.47
CA ILE A 429 -23.13 12.03 -9.04
C ILE A 429 -23.92 13.08 -9.79
N ASN A 430 -23.61 14.36 -9.60
CA ASN A 430 -24.23 15.40 -10.38
C ASN A 430 -23.41 15.81 -11.60
N GLY A 431 -22.11 15.54 -11.59
CA GLY A 431 -21.31 15.75 -12.77
C GLY A 431 -20.13 16.69 -12.63
N MET A 432 -19.64 16.88 -11.41
CA MET A 432 -18.46 17.71 -11.22
C MET A 432 -17.22 16.94 -11.64
N PRO A 433 -16.42 17.44 -12.57
CA PRO A 433 -15.22 16.72 -12.99
C PRO A 433 -14.12 16.82 -11.95
N ARG A 434 -13.07 16.04 -12.17
CA ARG A 434 -11.96 15.92 -11.25
C ARG A 434 -10.86 16.91 -11.59
N ARG A 435 -10.11 17.32 -10.56
CA ARG A 435 -8.88 18.11 -10.68
C ARG A 435 -9.11 19.47 -11.34
N ILE A 436 -10.24 20.09 -11.04
CA ILE A 436 -10.54 21.40 -11.60
C ILE A 436 -10.17 22.49 -10.60
N PRO A 437 -9.58 23.60 -11.05
CA PRO A 437 -9.30 24.69 -10.11
C PRO A 437 -10.55 25.38 -9.60
N ASP A 438 -11.50 25.69 -10.48
CA ASP A 438 -12.79 26.20 -10.05
C ASP A 438 -13.87 25.59 -10.92
N TYR A 439 -15.06 25.49 -10.37
CA TYR A 439 -16.16 24.71 -10.89
C TYR A 439 -17.25 25.61 -11.45
N PRO A 440 -18.20 25.05 -12.20
CA PRO A 440 -19.39 25.82 -12.57
C PRO A 440 -20.21 26.20 -11.34
N ASP A 441 -21.06 27.21 -11.52
CA ASP A 441 -21.73 27.90 -10.43
C ASP A 441 -22.75 27.05 -9.70
N ALA A 442 -23.15 25.90 -10.24
CA ALA A 442 -24.11 25.04 -9.58
C ALA A 442 -23.46 24.07 -8.60
N PHE A 443 -22.17 24.22 -8.35
CA PHE A 443 -21.47 23.35 -7.42
C PHE A 443 -20.97 24.11 -6.20
N ALA A 444 -21.49 25.30 -5.95
CA ALA A 444 -21.09 26.05 -4.78
C ALA A 444 -21.73 25.53 -3.50
N GLY A 445 -22.71 24.63 -3.62
CA GLY A 445 -23.37 24.11 -2.45
C GLY A 445 -22.50 23.19 -1.62
N TRP A 446 -22.23 22.00 -2.13
CA TRP A 446 -21.50 21.02 -1.34
C TRP A 446 -20.02 21.29 -1.27
N ASN A 447 -19.48 22.13 -2.17
CA ASN A 447 -18.08 22.51 -2.03
C ASN A 447 -17.86 23.51 -0.90
N TYR A 448 -18.92 24.16 -0.44
CA TYR A 448 -18.83 24.95 0.78
C TYR A 448 -19.00 24.10 2.02
N VAL A 449 -19.88 23.09 1.96
CA VAL A 449 -20.09 22.20 3.09
C VAL A 449 -18.85 21.36 3.33
N ALA A 450 -18.26 20.83 2.26
CA ALA A 450 -17.05 20.02 2.37
C ALA A 450 -15.80 20.84 2.58
N SER A 451 -15.90 22.17 2.71
CA SER A 451 -14.75 22.98 3.05
C SER A 451 -14.68 23.36 4.51
N ILE A 452 -15.83 23.40 5.19
CA ILE A 452 -15.83 23.63 6.62
C ILE A 452 -15.19 22.46 7.35
N GLY A 453 -15.47 21.24 6.90
CA GLY A 453 -14.95 20.05 7.53
C GLY A 453 -13.45 19.85 7.35
N SER A 454 -12.84 20.59 6.43
CA SER A 454 -11.39 20.52 6.31
C SER A 454 -10.71 21.15 7.51
N PHE A 455 -11.31 22.19 8.09
CA PHE A 455 -10.74 22.80 9.28
C PHE A 455 -11.04 22.00 10.54
N ILE A 456 -12.12 21.23 10.54
CA ILE A 456 -12.36 20.35 11.68
C ILE A 456 -11.35 19.22 11.69
N ALA A 457 -10.97 18.73 10.51
CA ALA A 457 -9.96 17.69 10.45
C ALA A 457 -8.57 18.24 10.71
N THR A 458 -8.30 19.49 10.31
CA THR A 458 -7.00 20.09 10.52
C THR A 458 -6.78 20.50 11.96
N LEU A 459 -7.81 21.01 12.64
CA LEU A 459 -7.73 21.27 14.07
C LEU A 459 -7.52 19.98 14.85
N SER A 460 -8.09 18.88 14.35
CA SER A 460 -7.86 17.58 14.96
C SER A 460 -6.41 17.14 14.85
N LEU A 461 -5.76 17.48 13.74
CA LEU A 461 -4.34 17.20 13.61
C LEU A 461 -3.52 18.08 14.54
N PHE A 462 -3.98 19.31 14.78
CA PHE A 462 -3.30 20.18 15.73
C PHE A 462 -3.51 19.73 17.16
N LEU A 463 -4.70 19.19 17.46
CA LEU A 463 -4.94 18.60 18.76
C LEU A 463 -4.12 17.35 18.96
N PHE A 464 -3.88 16.59 17.88
CA PHE A 464 -3.02 15.43 17.95
C PHE A 464 -1.58 15.80 18.23
N ILE A 465 -1.15 16.97 17.76
CA ILE A 465 0.22 17.42 18.01
C ILE A 465 0.41 17.76 19.49
N TYR A 466 -0.60 18.39 20.10
CA TYR A 466 -0.52 18.67 21.53
C TYR A 466 -0.59 17.39 22.36
N ILE A 467 -1.36 16.39 21.91
CA ILE A 467 -1.33 15.09 22.55
C ILE A 467 0.02 14.42 22.36
N LEU A 468 0.60 14.58 21.17
CA LEU A 468 1.96 14.14 20.90
C LEU A 468 2.98 14.91 21.73
N TYR A 469 2.67 16.14 22.13
CA TYR A 469 3.55 16.88 23.00
C TYR A 469 3.30 16.54 24.47
N ASP A 470 2.04 16.37 24.84
CA ASP A 470 1.71 16.01 26.22
C ASP A 470 2.07 14.57 26.54
N GLN A 471 2.28 13.73 25.53
CA GLN A 471 2.78 12.40 25.80
C GLN A 471 4.26 12.43 26.14
N LEU A 472 5.01 13.36 25.56
CA LEU A 472 6.44 13.38 25.84
C LEU A 472 6.75 14.11 27.14
N VAL A 473 6.42 15.39 27.22
CA VAL A 473 6.55 16.14 28.46
C VAL A 473 5.39 15.75 29.37
N ASN A 474 5.71 15.50 30.64
CA ASN A 474 4.82 14.96 31.69
C ASN A 474 3.99 13.77 31.18
N GLY A 475 4.68 12.85 30.52
CA GLY A 475 4.07 11.59 30.16
C GLY A 475 4.24 10.57 31.26
N LEU A 476 5.32 10.70 32.03
CA LEU A 476 5.50 9.85 33.21
C LEU A 476 4.49 10.18 34.30
N ASN A 477 4.10 11.45 34.40
CA ASN A 477 3.12 11.87 35.39
C ASN A 477 1.71 11.36 35.07
N ASN A 478 1.45 10.98 33.82
CA ASN A 478 0.13 10.53 33.42
C ASN A 478 -0.17 9.09 33.83
N LYS A 479 0.81 8.35 34.35
CA LYS A 479 0.57 6.98 34.81
C LYS A 479 0.79 6.85 36.31
N VAL A 480 0.81 7.96 37.04
CA VAL A 480 0.85 7.95 38.50
C VAL A 480 -0.41 8.55 39.10
N ASN A 481 -1.21 9.25 38.29
CA ASN A 481 -2.50 9.77 38.74
C ASN A 481 -3.57 9.33 37.73
N ASN A 482 -4.77 9.90 37.80
CA ASN A 482 -5.91 9.38 37.06
C ASN A 482 -6.15 10.10 35.74
N LYS A 483 -5.10 10.51 35.01
CA LYS A 483 -5.33 11.08 33.69
C LYS A 483 -5.63 10.00 32.66
N SER A 484 -4.68 9.09 32.45
CA SER A 484 -4.73 8.13 31.36
C SER A 484 -5.19 6.77 31.85
N VAL A 485 -5.27 5.83 30.91
CA VAL A 485 -5.57 4.43 31.21
C VAL A 485 -4.25 3.65 31.13
N ILE A 486 -4.00 2.81 32.12
CA ILE A 486 -2.74 2.10 32.19
C ILE A 486 -2.86 0.71 31.59
N TYR A 487 -3.76 -0.10 32.14
CA TYR A 487 -3.93 -1.48 31.70
C TYR A 487 -4.98 -1.54 30.60
N ASN A 488 -4.59 -2.06 29.44
CA ASN A 488 -5.54 -2.13 28.33
C ASN A 488 -6.57 -3.23 28.54
N LYS A 489 -6.20 -4.28 29.26
CA LYS A 489 -7.11 -5.37 29.58
C LYS A 489 -7.44 -5.31 31.06
N ALA A 490 -8.67 -4.89 31.37
CA ALA A 490 -9.17 -4.93 32.73
C ALA A 490 -9.33 -6.37 33.17
N PRO A 491 -9.27 -6.65 34.48
CA PRO A 491 -9.43 -8.03 34.94
C PRO A 491 -10.83 -8.57 34.72
N ASP A 492 -10.95 -9.89 34.80
CA ASP A 492 -12.20 -10.57 34.56
C ASP A 492 -13.17 -10.36 35.72
N PHE A 493 -14.37 -10.93 35.60
CA PHE A 493 -15.38 -10.72 36.60
C PHE A 493 -15.10 -11.44 37.91
N VAL A 494 -14.25 -12.46 37.89
CA VAL A 494 -13.97 -13.18 39.13
C VAL A 494 -12.48 -13.12 39.42
N GLU A 495 -11.80 -12.12 38.87
CA GLU A 495 -10.40 -11.89 39.17
C GLU A 495 -10.29 -10.96 40.36
N SER A 496 -9.55 -11.36 41.38
CA SER A 496 -9.29 -10.48 42.51
C SER A 496 -8.30 -9.40 42.09
N ASN A 497 -8.47 -8.20 42.65
CA ASN A 497 -7.58 -7.11 42.31
C ASN A 497 -6.18 -7.29 42.86
N THR A 498 -6.04 -8.04 43.95
CA THR A 498 -4.71 -8.35 44.46
C THR A 498 -4.11 -9.58 43.77
N ILE A 499 -4.91 -10.35 43.05
CA ILE A 499 -4.38 -11.45 42.26
C ILE A 499 -4.24 -11.06 40.79
N PHE A 500 -4.86 -9.97 40.35
CA PHE A 500 -4.61 -9.44 39.03
C PHE A 500 -3.22 -8.83 38.94
N ASN A 501 -2.72 -8.25 40.04
CA ASN A 501 -1.44 -7.58 40.04
C ASN A 501 -0.26 -8.55 39.97
N LEU A 502 -0.50 -9.86 40.10
CA LEU A 502 0.57 -10.81 39.90
C LEU A 502 0.78 -11.11 38.42
N ASN A 503 -0.31 -11.42 37.71
CA ASN A 503 -0.27 -11.71 36.28
C ASN A 503 -1.06 -10.61 35.59
N THR A 504 -0.35 -9.55 35.18
CA THR A 504 -1.02 -8.35 34.70
C THR A 504 -1.44 -8.47 33.25
N VAL A 505 -0.49 -8.64 32.35
CA VAL A 505 -0.74 -8.59 30.92
C VAL A 505 -1.15 -9.97 30.41
N LYS A 506 -2.40 -10.09 29.97
CA LYS A 506 -2.89 -11.31 29.36
C LYS A 506 -2.87 -11.16 27.84
N SER A 507 -1.66 -10.99 27.32
CA SER A 507 -1.48 -10.73 25.90
C SER A 507 -1.39 -12.02 25.11
N SER A 508 -1.79 -11.95 23.85
CA SER A 508 -1.60 -13.03 22.90
C SER A 508 -0.49 -12.72 21.90
N SER A 509 0.39 -11.77 22.24
CA SER A 509 1.53 -11.43 21.40
C SER A 509 2.66 -11.00 22.32
N ILE A 510 3.87 -10.98 21.76
CA ILE A 510 5.07 -10.79 22.59
C ILE A 510 5.18 -9.34 23.05
N GLU A 511 4.83 -8.38 22.17
CA GLU A 511 5.28 -6.99 22.29
C GLU A 511 4.75 -6.26 23.53
N PHE A 512 3.77 -6.81 24.24
CA PHE A 512 3.33 -6.22 25.50
C PHE A 512 4.00 -6.86 26.70
N LEU A 513 4.70 -7.96 26.52
CA LEU A 513 5.42 -8.61 27.61
C LEU A 513 6.83 -8.08 27.80
N LEU A 514 7.33 -7.29 26.85
CA LEU A 514 8.65 -6.71 26.96
C LEU A 514 8.64 -5.59 27.99
N THR A 515 9.84 -5.12 28.35
CA THR A 515 9.92 -3.93 29.17
C THR A 515 9.51 -2.70 28.36
N SER A 516 9.13 -1.65 29.07
CA SER A 516 8.57 -0.45 28.44
C SER A 516 9.42 0.75 28.79
N PRO A 517 10.27 1.24 27.88
CA PRO A 517 10.56 0.82 26.51
C PRO A 517 11.45 -0.41 26.43
N PRO A 518 11.41 -1.13 25.31
CA PRO A 518 12.28 -2.30 25.16
C PRO A 518 13.76 -1.91 25.08
N ALA A 519 14.60 -2.86 25.49
CA ALA A 519 16.04 -2.64 25.47
C ALA A 519 16.57 -2.71 24.05
N VAL A 520 17.84 -2.32 23.88
CA VAL A 520 18.44 -2.32 22.55
C VAL A 520 18.78 -3.74 22.12
N HIS A 521 19.05 -4.62 23.08
CA HIS A 521 19.12 -6.05 22.82
C HIS A 521 17.98 -6.69 23.61
N SER A 522 16.81 -6.74 22.98
CA SER A 522 15.62 -7.22 23.66
C SER A 522 15.58 -8.72 23.79
N PHE A 523 16.32 -9.45 22.95
CA PHE A 523 16.38 -10.91 23.00
C PHE A 523 17.85 -11.32 22.89
N ASN A 524 18.51 -11.41 24.03
CA ASN A 524 19.86 -11.96 24.06
C ASN A 524 19.86 -13.47 24.26
N THR A 525 18.68 -14.06 24.48
CA THR A 525 18.47 -15.49 24.53
C THR A 525 17.12 -15.74 23.88
N PRO A 526 16.98 -16.77 23.06
CA PRO A 526 15.75 -16.95 22.28
C PRO A 526 14.58 -17.33 23.15
N ALA A 527 13.41 -16.91 22.70
CA ALA A 527 12.17 -17.20 23.38
C ALA A 527 11.65 -18.52 22.84
N VAL A 528 10.77 -19.16 23.58
CA VAL A 528 10.22 -20.42 23.15
C VAL A 528 8.72 -20.29 23.17
N GLN A 529 8.06 -20.88 22.20
CA GLN A 529 6.62 -20.86 22.13
C GLN A 529 6.14 -22.28 22.19
N SER A 530 5.14 -22.50 23.04
CA SER A 530 4.47 -23.80 23.28
C SER A 530 5.26 -25.08 22.99
N ASP B 1 -27.50 18.25 -19.56
CA ASP B 1 -28.38 19.23 -18.96
C ASP B 1 -27.70 19.93 -17.80
N VAL B 2 -28.45 20.76 -17.12
CA VAL B 2 -27.85 21.73 -16.20
C VAL B 2 -27.74 21.09 -14.82
N PRO B 3 -26.59 21.16 -14.17
CA PRO B 3 -26.53 20.78 -12.75
C PRO B 3 -27.29 21.78 -11.90
N THR B 4 -27.81 21.30 -10.80
CA THR B 4 -28.55 22.12 -9.88
C THR B 4 -27.74 22.34 -8.61
N PRO B 5 -27.76 23.52 -8.02
CA PRO B 5 -27.09 23.71 -6.73
C PRO B 5 -27.76 22.89 -5.65
N TYR B 6 -26.91 22.31 -4.77
CA TYR B 6 -27.32 21.41 -3.69
C TYR B 6 -28.09 20.20 -4.22
N ALA B 7 -27.57 19.58 -5.27
CA ALA B 7 -28.17 18.38 -5.83
C ALA B 7 -27.48 17.15 -5.28
N CYS B 8 -28.18 16.01 -5.35
CA CYS B 8 -27.67 14.77 -4.82
C CYS B 8 -27.87 13.60 -5.79
N TYR B 9 -28.29 13.85 -7.01
CA TYR B 9 -28.65 12.80 -7.93
C TYR B 9 -28.01 13.05 -9.28
N PHE B 10 -28.35 12.22 -10.25
CA PHE B 10 -27.91 12.44 -11.62
C PHE B 10 -28.61 13.66 -12.20
N GLN B 11 -28.09 14.12 -13.32
CA GLN B 11 -28.85 15.06 -14.11
C GLN B 11 -29.97 14.32 -14.84
N ASP B 12 -30.87 15.08 -15.46
CA ASP B 12 -32.02 14.48 -16.08
C ASP B 12 -31.62 13.76 -17.36
N SER B 13 -32.26 12.62 -17.59
CA SER B 13 -31.87 11.73 -18.67
C SER B 13 -32.25 12.32 -20.03
N ALA B 14 -31.48 11.95 -21.04
CA ALA B 14 -31.78 12.38 -22.40
C ALA B 14 -31.49 11.28 -23.41
N THR B 15 -31.14 10.08 -22.97
CA THR B 15 -30.64 9.02 -23.80
C THR B 15 -31.10 7.70 -23.20
N PRO B 16 -31.62 6.77 -24.01
CA PRO B 16 -31.90 5.43 -23.46
C PRO B 16 -30.66 4.68 -23.06
N ASN B 17 -29.51 5.01 -23.65
CA ASN B 17 -28.25 4.46 -23.19
C ASN B 17 -27.76 5.11 -21.90
N GLN B 18 -28.36 6.23 -21.49
CA GLN B 18 -28.18 6.75 -20.15
C GLN B 18 -29.34 6.42 -19.24
N GLU B 19 -30.52 6.15 -19.81
CA GLU B 19 -31.66 5.75 -19.00
C GLU B 19 -31.45 4.37 -18.39
N GLY B 20 -30.65 3.53 -19.04
CA GLY B 20 -30.30 2.25 -18.45
C GLY B 20 -29.33 2.36 -17.31
N ILE B 21 -28.44 3.37 -17.35
CA ILE B 21 -27.48 3.59 -16.28
C ILE B 21 -28.19 3.96 -14.98
N LEU B 22 -29.21 4.81 -15.08
CA LEU B 22 -30.02 5.15 -13.92
C LEU B 22 -30.81 3.94 -13.43
N GLU B 23 -31.20 3.04 -14.33
CA GLU B 23 -31.85 1.81 -13.90
C GLU B 23 -30.85 0.86 -13.26
N LEU B 24 -29.59 0.89 -13.70
CA LEU B 24 -28.59 0.03 -13.12
C LEU B 24 -28.11 0.55 -11.77
N HIS B 25 -27.92 1.87 -11.65
CA HIS B 25 -27.39 2.43 -10.41
C HIS B 25 -28.39 2.33 -9.27
N ASP B 26 -29.69 2.45 -9.56
CA ASP B 26 -30.68 2.29 -8.52
C ASP B 26 -30.88 0.82 -8.16
N ASN B 27 -30.67 -0.08 -9.12
CA ASN B 27 -30.76 -1.50 -8.79
C ASN B 27 -29.53 -1.96 -8.04
N ILE B 28 -28.39 -1.30 -8.23
CA ILE B 28 -27.19 -1.65 -7.49
C ILE B 28 -27.28 -1.13 -6.06
N MET B 29 -27.68 0.14 -5.90
CA MET B 29 -27.79 0.70 -4.57
C MET B 29 -29.00 0.19 -3.81
N PHE B 30 -29.90 -0.55 -4.45
CA PHE B 30 -30.91 -1.28 -3.69
C PHE B 30 -30.28 -2.39 -2.88
N TYR B 31 -29.20 -2.99 -3.39
CA TYR B 31 -28.52 -4.06 -2.67
C TYR B 31 -27.38 -3.57 -1.80
N LEU B 32 -26.88 -2.36 -2.03
CA LEU B 32 -25.87 -1.78 -1.16
C LEU B 32 -26.48 -1.07 0.04
N LEU B 33 -27.79 -1.14 0.21
CA LEU B 33 -28.44 -0.61 1.40
C LEU B 33 -28.84 -1.72 2.37
N VAL B 34 -29.09 -2.93 1.88
CA VAL B 34 -29.32 -4.06 2.76
C VAL B 34 -28.03 -4.43 3.48
N ILE B 35 -26.89 -4.36 2.78
CA ILE B 35 -25.61 -4.69 3.39
C ILE B 35 -25.18 -3.60 4.36
N LEU B 36 -25.39 -2.34 3.99
CA LEU B 36 -25.11 -1.25 4.93
C LEU B 36 -26.10 -1.25 6.08
N GLY B 37 -27.33 -1.73 5.85
CA GLY B 37 -28.24 -1.91 6.95
C GLY B 37 -27.82 -3.02 7.89
N LEU B 38 -27.26 -4.10 7.34
CA LEU B 38 -26.84 -5.21 8.17
C LEU B 38 -25.57 -4.87 8.94
N VAL B 39 -24.66 -4.11 8.32
CA VAL B 39 -23.41 -3.78 9.00
C VAL B 39 -23.67 -2.76 10.11
N SER B 40 -24.40 -1.69 9.81
CA SER B 40 -24.59 -0.64 10.79
C SER B 40 -25.59 -1.01 11.88
N TRP B 41 -26.35 -2.07 11.73
CA TRP B 41 -27.17 -2.56 12.83
C TRP B 41 -26.39 -3.53 13.70
N MET B 42 -25.54 -4.35 13.10
CA MET B 42 -24.66 -5.21 13.87
C MET B 42 -23.64 -4.41 14.66
N LEU B 43 -23.30 -3.21 14.18
CA LEU B 43 -22.31 -2.38 14.84
C LEU B 43 -22.95 -1.51 15.91
N TYR B 44 -24.23 -1.69 16.20
CA TYR B 44 -24.87 -0.93 17.27
C TYR B 44 -25.47 -1.85 18.31
N THR B 45 -25.87 -3.06 17.92
CA THR B 45 -26.24 -4.04 18.92
C THR B 45 -25.03 -4.53 19.68
N ILE B 46 -23.90 -4.65 18.98
CA ILE B 46 -22.68 -5.16 19.61
C ILE B 46 -22.05 -4.09 20.49
N VAL B 47 -22.01 -2.84 20.01
CA VAL B 47 -21.41 -1.76 20.80
C VAL B 47 -22.23 -1.43 22.04
N MET B 48 -23.55 -1.39 21.94
CA MET B 48 -24.37 -1.07 23.10
C MET B 48 -24.53 -2.26 24.05
N THR B 49 -25.02 -3.38 23.56
CA THR B 49 -25.35 -4.49 24.46
C THR B 49 -24.16 -5.38 24.77
N TYR B 50 -22.93 -5.01 24.42
CA TYR B 50 -21.77 -5.76 24.85
C TYR B 50 -20.61 -4.88 25.29
N SER B 51 -20.84 -3.59 25.50
CA SER B 51 -19.88 -2.81 26.26
C SER B 51 -20.12 -2.93 27.75
N LYS B 52 -21.23 -3.54 28.15
CA LYS B 52 -21.57 -3.72 29.54
C LYS B 52 -21.44 -5.17 29.99
N ASN B 53 -21.26 -6.10 29.08
CA ASN B 53 -21.13 -7.51 29.43
C ASN B 53 -19.74 -7.77 30.01
N PRO B 54 -19.62 -8.20 31.26
CA PRO B 54 -18.29 -8.33 31.86
C PRO B 54 -17.62 -9.67 31.60
N ILE B 55 -18.40 -10.71 31.37
CA ILE B 55 -17.88 -12.05 31.12
C ILE B 55 -17.78 -12.23 29.61
N ALA B 56 -16.56 -12.42 29.13
CA ALA B 56 -16.29 -12.47 27.69
C ALA B 56 -16.39 -13.91 27.20
N TYR B 57 -17.22 -14.14 26.18
CA TYR B 57 -17.46 -15.48 25.65
C TYR B 57 -16.27 -15.88 24.77
N LYS B 58 -15.16 -16.21 25.42
CA LYS B 58 -13.89 -16.39 24.74
C LYS B 58 -13.65 -17.82 24.31
N TYR B 59 -14.70 -18.61 24.11
CA TYR B 59 -14.52 -20.01 23.73
C TYR B 59 -15.24 -20.34 22.43
N ILE B 60 -15.58 -19.33 21.62
CA ILE B 60 -16.11 -19.53 20.28
C ILE B 60 -15.10 -18.97 19.29
N LYS B 61 -14.57 -19.84 18.44
CA LYS B 61 -13.58 -19.44 17.46
C LYS B 61 -13.92 -19.84 16.04
N HIS B 62 -14.46 -21.05 15.85
CA HIS B 62 -14.57 -21.57 14.49
C HIS B 62 -15.83 -21.08 13.78
N GLY B 63 -17.00 -21.49 14.27
CA GLY B 63 -18.26 -21.20 13.58
C GLY B 63 -18.34 -21.74 12.17
N GLN B 64 -18.46 -23.06 12.02
CA GLN B 64 -18.36 -23.67 10.70
C GLN B 64 -19.60 -23.39 9.87
N THR B 65 -20.78 -23.39 10.48
CA THR B 65 -22.00 -23.18 9.71
C THR B 65 -22.26 -21.72 9.39
N ILE B 66 -21.47 -20.79 9.92
CA ILE B 66 -21.64 -19.37 9.62
C ILE B 66 -20.54 -18.84 8.72
N GLU B 67 -19.39 -19.54 8.63
CA GLU B 67 -18.36 -19.13 7.69
C GLU B 67 -18.73 -19.54 6.27
N VAL B 68 -19.44 -20.67 6.14
CA VAL B 68 -19.93 -21.08 4.84
C VAL B 68 -21.04 -20.15 4.38
N ILE B 69 -21.82 -19.60 5.32
CA ILE B 69 -22.94 -18.73 4.96
C ILE B 69 -22.44 -17.41 4.40
N TRP B 70 -21.48 -16.76 5.06
CA TRP B 70 -20.98 -15.50 4.53
C TRP B 70 -19.88 -15.69 3.49
N THR B 71 -19.74 -16.89 2.94
CA THR B 71 -18.94 -17.07 1.74
C THR B 71 -19.82 -17.10 0.48
N ILE B 72 -20.95 -17.80 0.55
CA ILE B 72 -21.83 -17.85 -0.61
C ILE B 72 -22.79 -16.67 -0.65
N PHE B 73 -23.02 -15.98 0.46
CA PHE B 73 -24.01 -14.90 0.44
C PHE B 73 -23.52 -13.62 -0.23
N PRO B 74 -22.24 -13.20 -0.10
CA PRO B 74 -21.78 -12.17 -1.04
C PRO B 74 -21.63 -12.69 -2.46
N ALA B 75 -21.43 -13.99 -2.64
CA ALA B 75 -21.37 -14.55 -3.98
C ALA B 75 -22.74 -14.59 -4.65
N VAL B 76 -23.81 -14.62 -3.87
CA VAL B 76 -25.16 -14.57 -4.44
C VAL B 76 -25.53 -13.14 -4.80
N ILE B 77 -25.13 -12.18 -3.95
CA ILE B 77 -25.48 -10.78 -4.17
C ILE B 77 -24.81 -10.23 -5.42
N LEU B 78 -23.51 -10.49 -5.57
CA LEU B 78 -22.79 -10.00 -6.73
C LEU B 78 -23.18 -10.72 -8.02
N LEU B 79 -23.73 -11.93 -7.93
CA LEU B 79 -24.22 -12.59 -9.14
C LEU B 79 -25.57 -12.02 -9.56
N ILE B 80 -26.36 -11.55 -8.61
CA ILE B 80 -27.61 -10.87 -8.94
C ILE B 80 -27.33 -9.52 -9.59
N ILE B 81 -26.31 -8.82 -9.11
CA ILE B 81 -25.97 -7.49 -9.62
C ILE B 81 -25.43 -7.58 -11.04
N ALA B 82 -24.74 -8.68 -11.36
CA ALA B 82 -23.98 -8.74 -12.62
C ALA B 82 -24.88 -8.87 -13.84
N PHE B 83 -26.06 -9.45 -13.71
CA PHE B 83 -26.90 -9.63 -14.89
C PHE B 83 -27.55 -8.35 -15.41
N PRO B 84 -27.95 -7.37 -14.58
CA PRO B 84 -28.19 -6.04 -15.16
C PRO B 84 -26.93 -5.37 -15.68
N SER B 85 -25.77 -5.68 -15.11
CA SER B 85 -24.55 -5.04 -15.58
C SER B 85 -24.09 -5.63 -16.90
N PHE B 86 -24.22 -6.94 -17.08
CA PHE B 86 -23.78 -7.56 -18.32
C PHE B 86 -24.71 -7.28 -19.48
N ILE B 87 -25.98 -7.04 -19.21
CA ILE B 87 -26.91 -6.64 -20.28
C ILE B 87 -26.61 -5.22 -20.72
N LEU B 88 -26.43 -4.31 -19.76
CA LEU B 88 -26.24 -2.91 -20.08
C LEU B 88 -24.87 -2.64 -20.71
N LEU B 89 -23.87 -3.46 -20.39
CA LEU B 89 -22.55 -3.28 -20.99
C LEU B 89 -22.56 -3.62 -22.47
N TYR B 90 -23.27 -4.69 -22.84
CA TYR B 90 -23.34 -5.08 -24.24
C TYR B 90 -24.27 -4.15 -25.02
N LEU B 91 -25.39 -3.75 -24.40
CA LEU B 91 -26.41 -2.96 -25.08
C LEU B 91 -26.16 -1.45 -24.94
N CYS B 92 -24.92 -1.05 -24.72
CA CYS B 92 -24.54 0.36 -24.80
C CYS B 92 -23.58 0.62 -25.95
N ASP B 93 -23.17 -0.41 -26.67
CA ASP B 93 -22.28 -0.28 -27.82
C ASP B 93 -22.90 -0.94 -29.04
N GLU B 94 -24.21 -0.76 -29.22
CA GLU B 94 -24.88 -1.21 -30.43
C GLU B 94 -24.79 -0.08 -31.46
N VAL B 95 -23.73 -0.14 -32.25
CA VAL B 95 -23.45 0.86 -33.27
C VAL B 95 -23.93 0.38 -34.64
N ILE B 96 -24.97 -0.44 -34.68
CA ILE B 96 -25.32 -1.20 -35.87
C ILE B 96 -25.87 -0.30 -36.96
N SER B 97 -26.72 0.65 -36.60
CA SER B 97 -27.32 1.57 -37.57
C SER B 97 -27.28 2.99 -37.03
N PRO B 98 -26.25 3.75 -37.36
CA PRO B 98 -26.28 5.18 -37.08
C PRO B 98 -26.88 5.95 -38.24
N ALA B 99 -27.03 7.26 -38.08
CA ALA B 99 -27.58 8.09 -39.14
C ALA B 99 -26.77 9.34 -39.42
N MET B 100 -25.93 9.80 -38.48
CA MET B 100 -25.05 10.92 -38.72
C MET B 100 -23.80 10.72 -37.89
N THR B 101 -22.64 11.08 -38.46
CA THR B 101 -21.36 10.91 -37.79
C THR B 101 -20.80 12.29 -37.47
N ILE B 102 -20.40 12.49 -36.22
CA ILE B 102 -19.80 13.72 -35.76
C ILE B 102 -18.41 13.42 -35.24
N LYS B 103 -17.44 14.22 -35.66
CA LYS B 103 -16.13 14.13 -35.05
C LYS B 103 -15.98 15.23 -34.02
N ALA B 104 -15.08 15.00 -33.07
CA ALA B 104 -14.84 15.97 -32.00
C ALA B 104 -13.39 15.84 -31.58
N ILE B 105 -12.59 16.86 -31.87
CA ILE B 105 -11.15 16.82 -31.64
C ILE B 105 -10.81 17.91 -30.64
N GLY B 106 -10.07 17.55 -29.60
CA GLY B 106 -9.75 18.51 -28.56
C GLY B 106 -8.35 19.09 -28.62
N TYR B 107 -8.25 20.37 -28.94
CA TYR B 107 -6.96 21.02 -29.14
C TYR B 107 -6.45 21.70 -27.88
N GLN B 108 -6.40 20.91 -26.80
CA GLN B 108 -5.67 21.16 -25.55
C GLN B 108 -6.28 22.25 -24.67
N TRP B 109 -7.08 23.15 -25.24
CA TRP B 109 -7.85 24.08 -24.43
C TRP B 109 -9.22 24.39 -25.01
N TYR B 110 -9.60 23.76 -26.12
CA TYR B 110 -10.88 24.02 -26.76
C TYR B 110 -11.23 22.82 -27.60
N TRP B 111 -12.49 22.74 -27.96
CA TRP B 111 -12.94 21.65 -28.80
C TRP B 111 -13.03 22.08 -30.26
N LYS B 112 -13.21 21.10 -31.13
CA LYS B 112 -13.41 21.35 -32.54
C LYS B 112 -14.28 20.24 -33.09
N TYR B 113 -15.48 20.57 -33.53
CA TYR B 113 -16.39 19.58 -34.09
C TYR B 113 -16.39 19.70 -35.60
N GLU B 114 -16.74 18.60 -36.26
CA GLU B 114 -16.88 18.62 -37.71
C GLU B 114 -17.85 17.51 -38.15
N TYR B 115 -18.89 17.92 -38.88
CA TYR B 115 -19.91 17.00 -39.38
C TYR B 115 -19.58 16.68 -40.83
N SER B 116 -18.56 15.86 -41.00
CA SER B 116 -17.90 15.78 -42.30
C SER B 116 -18.64 14.92 -43.32
N ASP B 117 -19.82 14.41 -43.01
CA ASP B 117 -20.60 13.73 -44.03
C ASP B 117 -21.25 14.74 -44.96
N PHE B 118 -21.05 14.56 -46.26
CA PHE B 118 -21.57 15.50 -47.26
C PHE B 118 -23.06 15.25 -47.44
N ILE B 119 -23.87 15.94 -46.64
CA ILE B 119 -25.30 15.69 -46.62
C ILE B 119 -26.05 16.97 -46.91
N ASN B 120 -25.32 18.08 -46.99
CA ASN B 120 -25.89 19.39 -47.21
C ASN B 120 -25.72 19.83 -48.67
N ASP B 121 -26.12 21.06 -48.95
CA ASP B 121 -26.17 21.57 -50.31
C ASP B 121 -24.94 22.36 -50.72
N SER B 122 -24.03 22.66 -49.78
CA SER B 122 -22.85 23.44 -50.10
C SER B 122 -21.78 22.58 -50.76
N GLY B 123 -21.32 21.56 -50.04
CA GLY B 123 -20.34 20.66 -50.62
C GLY B 123 -19.02 20.66 -49.89
N GLU B 124 -19.04 20.97 -48.59
CA GLU B 124 -17.83 20.95 -47.78
C GLU B 124 -18.14 20.35 -46.42
N THR B 125 -17.10 19.86 -45.77
CA THR B 125 -17.22 19.41 -44.40
C THR B 125 -17.33 20.62 -43.49
N VAL B 126 -18.49 20.79 -42.87
CA VAL B 126 -18.70 21.92 -41.96
C VAL B 126 -17.92 21.66 -40.68
N GLU B 127 -17.17 22.66 -40.24
CA GLU B 127 -16.37 22.55 -39.03
C GLU B 127 -16.29 23.90 -38.34
N PHE B 128 -16.16 23.87 -37.02
CA PHE B 128 -15.94 25.09 -36.25
C PHE B 128 -15.28 24.71 -34.94
N GLU B 129 -14.81 25.73 -34.23
CA GLU B 129 -14.20 25.55 -32.93
C GLU B 129 -15.05 26.26 -31.88
N SER B 130 -14.98 25.77 -30.65
CA SER B 130 -15.80 26.28 -29.57
C SER B 130 -14.94 26.55 -28.37
N TYR B 131 -14.79 27.82 -28.01
CA TYR B 131 -14.06 28.25 -26.83
C TYR B 131 -15.06 28.70 -25.78
N VAL B 132 -14.66 28.57 -24.51
CA VAL B 132 -15.47 29.13 -23.44
C VAL B 132 -15.37 30.66 -23.51
N ILE B 133 -16.50 31.33 -23.34
CA ILE B 133 -16.47 32.79 -23.30
C ILE B 133 -15.83 33.26 -22.00
N PRO B 134 -14.92 34.21 -22.04
CA PRO B 134 -14.15 34.55 -20.83
C PRO B 134 -14.97 35.33 -19.81
N ASP B 135 -14.35 35.61 -18.66
CA ASP B 135 -15.06 36.32 -17.61
C ASP B 135 -15.21 37.81 -17.93
N GLU B 136 -14.29 38.36 -18.72
CA GLU B 136 -14.46 39.74 -19.15
C GLU B 136 -15.56 39.87 -20.18
N LEU B 137 -15.62 38.93 -21.13
CA LEU B 137 -16.57 38.99 -22.23
C LEU B 137 -17.89 38.31 -21.92
N LEU B 138 -18.24 38.16 -20.64
CA LEU B 138 -19.53 37.58 -20.32
C LEU B 138 -20.66 38.55 -20.62
N GLU B 139 -21.87 38.00 -20.68
CA GLU B 139 -23.09 38.77 -20.70
C GLU B 139 -23.99 38.24 -19.59
N GLU B 140 -24.79 39.12 -19.01
CA GLU B 140 -25.58 38.75 -17.83
C GLU B 140 -26.67 37.79 -18.23
N GLY B 141 -26.50 36.53 -17.87
CA GLY B 141 -27.45 35.49 -18.20
C GLY B 141 -26.79 34.18 -18.59
N GLN B 142 -25.51 34.24 -18.96
CA GLN B 142 -24.78 33.05 -19.37
C GLN B 142 -24.47 32.19 -18.16
N LEU B 143 -24.19 30.92 -18.39
CA LEU B 143 -23.76 30.03 -17.32
C LEU B 143 -22.25 29.98 -17.32
N ARG B 144 -21.62 30.47 -16.25
CA ARG B 144 -20.17 30.62 -16.22
C ARG B 144 -19.47 29.27 -16.17
N LEU B 145 -18.40 29.15 -16.95
CA LEU B 145 -17.61 27.93 -17.17
C LEU B 145 -18.44 26.77 -17.71
N LEU B 146 -19.59 27.05 -18.29
CA LEU B 146 -20.48 26.00 -18.77
C LEU B 146 -21.00 26.35 -20.16
N ASP B 147 -21.05 27.63 -20.47
CA ASP B 147 -21.69 28.11 -21.69
C ASP B 147 -20.64 28.67 -22.61
N THR B 148 -20.42 28.00 -23.75
CA THR B 148 -19.47 28.45 -24.74
C THR B 148 -20.18 29.34 -25.76
N ASP B 149 -19.46 29.72 -26.82
CA ASP B 149 -20.02 30.64 -27.80
C ASP B 149 -20.72 29.91 -28.93
N THR B 150 -19.98 29.09 -29.67
CA THR B 150 -20.51 28.43 -30.88
C THR B 150 -20.66 26.95 -30.57
N SER B 151 -21.86 26.54 -30.21
CA SER B 151 -22.11 25.20 -29.70
C SER B 151 -22.19 24.19 -30.84
N MET B 152 -22.41 22.93 -30.46
CA MET B 152 -22.67 21.84 -31.39
C MET B 152 -24.15 21.49 -31.34
N VAL B 153 -24.79 21.38 -32.50
CA VAL B 153 -26.19 20.98 -32.53
C VAL B 153 -26.29 19.61 -33.20
N VAL B 154 -27.34 18.88 -32.84
CA VAL B 154 -27.62 17.55 -33.37
C VAL B 154 -29.14 17.43 -33.57
N PRO B 155 -29.62 16.54 -34.42
CA PRO B 155 -31.07 16.28 -34.48
C PRO B 155 -31.50 15.41 -33.30
N VAL B 156 -32.82 15.26 -33.17
CA VAL B 156 -33.40 14.41 -32.15
C VAL B 156 -34.02 13.20 -32.83
N ASP B 157 -34.21 12.13 -32.05
CA ASP B 157 -34.83 10.87 -32.46
C ASP B 157 -34.09 10.21 -33.61
N THR B 158 -32.78 10.47 -33.71
CA THR B 158 -31.93 9.86 -34.72
C THR B 158 -30.64 9.43 -34.07
N HIS B 159 -30.13 8.29 -34.49
CA HIS B 159 -28.89 7.77 -33.96
C HIS B 159 -27.71 8.55 -34.51
N ILE B 160 -26.83 8.98 -33.61
CA ILE B 160 -25.63 9.72 -34.00
C ILE B 160 -24.42 9.02 -33.40
N ARG B 161 -23.36 8.91 -34.18
CA ARG B 161 -22.12 8.29 -33.75
C ARG B 161 -21.08 9.40 -33.58
N PHE B 162 -20.53 9.52 -32.38
CA PHE B 162 -19.42 10.42 -32.17
C PHE B 162 -18.11 9.71 -32.48
N VAL B 163 -17.12 10.48 -32.91
CA VAL B 163 -15.78 9.99 -33.13
C VAL B 163 -14.85 10.97 -32.43
N VAL B 164 -14.26 10.55 -31.33
CA VAL B 164 -13.59 11.45 -30.41
C VAL B 164 -12.11 11.14 -30.39
N THR B 165 -11.28 12.16 -30.58
CA THR B 165 -9.84 12.02 -30.52
C THR B 165 -9.24 13.37 -30.14
N ALA B 166 -7.93 13.50 -30.29
CA ALA B 166 -7.25 14.76 -30.07
C ALA B 166 -5.97 14.76 -30.90
N ALA B 167 -5.38 15.94 -31.03
CA ALA B 167 -4.07 16.07 -31.66
C ALA B 167 -3.10 16.75 -30.71
N ASP B 168 -3.35 16.59 -29.42
CA ASP B 168 -2.54 17.15 -28.34
C ASP B 168 -2.65 16.18 -27.17
N VAL B 169 -2.42 16.67 -25.96
CA VAL B 169 -2.45 15.83 -24.75
C VAL B 169 -3.80 15.16 -24.54
N ILE B 170 -3.81 14.12 -23.69
CA ILE B 170 -5.01 13.35 -23.43
C ILE B 170 -6.00 14.20 -22.64
N HIS B 171 -7.21 14.38 -23.17
CA HIS B 171 -8.30 14.89 -22.37
C HIS B 171 -9.65 14.38 -22.86
N ASP B 172 -10.59 14.32 -21.92
CA ASP B 172 -11.82 13.54 -21.97
C ASP B 172 -12.96 14.33 -22.60
N PHE B 173 -13.96 13.58 -23.05
CA PHE B 173 -15.17 14.11 -23.68
C PHE B 173 -16.34 13.53 -22.91
N ALA B 174 -16.94 14.34 -22.04
CA ALA B 174 -17.88 13.81 -21.06
C ALA B 174 -19.15 14.67 -21.03
N ILE B 175 -20.29 14.02 -21.18
CA ILE B 175 -21.59 14.67 -21.00
C ILE B 175 -22.37 13.82 -19.99
N PRO B 176 -22.75 14.37 -18.84
CA PRO B 176 -23.43 13.54 -17.84
C PRO B 176 -24.86 13.18 -18.19
N SER B 177 -25.54 13.99 -19.01
CA SER B 177 -26.94 13.68 -19.30
C SER B 177 -27.08 12.61 -20.35
N LEU B 178 -26.21 12.61 -21.36
CA LEU B 178 -26.24 11.58 -22.37
C LEU B 178 -25.51 10.32 -21.93
N GLY B 179 -24.62 10.42 -20.95
CA GLY B 179 -23.88 9.28 -20.46
C GLY B 179 -22.87 8.75 -21.45
N ILE B 180 -21.98 9.62 -21.91
CA ILE B 180 -20.90 9.22 -22.80
C ILE B 180 -19.60 9.77 -22.25
N LYS B 181 -18.54 8.96 -22.32
CA LYS B 181 -17.24 9.37 -21.80
C LYS B 181 -16.16 8.57 -22.50
N VAL B 182 -15.35 9.22 -23.32
CA VAL B 182 -14.22 8.57 -24.00
C VAL B 182 -13.04 9.54 -23.97
N ASP B 183 -11.88 9.03 -23.55
CA ASP B 183 -10.79 9.88 -23.10
C ASP B 183 -10.00 10.55 -24.23
N ALA B 184 -10.23 10.19 -25.50
CA ALA B 184 -9.64 10.85 -26.67
C ALA B 184 -8.10 10.79 -26.65
N THR B 185 -7.59 9.58 -26.71
CA THR B 185 -6.15 9.39 -26.76
C THR B 185 -5.66 9.77 -28.16
N PRO B 186 -4.64 10.62 -28.29
CA PRO B 186 -4.29 11.20 -29.59
C PRO B 186 -3.70 10.22 -30.60
N GLY B 187 -3.36 9.00 -30.21
CA GLY B 187 -2.89 8.04 -31.17
C GLY B 187 -4.04 7.34 -31.86
N ARG B 188 -5.18 7.33 -31.21
CA ARG B 188 -6.33 6.56 -31.66
C ARG B 188 -7.56 7.46 -31.75
N LEU B 189 -8.72 6.83 -31.93
CA LEU B 189 -9.99 7.53 -31.92
C LEU B 189 -11.07 6.54 -31.52
N ASN B 190 -11.82 6.89 -30.47
CA ASN B 190 -12.87 6.03 -29.98
C ASN B 190 -14.21 6.43 -30.60
N GLN B 191 -15.26 5.70 -30.25
CA GLN B 191 -16.58 6.03 -30.75
C GLN B 191 -17.64 5.61 -29.74
N VAL B 192 -18.69 6.43 -29.66
CA VAL B 192 -19.87 6.12 -28.85
C VAL B 192 -21.10 6.38 -29.71
N SER B 193 -22.21 5.74 -29.37
CA SER B 193 -23.46 5.92 -30.07
C SER B 193 -24.55 6.21 -29.06
N ALA B 194 -25.30 7.27 -29.29
CA ALA B 194 -26.33 7.69 -28.34
C ALA B 194 -27.32 8.60 -29.04
N LEU B 195 -28.55 8.14 -29.21
CA LEU B 195 -29.58 9.03 -29.73
C LEU B 195 -30.20 9.82 -28.59
N ILE B 196 -30.74 10.98 -28.92
CA ILE B 196 -31.29 11.90 -27.94
C ILE B 196 -32.81 11.88 -28.04
N GLN B 197 -33.48 11.68 -26.91
CA GLN B 197 -34.93 11.49 -26.91
C GLN B 197 -35.69 12.81 -26.94
N ARG B 198 -35.12 13.87 -26.38
CA ARG B 198 -35.82 15.15 -26.26
C ARG B 198 -34.88 16.28 -26.59
N GLU B 199 -35.41 17.30 -27.25
CA GLU B 199 -34.59 18.44 -27.62
C GLU B 199 -34.31 19.31 -26.40
N GLY B 200 -33.36 20.21 -26.55
CA GLY B 200 -32.91 21.01 -25.42
C GLY B 200 -31.40 20.96 -25.26
N VAL B 201 -30.85 21.91 -24.53
CA VAL B 201 -29.41 22.06 -24.42
C VAL B 201 -28.87 21.10 -23.35
N PHE B 202 -27.69 20.55 -23.59
CA PHE B 202 -26.95 19.74 -22.63
C PHE B 202 -25.52 20.26 -22.57
N TYR B 203 -24.88 20.17 -21.40
CA TYR B 203 -23.71 21.01 -21.14
C TYR B 203 -22.39 20.29 -21.02
N GLY B 204 -22.29 19.23 -20.22
CA GLY B 204 -21.03 18.49 -20.17
C GLY B 204 -19.82 19.23 -19.58
N ALA B 205 -18.69 18.53 -19.60
CA ALA B 205 -17.41 19.07 -19.16
C ALA B 205 -16.30 18.15 -19.68
N CYS B 206 -15.07 18.62 -19.58
CA CYS B 206 -13.90 17.80 -19.84
C CYS B 206 -13.32 17.34 -18.52
N SER B 207 -13.13 16.01 -18.38
CA SER B 207 -12.81 15.45 -17.07
C SER B 207 -11.36 15.01 -16.92
N GLU B 208 -10.71 14.59 -17.99
CA GLU B 208 -9.31 14.22 -17.88
C GLU B 208 -8.42 15.46 -17.91
N LEU B 209 -7.36 15.41 -17.12
CA LEU B 209 -6.49 16.57 -16.96
C LEU B 209 -5.66 16.81 -18.20
N CYS B 210 -5.61 18.07 -18.64
CA CYS B 210 -4.88 18.43 -19.85
C CYS B 210 -3.80 19.45 -19.64
N GLY B 211 -3.69 20.05 -18.46
CA GLY B 211 -2.72 21.10 -18.27
C GLY B 211 -3.26 22.23 -17.43
N THR B 212 -3.00 23.46 -17.85
CA THR B 212 -3.41 24.61 -17.07
C THR B 212 -4.92 24.81 -17.12
N GLY B 213 -5.44 25.08 -18.31
CA GLY B 213 -6.87 25.30 -18.48
C GLY B 213 -7.64 24.02 -18.71
N HIS B 214 -7.61 23.13 -17.72
CA HIS B 214 -8.34 21.88 -17.82
C HIS B 214 -9.83 22.10 -17.63
N ALA B 215 -10.20 23.14 -16.88
CA ALA B 215 -11.62 23.38 -16.61
C ALA B 215 -12.28 24.24 -17.67
N ASN B 216 -11.51 24.92 -18.53
CA ASN B 216 -12.06 25.94 -19.41
C ASN B 216 -12.37 25.38 -20.80
N MET B 217 -13.14 24.29 -20.84
CA MET B 217 -13.65 23.77 -22.11
C MET B 217 -14.88 22.90 -21.93
N PRO B 218 -16.08 23.49 -21.93
CA PRO B 218 -17.30 22.68 -21.91
C PRO B 218 -17.68 22.22 -23.31
N ILE B 219 -18.65 21.31 -23.36
CA ILE B 219 -19.13 20.74 -24.62
C ILE B 219 -20.62 21.00 -24.68
N LYS B 220 -21.02 22.15 -25.21
CA LYS B 220 -22.43 22.49 -25.27
C LYS B 220 -23.08 21.74 -26.42
N ILE B 221 -24.08 20.92 -26.10
CA ILE B 221 -24.84 20.18 -27.10
C ILE B 221 -26.28 20.60 -26.97
N GLU B 222 -26.81 21.25 -27.99
CA GLU B 222 -28.22 21.64 -28.02
C GLU B 222 -28.89 20.88 -29.15
N ALA B 223 -29.59 19.82 -28.80
CA ALA B 223 -30.32 19.04 -29.79
C ALA B 223 -31.52 19.84 -30.26
N VAL B 224 -31.69 19.92 -31.57
CA VAL B 224 -32.80 20.66 -32.17
C VAL B 224 -33.62 19.71 -33.02
N SER B 225 -34.77 20.20 -33.47
CA SER B 225 -35.61 19.40 -34.34
C SER B 225 -34.99 19.31 -35.73
N LEU B 226 -35.37 18.27 -36.45
CA LEU B 226 -34.74 17.94 -37.71
C LEU B 226 -35.02 18.93 -38.85
N PRO B 227 -36.23 19.46 -39.06
CA PRO B 227 -36.35 20.55 -40.04
C PRO B 227 -35.68 21.83 -39.58
N LYS B 228 -35.53 22.04 -38.28
CA LYS B 228 -34.72 23.14 -37.80
C LYS B 228 -33.23 22.80 -37.83
N PHE B 229 -32.88 21.52 -37.91
CA PHE B 229 -31.47 21.15 -38.01
C PHE B 229 -30.91 21.48 -39.39
N LEU B 230 -31.64 21.11 -40.44
CA LEU B 230 -31.16 21.33 -41.80
C LEU B 230 -31.20 22.80 -42.19
N GLU B 231 -31.96 23.63 -41.48
CA GLU B 231 -31.84 25.07 -41.66
C GLU B 231 -30.48 25.56 -41.20
N TRP B 232 -30.01 25.06 -40.05
CA TRP B 232 -28.72 25.47 -39.54
C TRP B 232 -27.58 24.86 -40.35
N LEU B 233 -27.76 23.63 -40.82
CA LEU B 233 -26.66 22.95 -41.50
C LEU B 233 -26.43 23.48 -42.90
N ASN B 234 -27.50 23.77 -43.64
CA ASN B 234 -27.34 24.33 -44.98
C ASN B 234 -26.86 25.77 -44.91
N GLU B 235 -27.17 26.49 -43.84
CA GLU B 235 -26.69 27.85 -43.68
C GLU B 235 -25.20 27.87 -43.34
N GLN B 236 -24.84 27.30 -42.21
CA GLN B 236 -23.48 27.36 -41.72
C GLN B 236 -22.67 26.15 -42.17
N THR C 1 30.64 -25.66 28.56
CA THR C 1 29.99 -25.70 29.86
C THR C 1 28.95 -24.59 29.97
N HIS C 2 29.10 -23.74 30.99
CA HIS C 2 28.23 -22.58 31.15
C HIS C 2 28.98 -21.28 31.38
N LEU C 3 30.30 -21.31 31.53
CA LEU C 3 31.05 -20.06 31.60
C LEU C 3 31.53 -19.63 30.22
N GLU C 4 32.10 -20.56 29.46
CA GLU C 4 32.57 -20.26 28.11
C GLU C 4 31.42 -20.22 27.12
N ARG C 5 30.35 -20.97 27.37
CA ARG C 5 29.17 -20.90 26.51
C ARG C 5 28.43 -19.59 26.71
N SER C 6 28.50 -19.01 27.89
CA SER C 6 27.85 -17.73 28.13
C SER C 6 28.65 -16.56 27.61
N ARG C 7 29.86 -16.78 27.10
CA ARG C 7 30.70 -15.73 26.54
C ARG C 7 30.56 -15.61 25.03
N HIS C 8 29.44 -16.06 24.47
CA HIS C 8 29.18 -15.95 23.04
C HIS C 8 27.72 -15.58 22.86
N GLN C 9 27.24 -15.65 21.62
CA GLN C 9 25.84 -15.40 21.37
C GLN C 9 24.99 -16.61 21.74
N GLN C 10 23.68 -16.40 21.81
CA GLN C 10 22.74 -17.48 21.98
C GLN C 10 21.91 -17.76 20.73
N HIS C 11 21.83 -16.82 19.81
CA HIS C 11 21.13 -16.96 18.56
C HIS C 11 22.13 -16.89 17.40
N PRO C 12 21.91 -17.67 16.33
CA PRO C 12 22.88 -17.67 15.22
C PRO C 12 22.85 -16.41 14.37
N PHE C 13 21.85 -15.55 14.55
CA PHE C 13 21.69 -14.40 13.68
C PHE C 13 22.72 -13.33 14.00
N HIS C 14 23.15 -12.63 12.97
CA HIS C 14 24.26 -11.68 13.09
C HIS C 14 23.72 -10.28 13.32
N MET C 15 24.23 -9.63 14.37
CA MET C 15 23.95 -8.24 14.66
C MET C 15 25.13 -7.41 14.18
N VAL C 16 24.92 -6.63 13.11
CA VAL C 16 26.01 -5.88 12.51
C VAL C 16 26.33 -4.66 13.36
N MET C 17 27.53 -4.14 13.19
CA MET C 17 27.90 -2.91 13.86
C MET C 17 27.41 -1.72 13.04
N PRO C 18 27.08 -0.60 13.68
CA PRO C 18 26.65 0.58 12.93
C PRO C 18 27.79 1.18 12.13
N SER C 19 27.55 1.35 10.83
CA SER C 19 28.55 1.82 9.89
C SER C 19 27.94 2.86 8.97
N PRO C 20 28.69 3.91 8.60
CA PRO C 20 28.07 5.00 7.85
C PRO C 20 28.11 4.80 6.35
N TRP C 21 27.88 3.59 5.89
CA TRP C 21 27.69 3.40 4.46
C TRP C 21 26.25 3.59 3.95
N PRO C 22 25.18 3.12 4.62
CA PRO C 22 23.84 3.40 4.09
C PRO C 22 23.43 4.86 4.14
N ILE C 23 24.15 5.72 4.85
CA ILE C 23 23.84 7.15 4.78
C ILE C 23 24.64 7.84 3.66
N VAL C 24 25.87 7.40 3.41
CA VAL C 24 26.69 8.03 2.39
C VAL C 24 26.22 7.63 0.99
N VAL C 25 25.75 6.38 0.83
CA VAL C 25 25.09 5.99 -0.42
C VAL C 25 23.82 6.79 -0.61
N SER C 26 23.12 7.09 0.48
CA SER C 26 21.92 7.89 0.39
C SER C 26 22.20 9.35 0.03
N PHE C 27 23.35 9.88 0.45
CA PHE C 27 23.78 11.20 -0.02
C PHE C 27 24.52 11.13 -1.34
N ALA C 28 24.72 9.95 -1.90
CA ALA C 28 25.21 9.82 -3.26
C ALA C 28 24.08 9.70 -4.27
N LEU C 29 22.93 9.18 -3.85
CA LEU C 29 21.79 9.13 -4.75
C LEU C 29 21.12 10.49 -4.86
N LEU C 30 21.09 11.27 -3.78
CA LEU C 30 20.54 12.62 -3.84
C LEU C 30 21.41 13.50 -4.72
N SER C 31 22.73 13.41 -4.56
CA SER C 31 23.63 14.17 -5.41
C SER C 31 23.70 13.62 -6.81
N LEU C 32 23.21 12.41 -7.05
CA LEU C 32 23.01 11.95 -8.42
C LEU C 32 21.70 12.46 -8.99
N ALA C 33 20.61 12.35 -8.23
CA ALA C 33 19.30 12.75 -8.72
C ALA C 33 19.19 14.25 -8.92
N LEU C 34 19.88 15.03 -8.10
CA LEU C 34 19.88 16.47 -8.33
C LEU C 34 20.77 16.86 -9.48
N SER C 35 21.93 16.21 -9.63
CA SER C 35 22.84 16.59 -10.70
C SER C 35 22.39 16.05 -12.05
N THR C 36 21.51 15.04 -12.05
CA THR C 36 20.99 14.54 -13.32
C THR C 36 19.88 15.44 -13.84
N ALA C 37 18.88 15.70 -13.01
CA ALA C 37 17.72 16.48 -13.43
C ALA C 37 18.01 17.97 -13.55
N LEU C 38 19.20 18.41 -13.18
CA LEU C 38 19.64 19.76 -13.52
C LEU C 38 20.35 19.82 -14.85
N THR C 39 21.25 18.88 -15.12
CA THR C 39 22.11 18.96 -16.30
C THR C 39 21.38 18.60 -17.59
N MET C 40 20.18 18.05 -17.52
CA MET C 40 19.44 17.70 -18.72
C MET C 40 18.59 18.84 -19.25
N HIS C 41 18.46 19.93 -18.49
CA HIS C 41 17.77 21.13 -18.92
C HIS C 41 18.73 22.31 -18.92
N GLY C 42 19.95 22.08 -19.38
CA GLY C 42 20.96 23.10 -19.26
C GLY C 42 21.45 23.15 -17.83
N TYR C 43 21.46 24.34 -17.25
CA TYR C 43 21.64 24.63 -15.83
C TYR C 43 23.01 24.28 -15.25
N ILE C 44 23.86 23.59 -16.01
CA ILE C 44 25.21 23.28 -15.57
C ILE C 44 26.17 23.65 -16.69
N GLY C 45 25.96 23.09 -17.87
CA GLY C 45 26.81 23.40 -19.00
C GLY C 45 27.61 22.22 -19.51
N ASN C 46 28.12 21.40 -18.60
CA ASN C 46 28.96 20.27 -18.97
C ASN C 46 28.55 19.03 -18.22
N MET C 47 28.95 17.88 -18.73
CA MET C 47 28.64 16.59 -18.12
C MET C 47 29.74 16.16 -17.15
N ASN C 48 30.08 17.04 -16.21
CA ASN C 48 31.10 16.74 -15.23
C ASN C 48 30.54 16.44 -13.85
N MET C 49 29.41 17.03 -13.48
CA MET C 49 28.83 16.75 -12.17
C MET C 49 28.17 15.39 -12.12
N VAL C 50 27.65 14.90 -13.25
CA VAL C 50 27.13 13.54 -13.28
C VAL C 50 28.27 12.54 -13.28
N TYR C 51 29.36 12.84 -14.00
CA TYR C 51 30.52 11.96 -14.04
C TYR C 51 31.26 11.86 -12.72
N LEU C 52 31.00 12.75 -11.77
CA LEU C 52 31.53 12.64 -10.41
C LEU C 52 30.52 12.04 -9.45
N ALA C 53 29.24 12.42 -9.56
CA ALA C 53 28.21 11.87 -8.68
C ALA C 53 27.97 10.39 -8.95
N LEU C 54 28.07 9.97 -10.21
CA LEU C 54 28.04 8.55 -10.50
C LEU C 54 29.34 7.88 -10.08
N PHE C 55 30.42 8.63 -9.97
CA PHE C 55 31.68 8.05 -9.52
C PHE C 55 31.70 7.88 -8.01
N VAL C 56 31.13 8.83 -7.27
CA VAL C 56 31.11 8.69 -5.82
C VAL C 56 30.08 7.66 -5.38
N LEU C 57 29.06 7.39 -6.20
CA LEU C 57 28.13 6.31 -5.90
C LEU C 57 28.79 4.96 -6.10
N LEU C 58 29.66 4.85 -7.09
CA LEU C 58 30.36 3.61 -7.35
C LEU C 58 31.40 3.33 -6.27
N THR C 59 32.07 4.38 -5.79
CA THR C 59 33.08 4.19 -4.75
C THR C 59 32.44 3.92 -3.40
N SER C 60 31.36 4.63 -3.06
CA SER C 60 30.74 4.45 -1.76
C SER C 60 29.95 3.15 -1.67
N SER C 61 29.69 2.49 -2.80
CA SER C 61 29.12 1.16 -2.76
C SER C 61 30.18 0.07 -2.77
N ILE C 62 31.35 0.33 -3.36
CA ILE C 62 32.43 -0.66 -3.30
C ILE C 62 33.13 -0.62 -1.95
N LEU C 63 32.89 0.40 -1.13
CA LEU C 63 33.34 0.39 0.25
C LEU C 63 32.33 -0.25 1.18
N TRP C 64 31.05 -0.30 0.80
CA TRP C 64 30.09 -1.14 1.51
C TRP C 64 30.44 -2.61 1.34
N PHE C 65 30.80 -3.02 0.13
CA PHE C 65 31.26 -4.39 -0.09
C PHE C 65 32.65 -4.63 0.49
N ARG C 66 33.39 -3.58 0.83
CA ARG C 66 34.63 -3.76 1.58
C ARG C 66 34.35 -4.15 3.02
N ASP C 67 33.16 -3.82 3.53
CA ASP C 67 32.82 -4.19 4.89
C ASP C 67 32.28 -5.61 4.98
N ILE C 68 31.44 -6.02 4.01
CA ILE C 68 30.85 -7.34 4.07
C ILE C 68 31.88 -8.43 3.79
N VAL C 69 32.95 -8.14 3.05
CA VAL C 69 33.99 -9.15 2.88
C VAL C 69 34.79 -9.30 4.16
N ALA C 70 34.92 -8.22 4.94
CA ALA C 70 35.59 -8.32 6.22
C ALA C 70 34.68 -8.89 7.29
N GLU C 71 33.37 -8.73 7.13
CA GLU C 71 32.40 -9.25 8.08
C GLU C 71 32.12 -10.73 7.86
N ALA C 72 32.62 -11.31 6.78
CA ALA C 72 32.35 -12.69 6.46
C ALA C 72 33.55 -13.62 6.55
N THR C 73 34.77 -13.08 6.54
CA THR C 73 35.94 -13.93 6.70
C THR C 73 37.01 -13.38 7.62
N TYR C 74 36.87 -12.16 8.14
CA TYR C 74 37.79 -11.66 9.14
C TYR C 74 37.16 -11.52 10.51
N LEU C 75 35.84 -11.36 10.58
CA LEU C 75 35.05 -11.58 11.78
C LEU C 75 34.12 -12.76 11.63
N GLY C 76 33.55 -12.93 10.44
CA GLY C 76 32.85 -14.14 10.04
C GLY C 76 31.63 -14.51 10.85
N ASP C 77 30.61 -13.68 10.78
CA ASP C 77 29.36 -13.95 11.49
C ASP C 77 28.30 -14.52 10.58
N HIS C 78 28.68 -15.11 9.44
CA HIS C 78 27.75 -15.79 8.55
C HIS C 78 27.67 -17.23 9.00
N THR C 79 26.67 -17.54 9.81
CA THR C 79 26.46 -18.90 10.27
C THR C 79 25.59 -19.64 9.27
N MET C 80 25.08 -20.81 9.66
CA MET C 80 24.19 -21.57 8.81
C MET C 80 22.84 -20.89 8.63
N ALA C 81 22.40 -20.12 9.61
CA ALA C 81 21.13 -19.40 9.51
C ALA C 81 21.29 -18.03 8.85
N VAL C 82 22.50 -17.47 8.86
CA VAL C 82 22.71 -16.21 8.18
C VAL C 82 22.90 -16.43 6.68
N ARG C 83 23.58 -17.53 6.31
CA ARG C 83 23.84 -17.80 4.90
C ARG C 83 22.57 -18.21 4.17
N LYS C 84 21.61 -18.81 4.86
CA LYS C 84 20.30 -19.03 4.25
C LYS C 84 19.57 -17.72 4.06
N GLY C 85 19.82 -16.74 4.92
CA GLY C 85 19.18 -15.44 4.76
C GLY C 85 19.73 -14.66 3.58
N ILE C 86 21.04 -14.71 3.37
CA ILE C 86 21.63 -13.97 2.26
C ILE C 86 21.28 -14.64 0.93
N ASN C 87 21.30 -15.97 0.90
CA ASN C 87 20.93 -16.70 -0.31
C ASN C 87 19.45 -16.53 -0.65
N LEU C 88 18.60 -16.39 0.35
CA LEU C 88 17.20 -16.07 0.11
C LEU C 88 16.97 -14.59 -0.08
N GLY C 89 17.82 -13.75 0.49
CA GLY C 89 17.65 -12.32 0.31
C GLY C 89 18.01 -11.86 -1.08
N PHE C 90 19.03 -12.48 -1.67
CA PHE C 90 19.35 -12.19 -3.06
C PHE C 90 18.31 -12.78 -4.00
N LEU C 91 17.72 -13.91 -3.62
CA LEU C 91 16.73 -14.58 -4.46
C LEU C 91 15.43 -13.79 -4.58
N MET C 92 15.17 -12.87 -3.64
CA MET C 92 14.06 -11.95 -3.79
C MET C 92 14.45 -10.71 -4.57
N PHE C 93 15.73 -10.34 -4.55
CA PHE C 93 16.18 -9.21 -5.36
C PHE C 93 16.18 -9.57 -6.83
N VAL C 94 16.53 -10.81 -7.17
CA VAL C 94 16.54 -11.24 -8.56
C VAL C 94 15.14 -11.44 -9.11
N LEU C 95 14.13 -11.54 -8.24
CA LEU C 95 12.76 -11.62 -8.72
C LEU C 95 12.28 -10.28 -9.25
N SER C 96 12.68 -9.19 -8.59
CA SER C 96 12.34 -7.86 -9.09
C SER C 96 13.15 -7.53 -10.34
N GLU C 97 14.38 -8.03 -10.41
CA GLU C 97 15.21 -7.82 -11.60
C GLU C 97 14.66 -8.59 -12.80
N VAL C 98 14.00 -9.73 -12.58
CA VAL C 98 13.34 -10.42 -13.66
C VAL C 98 12.06 -9.69 -14.05
N LEU C 99 11.27 -9.28 -13.06
CA LEU C 99 9.99 -8.66 -13.33
C LEU C 99 10.14 -7.24 -13.86
N ILE C 100 11.33 -6.63 -13.73
CA ILE C 100 11.57 -5.35 -14.37
C ILE C 100 11.76 -5.51 -15.88
N PHE C 101 12.02 -6.74 -16.35
CA PHE C 101 12.02 -7.03 -17.77
C PHE C 101 10.63 -7.35 -18.30
N ALA C 102 9.67 -7.64 -17.40
CA ALA C 102 8.29 -7.81 -17.85
C ALA C 102 7.68 -6.48 -18.25
N GLY C 103 8.18 -5.37 -17.69
CA GLY C 103 7.76 -4.07 -18.16
C GLY C 103 8.31 -3.74 -19.53
N LEU C 104 9.42 -4.36 -19.92
CA LEU C 104 9.99 -4.18 -21.24
C LEU C 104 9.66 -5.32 -22.19
N PHE C 105 8.94 -6.33 -21.70
CA PHE C 105 8.30 -7.31 -22.57
C PHE C 105 6.86 -6.96 -22.88
N TRP C 106 6.16 -6.33 -21.93
CA TRP C 106 4.84 -5.82 -22.20
C TRP C 106 4.89 -4.66 -23.18
N ALA C 107 5.95 -3.87 -23.13
CA ALA C 107 6.08 -2.72 -24.05
C ALA C 107 6.29 -3.18 -25.48
N TYR C 108 6.97 -4.30 -25.69
CA TYR C 108 7.14 -4.80 -27.04
C TYR C 108 5.87 -5.44 -27.56
N PHE C 109 5.19 -6.22 -26.72
CA PHE C 109 3.98 -6.91 -27.16
C PHE C 109 2.83 -5.95 -27.36
N HIS C 110 2.78 -4.86 -26.60
CA HIS C 110 1.75 -3.86 -26.83
C HIS C 110 2.03 -3.04 -28.09
N SER C 111 3.25 -3.06 -28.59
CA SER C 111 3.61 -2.34 -29.79
C SER C 111 3.79 -3.24 -30.99
N ALA C 112 3.50 -4.53 -30.88
CA ALA C 112 3.69 -5.41 -32.03
C ALA C 112 2.46 -6.26 -32.31
N MET C 113 1.70 -6.61 -31.26
CA MET C 113 0.50 -7.40 -31.48
C MET C 113 -0.61 -6.55 -32.09
N SER C 114 -0.79 -5.34 -31.59
CA SER C 114 -1.68 -4.36 -32.19
C SER C 114 -0.82 -3.32 -32.88
N PRO C 115 -0.56 -3.43 -34.18
CA PRO C 115 0.36 -2.50 -34.84
C PRO C 115 -0.28 -1.13 -35.01
N ASP C 116 0.58 -0.13 -35.12
CA ASP C 116 0.16 1.26 -35.01
C ASP C 116 -0.20 1.83 -36.39
N VAL C 117 -0.88 2.97 -36.36
CA VAL C 117 -1.39 3.64 -37.54
C VAL C 117 -0.40 4.70 -38.01
N THR C 118 0.41 5.22 -37.10
CA THR C 118 1.38 6.24 -37.46
C THR C 118 2.51 5.63 -38.27
N LEU C 119 3.03 4.49 -37.82
CA LEU C 119 3.90 3.67 -38.63
C LEU C 119 3.02 2.73 -39.47
N GLY C 120 3.64 1.83 -40.22
CA GLY C 120 2.91 0.99 -41.13
C GLY C 120 2.08 -0.08 -40.42
N ALA C 121 1.43 -0.92 -41.23
CA ALA C 121 0.71 -2.05 -40.68
C ALA C 121 1.65 -3.17 -40.23
N CYS C 122 2.88 -3.19 -40.72
CA CYS C 122 3.80 -4.27 -40.44
C CYS C 122 4.57 -4.00 -39.16
N TRP C 123 5.47 -4.93 -38.81
CA TRP C 123 6.33 -4.81 -37.66
C TRP C 123 7.59 -5.63 -37.91
N PRO C 124 8.79 -5.01 -38.00
CA PRO C 124 9.22 -3.61 -37.84
C PRO C 124 8.66 -2.68 -38.92
N PRO C 125 8.59 -1.38 -38.64
CA PRO C 125 8.00 -0.45 -39.62
C PRO C 125 8.84 -0.35 -40.88
N VAL C 126 8.24 0.26 -41.91
CA VAL C 126 8.86 0.33 -43.21
C VAL C 126 10.04 1.29 -43.18
N GLY C 127 11.14 0.90 -43.81
CA GLY C 127 12.33 1.72 -43.84
C GLY C 127 13.38 1.28 -42.84
N ILE C 128 12.94 0.88 -41.64
CA ILE C 128 13.88 0.46 -40.60
C ILE C 128 14.40 -0.92 -40.93
N GLU C 129 15.72 -1.04 -41.05
CA GLU C 129 16.37 -2.32 -41.34
C GLU C 129 16.65 -3.03 -40.02
N ALA C 130 15.92 -4.10 -39.75
CA ALA C 130 15.99 -4.80 -38.48
C ALA C 130 17.26 -5.67 -38.41
N VAL C 131 17.49 -6.21 -37.23
CA VAL C 131 18.68 -7.04 -36.99
C VAL C 131 18.38 -8.47 -37.41
N GLN C 132 19.28 -9.05 -38.18
CA GLN C 132 19.09 -10.42 -38.62
C GLN C 132 19.52 -11.39 -37.53
N PRO C 133 18.72 -12.43 -37.24
CA PRO C 133 19.06 -13.33 -36.14
C PRO C 133 20.00 -14.47 -36.53
N THR C 134 20.27 -14.67 -37.82
CA THR C 134 21.19 -15.71 -38.27
C THR C 134 22.61 -15.20 -38.41
N GLU C 135 22.98 -14.23 -37.58
CA GLU C 135 24.25 -13.51 -37.67
C GLU C 135 24.76 -13.36 -36.25
N LEU C 136 25.64 -12.39 -36.03
CA LEU C 136 26.29 -12.03 -34.77
C LEU C 136 25.44 -12.05 -33.49
N PRO C 137 24.12 -11.75 -33.53
CA PRO C 137 23.30 -12.10 -32.36
C PRO C 137 23.24 -13.58 -32.02
N LEU C 138 23.38 -14.49 -32.99
CA LEU C 138 23.50 -15.91 -32.65
C LEU C 138 24.83 -16.19 -31.96
N LEU C 139 25.90 -15.52 -32.39
CA LEU C 139 27.17 -15.63 -31.69
C LEU C 139 27.11 -15.01 -30.31
N ASN C 140 26.21 -14.04 -30.10
CA ASN C 140 25.98 -13.53 -28.75
C ASN C 140 25.30 -14.56 -27.86
N THR C 141 24.59 -15.52 -28.43
CA THR C 141 23.92 -16.56 -27.65
C THR C 141 24.85 -17.71 -27.31
N ILE C 142 25.59 -18.22 -28.30
CA ILE C 142 26.42 -19.41 -28.09
C ILE C 142 27.61 -19.07 -27.18
N ILE C 143 28.09 -17.83 -27.23
CA ILE C 143 29.05 -17.36 -26.24
C ILE C 143 28.41 -17.34 -24.85
N LEU C 144 27.18 -16.84 -24.77
CA LEU C 144 26.52 -16.75 -23.47
C LEU C 144 26.02 -18.10 -22.98
N LEU C 145 25.63 -18.99 -23.91
CA LEU C 145 25.19 -20.33 -23.50
C LEU C 145 26.34 -21.13 -22.92
N SER C 146 27.52 -21.03 -23.53
CA SER C 146 28.68 -21.70 -22.99
C SER C 146 29.17 -21.05 -21.71
N SER C 147 28.83 -19.78 -21.48
CA SER C 147 29.21 -19.11 -20.25
C SER C 147 28.49 -19.72 -19.05
N GLY C 148 27.20 -20.05 -19.22
CA GLY C 148 26.49 -20.81 -18.22
C GLY C 148 26.88 -22.27 -18.14
N ALA C 149 27.70 -22.75 -19.08
CA ALA C 149 28.24 -24.10 -19.05
C ALA C 149 29.71 -24.15 -18.67
N THR C 150 30.33 -23.00 -18.42
CA THR C 150 31.71 -22.97 -17.95
C THR C 150 31.86 -22.32 -16.59
N VAL C 151 30.80 -21.73 -16.05
CA VAL C 151 30.83 -21.27 -14.66
C VAL C 151 30.38 -22.39 -13.73
N THR C 152 29.70 -23.39 -14.28
CA THR C 152 29.14 -24.44 -13.44
C THR C 152 30.09 -25.62 -13.26
N TYR C 153 31.28 -25.58 -13.87
CA TYR C 153 32.34 -26.46 -13.41
C TYR C 153 33.41 -25.69 -12.65
N SER C 154 33.43 -24.37 -12.79
CA SER C 154 34.27 -23.56 -11.93
C SER C 154 33.74 -23.54 -10.51
N HIS C 155 32.44 -23.78 -10.35
CA HIS C 155 31.87 -23.90 -9.02
C HIS C 155 32.07 -25.29 -8.45
N HIS C 156 31.92 -26.32 -9.30
CA HIS C 156 32.05 -27.69 -8.82
C HIS C 156 33.50 -28.07 -8.53
N ALA C 157 34.45 -27.57 -9.32
CA ALA C 157 35.85 -27.82 -9.04
C ALA C 157 36.36 -27.02 -7.87
N LEU C 158 35.62 -25.98 -7.45
CA LEU C 158 35.97 -25.28 -6.22
C LEU C 158 35.73 -26.18 -5.01
N ILE C 159 34.59 -26.88 -5.00
CA ILE C 159 34.28 -27.77 -3.90
C ILE C 159 35.14 -29.03 -3.92
N ALA C 160 35.64 -29.42 -5.09
CA ALA C 160 36.39 -30.67 -5.20
C ALA C 160 37.75 -30.58 -4.52
N GLY C 161 38.39 -29.42 -4.57
CA GLY C 161 39.61 -29.24 -3.79
C GLY C 161 40.87 -28.90 -4.56
N ASN C 162 40.74 -28.26 -5.71
CA ASN C 162 41.91 -27.80 -6.46
C ASN C 162 41.67 -26.39 -6.95
N ARG C 163 42.64 -25.51 -6.70
CA ARG C 163 42.52 -24.11 -7.07
C ARG C 163 42.77 -23.90 -8.56
N ASN C 164 43.79 -24.58 -9.10
CA ASN C 164 44.24 -24.32 -10.46
C ASN C 164 43.21 -24.76 -11.49
N LYS C 165 42.37 -25.74 -11.15
CA LYS C 165 41.29 -26.11 -12.05
C LYS C 165 40.12 -25.15 -11.95
N ALA C 166 39.76 -24.76 -10.73
CA ALA C 166 38.63 -23.86 -10.53
C ALA C 166 38.94 -22.42 -10.90
N LEU C 167 40.22 -22.03 -10.89
CA LEU C 167 40.57 -20.68 -11.32
C LEU C 167 40.59 -20.55 -12.83
N SER C 168 40.99 -21.63 -13.53
CA SER C 168 40.99 -21.62 -14.99
C SER C 168 39.56 -21.56 -15.53
N GLY C 169 38.61 -22.18 -14.83
CA GLY C 169 37.22 -22.11 -15.24
C GLY C 169 36.53 -20.81 -14.91
N LEU C 170 37.16 -19.95 -14.13
CA LEU C 170 36.60 -18.63 -13.84
C LEU C 170 37.22 -17.54 -14.69
N LEU C 171 38.49 -17.71 -15.08
CA LEU C 171 39.13 -16.75 -15.96
C LEU C 171 38.50 -16.79 -17.35
N ILE C 172 38.26 -18.01 -17.87
CA ILE C 172 37.62 -18.15 -19.18
C ILE C 172 36.12 -17.99 -19.10
N THR C 173 35.56 -17.72 -17.92
CA THR C 173 34.19 -17.28 -17.80
C THR C 173 34.08 -15.76 -17.74
N PHE C 174 35.08 -15.10 -17.16
CA PHE C 174 35.08 -13.64 -17.11
C PHE C 174 35.35 -13.04 -18.48
N TRP C 175 36.11 -13.72 -19.33
CA TRP C 175 36.29 -13.21 -20.69
C TRP C 175 35.03 -13.38 -21.52
N LEU C 176 34.21 -14.39 -21.23
CA LEU C 176 32.98 -14.57 -21.97
C LEU C 176 31.94 -13.50 -21.63
N ILE C 177 32.07 -12.88 -20.47
CA ILE C 177 31.19 -11.78 -20.08
C ILE C 177 31.87 -10.44 -20.37
N VAL C 178 33.00 -10.46 -21.07
CA VAL C 178 33.50 -9.25 -21.70
C VAL C 178 33.61 -9.38 -23.21
N ILE C 179 33.60 -10.60 -23.76
CA ILE C 179 33.37 -10.76 -25.18
C ILE C 179 31.94 -10.41 -25.53
N PHE C 180 30.98 -10.87 -24.70
CA PHE C 180 29.58 -10.56 -24.92
C PHE C 180 29.28 -9.08 -24.71
N VAL C 181 30.04 -8.41 -23.85
CA VAL C 181 29.91 -6.96 -23.75
C VAL C 181 30.47 -6.30 -25.02
N THR C 182 31.59 -6.82 -25.52
CA THR C 182 32.19 -6.26 -26.74
C THR C 182 31.34 -6.56 -27.97
N CYS C 183 30.92 -7.82 -28.13
CA CYS C 183 30.10 -8.16 -29.30
C CYS C 183 28.66 -7.66 -29.21
N GLN C 184 28.23 -7.12 -28.08
CA GLN C 184 27.01 -6.34 -28.06
C GLN C 184 27.30 -4.85 -28.03
N TYR C 185 28.56 -4.46 -28.04
CA TYR C 185 28.94 -3.08 -28.30
C TYR C 185 29.22 -2.84 -29.76
N ILE C 186 29.77 -3.83 -30.46
CA ILE C 186 29.99 -3.73 -31.90
C ILE C 186 28.66 -3.68 -32.63
N GLU C 187 27.70 -4.51 -32.21
CA GLU C 187 26.36 -4.50 -32.81
C GLU C 187 25.62 -3.20 -32.50
N TYR C 188 25.90 -2.59 -31.35
CA TYR C 188 25.27 -1.32 -31.02
C TYR C 188 25.89 -0.13 -31.75
N THR C 189 26.94 -0.33 -32.55
CA THR C 189 27.49 0.73 -33.37
C THR C 189 27.35 0.46 -34.86
N ASN C 190 27.14 -0.79 -35.27
CA ASN C 190 26.99 -1.12 -36.68
C ASN C 190 25.56 -1.44 -37.05
N ALA C 191 24.60 -0.94 -36.28
CA ALA C 191 23.19 -1.07 -36.61
C ALA C 191 22.78 0.07 -37.52
N ALA C 192 21.48 0.27 -37.73
CA ALA C 192 21.03 1.32 -38.63
C ALA C 192 19.84 2.11 -38.10
N PHE C 193 19.43 1.89 -36.85
CA PHE C 193 18.29 2.59 -36.29
C PHE C 193 18.64 2.99 -34.86
N THR C 194 18.37 4.25 -34.53
CA THR C 194 18.88 4.83 -33.30
C THR C 194 17.93 4.55 -32.14
N ILE C 195 18.17 5.22 -31.01
CA ILE C 195 17.25 5.17 -29.89
C ILE C 195 15.98 5.95 -30.20
N SER C 196 16.06 6.95 -31.08
CA SER C 196 14.94 7.84 -31.36
C SER C 196 14.34 7.60 -32.74
N ASP C 197 14.41 6.37 -33.25
CA ASP C 197 13.71 6.03 -34.49
C ASP C 197 12.37 5.37 -34.19
N GLY C 198 11.48 6.15 -33.61
CA GLY C 198 10.13 5.68 -33.35
C GLY C 198 10.05 4.75 -32.16
N VAL C 199 9.34 3.64 -32.33
CA VAL C 199 9.20 2.67 -31.25
C VAL C 199 10.08 1.44 -31.47
N TYR C 200 10.32 1.05 -32.73
CA TYR C 200 11.15 -0.14 -32.96
C TYR C 200 12.61 0.13 -32.64
N GLY C 201 13.05 1.37 -32.67
CA GLY C 201 14.33 1.69 -32.10
C GLY C 201 14.29 2.05 -30.63
N SER C 202 13.13 1.89 -29.99
CA SER C 202 12.94 2.33 -28.61
C SER C 202 12.71 1.16 -27.66
N VAL C 203 11.73 0.30 -27.98
CA VAL C 203 11.51 -0.88 -27.15
C VAL C 203 12.61 -1.91 -27.37
N PHE C 204 13.33 -1.84 -28.49
CA PHE C 204 14.42 -2.75 -28.73
C PHE C 204 15.68 -2.33 -27.97
N TYR C 205 15.94 -1.03 -27.90
CA TYR C 205 17.12 -0.51 -27.21
C TYR C 205 16.84 -0.17 -25.76
N ALA C 206 15.85 -0.78 -25.17
CA ALA C 206 15.66 -0.75 -23.73
C ALA C 206 15.57 -2.13 -23.13
N GLY C 207 14.93 -3.07 -23.84
CA GLY C 207 14.93 -4.45 -23.38
C GLY C 207 16.27 -5.11 -23.52
N THR C 208 17.06 -4.69 -24.51
CA THR C 208 18.43 -5.17 -24.63
C THR C 208 19.44 -4.19 -24.07
N GLY C 209 19.09 -2.91 -23.95
CA GLY C 209 20.01 -1.96 -23.36
C GLY C 209 20.16 -2.17 -21.86
N LEU C 210 19.07 -2.53 -21.19
CA LEU C 210 19.15 -2.83 -19.77
C LEU C 210 19.86 -4.15 -19.52
N HIS C 211 19.63 -5.13 -20.39
CA HIS C 211 20.33 -6.40 -20.28
C HIS C 211 21.83 -6.26 -20.53
N PHE C 212 22.21 -5.34 -21.42
CA PHE C 212 23.63 -5.05 -21.60
C PHE C 212 24.21 -4.39 -20.36
N LEU C 213 23.42 -3.59 -19.65
CA LEU C 213 23.91 -2.94 -18.45
C LEU C 213 24.09 -3.94 -17.31
N HIS C 214 23.29 -5.00 -17.27
CA HIS C 214 23.45 -6.01 -16.24
C HIS C 214 24.67 -6.88 -16.48
N MET C 215 25.09 -7.04 -17.73
CA MET C 215 26.28 -7.84 -18.01
C MET C 215 27.56 -7.18 -17.55
N VAL C 216 27.56 -5.85 -17.47
CA VAL C 216 28.68 -5.16 -16.83
C VAL C 216 28.67 -5.47 -15.33
N MET C 217 27.49 -5.51 -14.73
CA MET C 217 27.38 -5.85 -13.32
C MET C 217 27.69 -7.31 -13.06
N LEU C 218 27.43 -8.18 -14.04
CA LEU C 218 27.78 -9.58 -13.86
C LEU C 218 29.26 -9.82 -14.06
N ALA C 219 29.91 -9.07 -14.96
CA ALA C 219 31.34 -9.23 -15.15
C ALA C 219 32.11 -8.65 -13.97
N ALA C 220 31.57 -7.64 -13.30
CA ALA C 220 32.21 -7.14 -12.09
C ALA C 220 32.00 -8.12 -10.94
N MET C 221 30.83 -8.74 -10.86
CA MET C 221 30.60 -9.74 -9.82
C MET C 221 31.43 -11.00 -10.06
N LEU C 222 31.72 -11.30 -11.32
CA LEU C 222 32.65 -12.38 -11.66
C LEU C 222 34.10 -11.94 -11.56
N GLY C 223 34.35 -10.67 -11.26
CA GLY C 223 35.70 -10.19 -11.11
C GLY C 223 36.20 -10.34 -9.70
N VAL C 224 35.33 -10.05 -8.73
CA VAL C 224 35.71 -10.17 -7.34
C VAL C 224 35.88 -11.63 -6.94
N ASN C 225 35.15 -12.53 -7.60
CA ASN C 225 35.32 -13.95 -7.30
C ASN C 225 36.64 -14.48 -7.84
N TYR C 226 37.19 -13.85 -8.87
CA TYR C 226 38.54 -14.22 -9.29
C TYR C 226 39.58 -13.64 -8.35
N TRP C 227 39.32 -12.44 -7.82
CA TRP C 227 40.22 -11.85 -6.85
C TRP C 227 40.20 -12.60 -5.53
N ARG C 228 39.02 -13.04 -5.10
CA ARG C 228 38.93 -13.74 -3.83
C ARG C 228 39.47 -15.15 -3.90
N MET C 229 39.31 -15.83 -5.04
CA MET C 229 39.86 -17.17 -5.15
C MET C 229 41.36 -17.15 -5.32
N ARG C 230 41.92 -16.06 -5.84
CA ARG C 230 43.37 -15.97 -5.91
C ARG C 230 43.97 -15.57 -4.57
N ASN C 231 43.22 -14.83 -3.76
CA ASN C 231 43.71 -14.33 -2.48
C ASN C 231 43.26 -15.19 -1.31
N TYR C 232 42.78 -16.42 -1.60
CA TYR C 232 42.41 -17.45 -0.62
C TYR C 232 41.31 -16.96 0.33
N HIS C 233 40.13 -16.76 -0.23
CA HIS C 233 38.96 -16.38 0.56
C HIS C 233 37.87 -17.43 0.58
N LEU C 234 37.41 -17.87 -0.59
CA LEU C 234 36.30 -18.80 -0.66
C LEU C 234 36.77 -20.21 -0.32
N THR C 235 36.12 -20.81 0.67
CA THR C 235 36.48 -22.15 1.12
C THR C 235 35.79 -23.19 0.24
N ALA C 236 35.85 -24.44 0.65
CA ALA C 236 35.19 -25.52 -0.07
C ALA C 236 33.78 -25.77 0.44
N GLY C 237 33.36 -25.10 1.50
CA GLY C 237 32.03 -25.32 2.03
C GLY C 237 31.32 -24.04 2.41
N HIS C 238 32.00 -22.90 2.29
CA HIS C 238 31.46 -21.61 2.67
C HIS C 238 31.77 -20.63 1.55
N HIS C 239 30.84 -20.47 0.62
CA HIS C 239 30.99 -19.50 -0.47
C HIS C 239 29.60 -18.99 -0.81
N VAL C 240 29.23 -17.86 -0.22
CA VAL C 240 27.96 -17.23 -0.58
C VAL C 240 28.18 -16.06 -1.53
N GLY C 241 29.41 -15.57 -1.65
CA GLY C 241 29.71 -14.59 -2.68
C GLY C 241 29.90 -15.18 -4.05
N TYR C 242 29.92 -16.51 -4.13
CA TYR C 242 30.03 -17.23 -5.39
C TYR C 242 28.74 -17.90 -5.79
N GLU C 243 28.01 -18.48 -4.85
CA GLU C 243 26.72 -19.08 -5.15
C GLU C 243 25.65 -18.03 -5.45
N THR C 244 25.87 -16.79 -5.04
CA THR C 244 25.06 -15.66 -5.47
C THR C 244 25.23 -15.37 -6.95
N THR C 245 26.45 -15.46 -7.49
CA THR C 245 26.73 -15.08 -8.85
C THR C 245 26.32 -16.14 -9.86
N ILE C 246 26.33 -17.42 -9.48
CA ILE C 246 25.84 -18.47 -10.36
C ILE C 246 24.33 -18.34 -10.58
N ILE C 247 23.61 -17.85 -9.58
CA ILE C 247 22.19 -17.57 -9.77
C ILE C 247 22.01 -16.42 -10.74
N TYR C 248 22.80 -15.36 -10.60
CA TYR C 248 22.75 -14.23 -11.52
C TYR C 248 23.25 -14.59 -12.92
N THR C 249 24.11 -15.60 -13.04
CA THR C 249 24.60 -15.98 -14.36
C THR C 249 23.57 -16.79 -15.13
N HIS C 250 22.92 -17.75 -14.47
CA HIS C 250 21.91 -18.55 -15.17
C HIS C 250 20.64 -17.77 -15.46
N VAL C 251 20.29 -16.80 -14.62
CA VAL C 251 19.05 -16.07 -14.84
C VAL C 251 19.24 -15.04 -15.96
N LEU C 252 20.49 -14.64 -16.21
CA LEU C 252 20.76 -13.78 -17.34
C LEU C 252 20.97 -14.58 -18.62
N ASP C 253 21.17 -15.89 -18.50
CA ASP C 253 21.10 -16.80 -19.64
C ASP C 253 19.71 -17.40 -19.78
N VAL C 254 18.72 -16.81 -19.13
CA VAL C 254 17.31 -17.13 -19.34
C VAL C 254 16.58 -15.98 -20.00
N ILE C 255 16.75 -14.76 -19.47
CA ILE C 255 16.09 -13.60 -20.07
C ILE C 255 16.77 -13.19 -21.35
N TRP C 256 18.01 -13.61 -21.60
CA TRP C 256 18.57 -13.43 -22.93
C TRP C 256 17.94 -14.40 -23.91
N LEU C 257 17.61 -15.61 -23.46
CA LEU C 257 16.95 -16.56 -24.33
C LEU C 257 15.48 -16.24 -24.55
N PHE C 258 14.94 -15.24 -23.86
CA PHE C 258 13.67 -14.65 -24.24
C PHE C 258 13.86 -13.44 -25.13
N LEU C 259 14.91 -12.66 -24.88
CA LEU C 259 15.26 -11.55 -25.77
C LEU C 259 15.64 -12.03 -27.16
N TYR C 260 16.26 -13.21 -27.27
CA TYR C 260 16.67 -13.68 -28.57
C TYR C 260 15.49 -14.23 -29.37
N VAL C 261 14.54 -14.89 -28.69
CA VAL C 261 13.42 -15.50 -29.40
C VAL C 261 12.34 -14.48 -29.74
N VAL C 262 12.32 -13.33 -29.07
CA VAL C 262 11.30 -12.32 -29.28
C VAL C 262 11.83 -11.15 -30.09
N PHE C 263 12.89 -10.50 -29.63
CA PHE C 263 13.36 -9.28 -30.27
C PHE C 263 14.10 -9.53 -31.58
N TYR C 264 14.51 -10.77 -31.84
CA TYR C 264 15.20 -11.09 -33.08
C TYR C 264 14.42 -12.04 -33.97
N TRP C 265 14.04 -13.21 -33.47
CA TRP C 265 13.38 -14.19 -34.33
C TRP C 265 11.91 -13.85 -34.55
N TRP C 266 11.19 -13.53 -33.48
CA TRP C 266 9.78 -13.17 -33.62
C TRP C 266 9.58 -11.78 -34.20
N GLY C 267 10.60 -10.92 -34.10
CA GLY C 267 10.46 -9.56 -34.61
C GLY C 267 10.51 -9.50 -36.13
N VAL C 268 11.49 -10.16 -36.73
CA VAL C 268 11.60 -10.15 -38.17
C VAL C 268 10.63 -11.15 -38.77
N VAL D 1 50.36 -18.78 20.52
CA VAL D 1 50.18 -19.66 21.66
C VAL D 1 48.72 -19.54 22.11
N VAL D 2 47.93 -18.85 21.28
CA VAL D 2 46.49 -18.75 21.53
C VAL D 2 45.81 -20.11 21.33
N LYS D 3 46.40 -20.99 20.52
CA LYS D 3 46.10 -22.42 20.48
C LYS D 3 44.65 -22.74 20.11
N THR D 4 44.32 -22.65 18.82
CA THR D 4 42.98 -22.90 18.30
C THR D 4 42.39 -24.24 18.75
N ALA D 5 41.07 -24.35 18.63
CA ALA D 5 40.29 -25.24 19.50
C ALA D 5 40.45 -26.71 19.11
N GLN D 6 40.07 -27.06 17.88
CA GLN D 6 39.94 -28.39 17.26
C GLN D 6 38.97 -29.33 17.99
N ASN D 7 38.29 -28.85 19.02
CA ASN D 7 37.17 -29.54 19.64
C ASN D 7 36.37 -28.52 20.44
N LEU D 8 35.11 -28.87 20.75
CA LEU D 8 34.21 -27.92 21.39
C LEU D 8 34.57 -27.65 22.84
N ALA D 9 35.28 -28.56 23.49
CA ALA D 9 35.51 -28.45 24.93
C ALA D 9 36.52 -27.39 25.31
N GLU D 10 37.30 -26.89 24.36
CA GLU D 10 38.41 -25.97 24.64
C GLU D 10 38.22 -24.72 23.80
N VAL D 11 37.46 -23.75 24.30
CA VAL D 11 37.23 -22.53 23.55
C VAL D 11 37.79 -21.31 24.27
N ASN D 12 37.38 -21.10 25.54
CA ASN D 12 37.84 -20.00 26.40
C ASN D 12 37.62 -18.60 25.79
N GLY D 13 36.64 -18.48 24.89
CA GLY D 13 36.31 -17.22 24.29
C GLY D 13 36.91 -17.02 22.91
N PRO D 14 36.78 -15.79 22.39
CA PRO D 14 37.13 -15.55 20.98
C PRO D 14 38.62 -15.49 20.70
N GLU D 15 39.48 -15.63 21.70
CA GLU D 15 40.91 -15.57 21.44
C GLU D 15 41.41 -16.83 20.77
N THR D 16 40.75 -17.97 21.02
CA THR D 16 41.24 -19.26 20.58
C THR D 16 40.37 -19.86 19.48
N LEU D 17 39.57 -19.06 18.80
CA LEU D 17 38.74 -19.54 17.70
C LEU D 17 39.28 -19.09 16.35
N ILE D 18 40.59 -18.87 16.24
CA ILE D 18 41.15 -18.30 15.03
C ILE D 18 41.26 -19.36 13.94
N GLY D 19 41.68 -20.56 14.29
CA GLY D 19 41.88 -21.59 13.30
C GLY D 19 43.33 -21.59 12.85
N PRO D 20 43.77 -22.68 12.24
CA PRO D 20 45.17 -22.79 11.84
C PRO D 20 45.47 -22.03 10.57
N GLY D 21 46.70 -22.17 10.07
CA GLY D 21 47.09 -21.42 8.90
C GLY D 21 46.46 -21.97 7.63
N ALA D 22 46.46 -21.15 6.59
CA ALA D 22 46.02 -21.58 5.27
C ALA D 22 47.21 -22.10 4.48
N LYS D 23 47.02 -23.23 3.81
CA LYS D 23 48.07 -23.74 2.95
C LYS D 23 48.03 -23.00 1.61
N GLU D 24 49.19 -22.93 0.97
CA GLU D 24 49.27 -22.30 -0.34
C GLU D 24 49.04 -23.34 -1.44
N GLY D 25 48.57 -22.87 -2.58
CA GLY D 25 48.32 -23.74 -3.70
C GLY D 25 47.12 -24.64 -3.56
N THR D 26 46.16 -24.32 -2.68
CA THR D 26 45.00 -25.17 -2.50
C THR D 26 43.82 -24.34 -2.01
N VAL D 27 42.69 -25.01 -1.90
CA VAL D 27 41.43 -24.41 -1.45
C VAL D 27 41.52 -24.36 0.08
N PRO D 28 40.81 -23.47 0.75
CA PRO D 28 40.53 -23.68 2.17
C PRO D 28 39.47 -24.76 2.32
N THR D 29 39.69 -25.68 3.26
CA THR D 29 38.80 -26.82 3.44
C THR D 29 37.77 -26.60 4.54
N ASP D 30 37.49 -25.34 4.90
CA ASP D 30 36.41 -24.85 5.76
C ASP D 30 36.66 -25.18 7.23
N LEU D 31 37.66 -25.99 7.52
CA LEU D 31 38.07 -26.28 8.88
C LEU D 31 39.25 -25.42 9.32
N ASP D 32 40.04 -24.95 8.37
CA ASP D 32 41.25 -24.20 8.67
C ASP D 32 41.11 -22.70 8.43
N GLN D 33 39.98 -22.24 7.90
CA GLN D 33 39.82 -20.84 7.57
C GLN D 33 38.47 -20.31 8.07
N GLU D 34 38.14 -20.62 9.29
CA GLU D 34 36.98 -19.98 9.88
C GLU D 34 37.46 -18.92 10.87
N THR D 35 36.53 -18.19 11.47
CA THR D 35 36.86 -16.94 12.14
C THR D 35 36.59 -16.95 13.64
N GLY D 36 35.45 -17.48 14.07
CA GLY D 36 35.13 -17.39 15.48
C GLY D 36 33.68 -17.31 15.89
N LEU D 37 32.76 -17.19 14.95
CA LEU D 37 31.36 -17.45 15.27
C LEU D 37 30.76 -18.55 14.43
N ALA D 38 31.04 -18.55 13.13
CA ALA D 38 30.73 -19.73 12.34
C ALA D 38 31.74 -20.83 12.59
N ARG D 39 32.90 -20.49 13.16
CA ARG D 39 33.85 -21.50 13.63
C ARG D 39 33.26 -22.30 14.78
N LEU D 40 32.52 -21.62 15.67
CA LEU D 40 31.96 -22.29 16.83
C LEU D 40 30.85 -23.24 16.44
N GLU D 41 29.98 -22.85 15.50
CA GLU D 41 28.91 -23.75 15.10
C GLU D 41 29.43 -24.87 14.22
N LEU D 42 30.60 -24.67 13.59
CA LEU D 42 31.21 -25.75 12.83
C LEU D 42 31.73 -26.84 13.77
N LEU D 43 32.33 -26.43 14.89
CA LEU D 43 32.74 -27.38 15.91
C LEU D 43 31.57 -28.14 16.51
N GLY D 44 30.42 -27.46 16.62
CA GLY D 44 29.22 -28.15 17.07
C GLY D 44 28.70 -29.14 16.05
N LYS D 45 28.74 -28.78 14.77
CA LYS D 45 28.27 -29.70 13.74
C LYS D 45 29.25 -30.85 13.53
N LEU D 46 30.53 -30.65 13.86
CA LEU D 46 31.45 -31.77 13.84
C LEU D 46 31.24 -32.72 15.00
N GLU D 47 30.62 -32.26 16.07
CA GLU D 47 30.06 -33.13 17.09
C GLU D 47 28.59 -33.36 16.76
N GLY D 48 27.86 -33.93 17.70
CA GLY D 48 26.45 -34.15 17.47
C GLY D 48 25.59 -33.00 17.94
N ILE D 49 26.07 -32.28 18.94
CA ILE D 49 25.25 -31.28 19.63
C ILE D 49 25.14 -30.03 18.77
N ASP D 50 23.92 -29.53 18.61
CA ASP D 50 23.70 -28.23 17.99
C ASP D 50 23.88 -27.17 19.06
N VAL D 51 24.54 -26.08 18.70
CA VAL D 51 24.90 -25.07 19.69
C VAL D 51 23.69 -24.19 20.00
N PHE D 52 23.01 -23.68 18.98
CA PHE D 52 21.86 -22.82 19.20
C PHE D 52 20.62 -23.66 19.41
N ASP D 53 19.87 -23.36 20.48
CA ASP D 53 18.70 -24.15 20.82
C ASP D 53 17.57 -23.80 19.88
N THR D 54 16.97 -24.82 19.26
CA THR D 54 15.73 -24.69 18.51
C THR D 54 14.89 -25.88 18.93
N LYS D 55 14.09 -25.69 19.99
CA LYS D 55 13.24 -26.74 20.52
C LYS D 55 11.98 -26.06 21.07
N PRO D 56 10.80 -26.53 20.69
CA PRO D 56 9.59 -26.09 21.36
C PRO D 56 9.56 -26.64 22.78
N LEU D 57 8.88 -25.91 23.66
CA LEU D 57 8.98 -26.17 25.08
C LEU D 57 8.19 -27.41 25.48
N ASP D 58 8.31 -27.78 26.75
CA ASP D 58 7.60 -28.94 27.28
C ASP D 58 6.11 -28.63 27.36
N SER D 59 5.33 -29.24 26.49
CA SER D 59 3.90 -29.07 26.44
C SER D 59 3.23 -30.43 26.52
N SER D 60 3.65 -31.24 27.48
CA SER D 60 3.06 -32.54 27.72
C SER D 60 2.37 -32.65 29.07
N ARG D 61 2.78 -31.86 30.04
CA ARG D 61 2.13 -31.84 31.35
C ARG D 61 1.72 -30.41 31.68
N LYS D 62 0.80 -30.28 32.62
CA LYS D 62 0.34 -28.96 33.02
C LYS D 62 1.30 -28.34 34.03
N GLY D 63 1.49 -28.99 35.17
CA GLY D 63 2.44 -28.51 36.14
C GLY D 63 1.84 -27.57 37.18
N THR D 64 1.82 -28.02 38.42
CA THR D 64 1.31 -27.24 39.52
C THR D 64 2.42 -26.35 40.07
N MET D 65 2.09 -25.55 41.09
CA MET D 65 3.11 -24.76 41.75
C MET D 65 4.02 -25.60 42.63
N LYS D 66 3.58 -26.80 43.01
CA LYS D 66 4.46 -27.74 43.70
C LYS D 66 5.41 -28.45 42.74
N ASP D 67 5.09 -28.47 41.46
CA ASP D 67 5.87 -29.21 40.45
C ASP D 67 5.87 -28.42 39.16
N PRO D 68 6.66 -27.36 39.07
CA PRO D 68 6.55 -26.45 37.94
C PRO D 68 7.28 -26.95 36.70
N ILE D 69 7.41 -26.10 35.70
CA ILE D 69 8.18 -26.38 34.49
C ILE D 69 9.40 -25.49 34.49
N ILE D 70 10.57 -26.09 34.35
CA ILE D 70 11.83 -25.35 34.36
C ILE D 70 12.22 -24.99 32.93
N ILE D 71 12.78 -23.80 32.76
CA ILE D 71 13.14 -23.28 31.43
C ILE D 71 14.55 -22.69 31.43
N GLU D 72 15.53 -23.50 31.03
CA GLU D 72 16.93 -23.12 31.17
C GLU D 72 17.30 -21.95 30.26
N SER D 73 17.83 -20.90 30.87
CA SER D 73 18.10 -19.65 30.17
C SER D 73 19.55 -19.22 30.28
N TYR D 74 19.84 -18.01 29.83
CA TYR D 74 21.11 -17.34 30.12
C TYR D 74 20.89 -15.91 30.57
N ASP D 75 19.64 -15.55 30.86
CA ASP D 75 19.26 -14.26 31.38
C ASP D 75 18.07 -14.49 32.30
N ASP D 76 17.32 -13.42 32.60
CA ASP D 76 16.24 -13.53 33.57
C ASP D 76 14.88 -13.19 33.00
N TYR D 77 14.71 -13.20 31.69
CA TYR D 77 13.41 -12.84 31.12
C TYR D 77 13.08 -13.70 29.89
N ARG D 78 13.26 -15.01 29.99
CA ARG D 78 12.99 -15.87 28.84
C ARG D 78 11.49 -15.98 28.60
N TYR D 79 11.03 -15.42 27.49
CA TYR D 79 9.60 -15.34 27.22
C TYR D 79 9.04 -16.69 26.79
N VAL D 80 7.86 -17.02 27.31
CA VAL D 80 7.26 -18.34 27.15
C VAL D 80 5.87 -18.20 26.56
N GLY D 81 5.59 -18.96 25.50
CA GLY D 81 4.24 -19.08 24.98
C GLY D 81 3.69 -20.46 25.30
N CYS D 82 2.50 -20.48 25.90
CA CYS D 82 2.01 -21.72 26.51
C CYS D 82 0.61 -22.05 26.00
N THR D 83 0.48 -22.27 24.70
CA THR D 83 -0.80 -22.45 24.03
C THR D 83 -1.62 -23.65 24.50
N GLY D 84 -1.12 -24.51 25.38
CA GLY D 84 -1.99 -25.52 25.94
C GLY D 84 -1.21 -26.68 26.51
N SER D 85 -1.96 -27.54 27.20
CA SER D 85 -1.36 -28.73 27.82
C SER D 85 -1.13 -29.88 26.82
N PRO D 86 -2.00 -30.13 25.79
CA PRO D 86 -1.52 -30.95 24.68
C PRO D 86 -1.02 -30.10 23.52
N ALA D 87 -0.74 -28.83 23.81
CA ALA D 87 -0.24 -27.80 22.89
C ALA D 87 -1.22 -27.47 21.78
N GLY D 88 -2.51 -27.76 22.00
CA GLY D 88 -3.54 -27.33 21.07
C GLY D 88 -4.83 -27.00 21.79
N SER D 89 -4.73 -26.74 23.10
CA SER D 89 -5.94 -26.59 23.90
C SER D 89 -6.55 -25.21 23.73
N HIS D 90 -5.82 -24.16 24.09
CA HIS D 90 -6.34 -22.81 24.02
C HIS D 90 -5.51 -21.98 23.07
N THR D 91 -5.77 -20.68 23.05
CA THR D 91 -4.98 -19.76 22.25
C THR D 91 -3.66 -19.49 22.95
N ILE D 92 -2.81 -18.69 22.32
CA ILE D 92 -1.49 -18.44 22.90
C ILE D 92 -1.60 -17.37 23.98
N MET D 93 -0.66 -17.41 24.91
CA MET D 93 -0.52 -16.38 25.94
C MET D 93 0.93 -16.32 26.37
N TRP D 94 1.50 -15.12 26.33
CA TRP D 94 2.93 -14.96 26.53
C TRP D 94 3.24 -14.58 27.96
N LEU D 95 4.28 -15.20 28.52
CA LEU D 95 4.66 -15.03 29.91
C LEU D 95 6.13 -14.66 30.01
N LYS D 96 6.49 -13.97 31.10
CA LYS D 96 7.89 -13.65 31.40
C LYS D 96 8.23 -14.20 32.78
N PRO D 97 8.56 -15.48 32.88
CA PRO D 97 8.98 -16.02 34.18
C PRO D 97 10.37 -15.58 34.56
N THR D 98 10.47 -14.63 35.48
CA THR D 98 11.77 -14.12 35.88
C THR D 98 12.31 -14.93 37.07
N VAL D 99 13.46 -14.51 37.59
CA VAL D 99 14.00 -15.13 38.78
C VAL D 99 13.13 -14.80 39.97
N ASN D 100 13.05 -15.75 40.91
CA ASN D 100 12.27 -15.74 42.17
C ASN D 100 10.83 -15.26 42.00
N GLU D 101 10.25 -15.49 40.81
CA GLU D 101 8.86 -15.13 40.54
C GLU D 101 8.41 -15.94 39.33
N VAL D 102 7.51 -16.88 39.57
CA VAL D 102 7.01 -17.75 38.50
C VAL D 102 5.96 -17.02 37.70
N ALA D 103 5.57 -17.57 36.55
CA ALA D 103 4.42 -17.14 35.80
C ALA D 103 3.36 -18.22 35.86
N ARG D 104 2.10 -17.83 35.72
CA ARG D 104 1.04 -18.71 36.20
C ARG D 104 -0.07 -19.05 35.21
N CYS D 105 -0.05 -18.53 33.98
CA CYS D 105 -0.92 -18.99 32.88
C CYS D 105 -2.41 -18.87 33.21
N TRP D 106 -2.90 -17.62 33.18
CA TRP D 106 -4.28 -17.33 33.59
C TRP D 106 -5.32 -18.15 32.84
N GLU D 107 -5.06 -18.54 31.60
CA GLU D 107 -5.99 -19.44 30.92
C GLU D 107 -5.77 -20.89 31.34
N CYS D 108 -4.59 -21.43 31.04
CA CYS D 108 -4.39 -22.89 31.16
C CYS D 108 -4.12 -23.30 32.60
N GLY D 109 -3.16 -22.66 33.25
CA GLY D 109 -2.82 -22.95 34.62
C GLY D 109 -1.42 -23.48 34.87
N SER D 110 -0.54 -23.47 33.88
CA SER D 110 0.81 -23.97 34.06
C SER D 110 1.64 -23.01 34.91
N VAL D 111 2.69 -23.55 35.52
CA VAL D 111 3.62 -22.77 36.35
C VAL D 111 5.02 -22.93 35.78
N TYR D 112 5.73 -21.82 35.62
CA TYR D 112 7.04 -21.81 34.98
C TYR D 112 8.08 -21.22 35.93
N LYS D 113 8.94 -22.07 36.47
CA LYS D 113 10.08 -21.62 37.26
C LYS D 113 11.28 -21.45 36.33
N LEU D 114 12.12 -20.46 36.63
CA LEU D 114 13.10 -20.04 35.64
C LEU D 114 14.31 -20.97 35.55
N ASN D 115 15.03 -21.18 36.68
CA ASN D 115 16.33 -21.89 36.74
C ASN D 115 17.30 -21.15 35.83
N PRO D 116 17.82 -19.99 36.28
CA PRO D 116 18.30 -18.98 35.33
C PRO D 116 19.57 -19.32 34.57
N VAL D 117 20.56 -19.94 35.21
CA VAL D 117 21.89 -20.23 34.63
C VAL D 117 22.58 -18.99 34.06
N ALA E 1 -9.73 -10.44 67.71
CA ALA E 1 -10.55 -10.02 66.59
C ALA E 1 -9.94 -8.82 65.87
N LEU E 2 -10.80 -7.88 65.46
CA LEU E 2 -10.36 -6.68 64.75
C LEU E 2 -11.33 -5.56 65.08
N SER E 3 -10.79 -4.34 65.17
CA SER E 3 -11.57 -3.21 65.68
C SER E 3 -12.61 -2.73 64.67
N ASN E 4 -13.77 -2.35 65.18
CA ASN E 4 -14.84 -1.84 64.32
C ASN E 4 -14.49 -0.47 63.76
N ALA E 5 -13.65 0.29 64.46
CA ALA E 5 -13.23 1.59 63.94
C ALA E 5 -12.19 1.46 62.85
N ALA E 6 -11.67 0.27 62.58
CA ALA E 6 -10.63 0.12 61.57
C ALA E 6 -11.20 0.06 60.17
N VAL E 7 -12.16 -0.84 59.94
CA VAL E 7 -12.66 -1.13 58.60
C VAL E 7 -14.04 -0.53 58.38
N MET E 8 -14.50 0.36 59.25
CA MET E 8 -15.80 0.97 59.07
C MET E 8 -15.78 1.92 57.89
N ASP E 9 -16.67 1.66 56.94
CA ASP E 9 -16.78 2.38 55.67
C ASP E 9 -15.45 2.38 54.92
N LEU E 10 -15.07 1.18 54.50
CA LEU E 10 -13.90 1.01 53.63
C LEU E 10 -14.31 1.18 52.16
N GLN E 11 -14.90 2.33 51.88
CA GLN E 11 -15.21 2.75 50.53
C GLN E 11 -14.44 4.02 50.18
N SER E 12 -14.51 5.03 51.03
CA SER E 12 -13.71 6.22 50.85
C SER E 12 -12.40 6.14 51.62
N ARG E 13 -12.31 5.29 52.64
CA ARG E 13 -11.09 5.25 53.42
C ARG E 13 -9.98 4.48 52.72
N TRP E 14 -10.29 3.66 51.73
CA TRP E 14 -9.25 2.82 51.12
C TRP E 14 -8.33 3.65 50.24
N GLU E 15 -8.89 4.48 49.38
CA GLU E 15 -8.09 5.55 48.80
C GLU E 15 -7.72 6.52 49.89
N ASN E 16 -6.55 7.15 49.73
CA ASN E 16 -5.82 7.96 50.71
C ASN E 16 -5.59 7.27 52.04
N MET E 17 -5.59 5.94 52.06
CA MET E 17 -5.00 5.21 53.17
C MET E 17 -3.52 5.06 52.89
N PRO E 18 -2.65 5.21 53.90
CA PRO E 18 -1.21 5.07 53.65
C PRO E 18 -0.82 3.66 53.27
N SER E 19 0.29 3.55 52.55
CA SER E 19 0.63 2.30 51.88
C SER E 19 1.07 1.22 52.87
N THR E 20 1.69 1.60 53.98
CA THR E 20 2.12 0.60 54.95
C THR E 20 0.96 0.07 55.79
N GLU E 21 -0.17 0.77 55.82
CA GLU E 21 -1.37 0.28 56.46
C GLU E 21 -2.30 -0.41 55.49
N GLN E 22 -2.23 -0.03 54.21
CA GLN E 22 -3.13 -0.57 53.18
C GLN E 22 -2.92 -2.06 53.00
N GLN E 23 -1.67 -2.51 53.02
CA GLN E 23 -1.38 -3.94 52.97
C GLN E 23 -1.29 -4.56 54.36
N ASP E 24 -1.53 -3.78 55.41
CA ASP E 24 -1.56 -4.34 56.76
C ASP E 24 -2.93 -4.84 57.14
N ILE E 25 -3.99 -4.14 56.71
CA ILE E 25 -5.33 -4.52 57.09
C ILE E 25 -5.77 -5.79 56.37
N VAL E 26 -5.18 -6.11 55.23
CA VAL E 26 -5.47 -7.38 54.58
C VAL E 26 -4.76 -8.53 55.30
N SER E 27 -3.60 -8.28 55.88
CA SER E 27 -2.91 -9.32 56.64
C SER E 27 -3.60 -9.59 57.96
N LYS E 28 -4.26 -8.59 58.53
CA LYS E 28 -5.15 -8.86 59.66
C LYS E 28 -6.41 -9.57 59.20
N LEU E 29 -6.86 -9.26 57.98
CA LEU E 29 -8.10 -9.87 57.48
C LEU E 29 -7.87 -11.31 57.04
N SER E 30 -6.84 -11.57 56.25
CA SER E 30 -6.63 -12.89 55.66
C SER E 30 -6.26 -13.94 56.69
N GLU E 31 -5.85 -13.54 57.88
CA GLU E 31 -5.73 -14.50 58.98
C GLU E 31 -7.10 -14.84 59.54
N ARG E 32 -8.04 -13.90 59.48
CA ARG E 32 -9.31 -14.07 60.17
C ARG E 32 -10.26 -14.96 59.39
N GLN E 33 -10.09 -15.08 58.07
CA GLN E 33 -10.99 -15.89 57.26
C GLN E 33 -10.69 -17.37 57.32
N LYS E 34 -9.83 -17.83 58.21
CA LYS E 34 -9.66 -19.26 58.46
C LYS E 34 -10.61 -19.73 59.55
N LEU E 35 -11.86 -19.34 59.43
CA LEU E 35 -12.89 -19.56 60.43
C LEU E 35 -14.21 -19.81 59.70
N PRO E 36 -15.13 -20.55 60.31
CA PRO E 36 -16.45 -20.70 59.69
C PRO E 36 -17.16 -19.36 59.62
N TRP E 37 -17.68 -19.06 58.43
CA TRP E 37 -18.19 -17.74 58.12
C TRP E 37 -19.52 -17.48 58.85
N ALA E 38 -20.06 -16.29 58.60
CA ALA E 38 -21.16 -15.66 59.35
C ALA E 38 -20.85 -15.52 60.84
N GLN E 39 -19.56 -15.52 61.19
CA GLN E 39 -19.09 -15.05 62.47
C GLN E 39 -18.29 -13.77 62.35
N LEU E 40 -17.98 -13.36 61.12
CA LEU E 40 -17.25 -12.13 60.91
C LEU E 40 -18.13 -10.93 61.19
N THR E 41 -17.49 -9.78 61.37
CA THR E 41 -18.21 -8.56 61.65
C THR E 41 -18.84 -8.06 60.35
N GLU E 42 -20.06 -7.54 60.44
CA GLU E 42 -20.81 -7.20 59.23
C GLU E 42 -20.21 -6.05 58.42
N PRO E 43 -19.68 -4.96 59.00
CA PRO E 43 -18.87 -4.06 58.16
C PRO E 43 -17.55 -4.66 57.74
N GLU E 44 -17.03 -5.64 58.48
CA GLU E 44 -15.82 -6.31 58.02
C GLU E 44 -16.10 -7.22 56.84
N LYS E 45 -17.30 -7.79 56.78
CA LYS E 45 -17.69 -8.62 55.65
C LYS E 45 -17.81 -7.78 54.38
N GLN E 46 -18.24 -6.52 54.51
CA GLN E 46 -18.26 -5.63 53.36
C GLN E 46 -16.87 -5.27 52.91
N ALA E 47 -15.95 -5.10 53.86
CA ALA E 47 -14.66 -4.49 53.57
C ALA E 47 -13.76 -5.36 52.73
N VAL E 48 -13.90 -6.68 52.83
CA VAL E 48 -13.04 -7.53 52.01
C VAL E 48 -13.53 -7.55 50.57
N TRP E 49 -14.80 -7.21 50.34
CA TRP E 49 -15.29 -7.14 48.98
C TRP E 49 -14.76 -5.92 48.25
N TYR E 50 -14.49 -4.82 48.97
CA TYR E 50 -13.92 -3.67 48.31
C TYR E 50 -12.45 -3.88 47.98
N ILE E 51 -11.75 -4.72 48.74
CA ILE E 51 -10.35 -4.95 48.47
C ILE E 51 -10.19 -5.84 47.24
N SER E 52 -10.95 -6.93 47.18
CA SER E 52 -10.74 -7.88 46.10
C SER E 52 -11.45 -7.49 44.82
N TYR E 53 -12.60 -6.81 44.91
CA TYR E 53 -13.36 -6.52 43.70
C TYR E 53 -13.86 -5.09 43.67
N GLY E 54 -13.06 -4.14 44.14
CA GLY E 54 -13.46 -2.75 44.16
C GLY E 54 -13.06 -2.01 42.91
N GLU E 55 -13.44 -0.75 42.88
CA GLU E 55 -13.14 0.15 41.76
C GLU E 55 -11.93 1.01 42.12
N TRP E 56 -10.76 0.38 42.19
CA TRP E 56 -9.56 1.07 42.62
C TRP E 56 -8.33 0.47 41.96
N GLY E 57 -7.53 1.31 41.31
CA GLY E 57 -6.39 0.82 40.57
C GLY E 57 -6.82 0.08 39.33
N PRO E 58 -6.70 -1.25 39.35
CA PRO E 58 -7.44 -2.07 38.39
C PRO E 58 -8.93 -1.99 38.67
N ARG E 59 -9.72 -2.38 37.66
CA ARG E 59 -11.18 -2.21 37.61
C ARG E 59 -11.62 -0.75 37.69
N ARG E 60 -10.70 0.19 37.50
CA ARG E 60 -11.07 1.56 37.29
C ARG E 60 -11.68 1.67 35.89
N PRO E 61 -12.69 2.51 35.71
CA PRO E 61 -13.24 2.70 34.38
C PRO E 61 -12.26 3.46 33.50
N VAL E 62 -12.46 3.30 32.18
CA VAL E 62 -11.58 3.97 31.24
C VAL E 62 -11.79 5.49 31.29
N LEU E 63 -13.02 5.92 31.55
CA LEU E 63 -13.33 7.32 31.79
C LEU E 63 -13.87 7.47 33.21
N ASN E 64 -13.48 8.54 33.88
CA ASN E 64 -13.91 8.78 35.24
C ASN E 64 -15.34 9.33 35.28
N LYS E 65 -15.77 9.85 36.42
CA LYS E 65 -17.11 10.39 36.51
C LYS E 65 -17.22 11.73 35.76
N GLY E 66 -16.14 12.49 35.70
CA GLY E 66 -16.19 13.78 35.05
C GLY E 66 -15.49 13.81 33.71
N ASP E 67 -15.71 12.79 32.88
CA ASP E 67 -15.06 12.72 31.58
C ASP E 67 -16.03 12.70 30.41
N SER E 68 -17.18 12.03 30.54
CA SER E 68 -18.16 12.03 29.47
C SER E 68 -18.81 13.39 29.31
N SER E 69 -18.88 14.17 30.38
CA SER E 69 -19.32 15.55 30.28
C SER E 69 -18.19 16.48 29.87
N PHE E 70 -16.94 16.04 29.97
CA PHE E 70 -15.82 16.82 29.46
C PHE E 70 -15.56 16.57 27.99
N ILE E 71 -15.87 15.36 27.50
CA ILE E 71 -15.65 15.05 26.10
C ILE E 71 -16.62 15.85 25.22
N ALA E 72 -17.88 15.94 25.63
CA ALA E 72 -18.82 16.77 24.91
C ALA E 72 -18.55 18.26 25.08
N LYS E 73 -17.81 18.65 26.11
CA LYS E 73 -17.42 20.04 26.29
C LYS E 73 -16.08 20.36 25.68
N GLY E 74 -15.53 19.47 24.88
CA GLY E 74 -14.31 19.75 24.14
C GLY E 74 -14.57 19.60 22.65
N VAL E 75 -15.54 18.76 22.30
CA VAL E 75 -15.90 18.58 20.91
C VAL E 75 -16.69 19.79 20.41
N ALA E 76 -17.71 20.20 21.17
CA ALA E 76 -18.52 21.35 20.77
C ALA E 76 -17.78 22.66 20.90
N ALA E 77 -16.68 22.70 21.66
CA ALA E 77 -15.78 23.84 21.68
C ALA E 77 -14.63 23.68 20.71
N GLY E 78 -14.69 22.66 19.87
CA GLY E 78 -13.76 22.50 18.77
C GLY E 78 -14.46 22.77 17.46
N LEU E 79 -15.75 22.41 17.40
CA LEU E 79 -16.56 22.79 16.25
C LEU E 79 -16.78 24.29 16.21
N LEU E 80 -17.23 24.88 17.32
CA LEU E 80 -17.50 26.31 17.42
C LEU E 80 -16.24 27.14 17.55
N PHE E 81 -15.06 26.54 17.40
CA PHE E 81 -13.82 27.26 17.18
C PHE E 81 -13.28 27.06 15.77
N SER E 82 -13.51 25.89 15.17
CA SER E 82 -13.07 25.67 13.81
C SER E 82 -13.89 26.49 12.81
N VAL E 83 -15.21 26.54 13.00
CA VAL E 83 -16.03 27.38 12.14
C VAL E 83 -15.77 28.86 12.44
N GLY E 84 -15.43 29.17 13.69
CA GLY E 84 -14.93 30.50 13.98
C GLY E 84 -13.58 30.77 13.35
N LEU E 85 -12.75 29.74 13.23
CA LEU E 85 -11.50 29.87 12.48
C LEU E 85 -11.74 29.76 10.99
N PHE E 86 -12.91 29.27 10.57
CA PHE E 86 -13.22 29.23 9.16
C PHE E 86 -13.54 30.62 8.62
N ALA E 87 -14.30 31.39 9.39
CA ALA E 87 -14.76 32.70 8.91
C ALA E 87 -13.63 33.73 8.87
N VAL E 88 -12.58 33.54 9.66
CA VAL E 88 -11.49 34.50 9.69
C VAL E 88 -10.69 34.44 8.39
N VAL E 89 -10.37 33.23 7.92
CA VAL E 89 -9.65 33.12 6.66
C VAL E 89 -10.62 33.25 5.49
N ARG E 90 -11.92 33.02 5.71
CA ARG E 90 -12.90 33.30 4.67
C ARG E 90 -13.08 34.78 4.47
N MET E 91 -12.89 35.57 5.54
CA MET E 91 -12.90 37.03 5.41
C MET E 91 -11.69 37.51 4.64
N ALA E 92 -10.50 37.22 5.14
CA ALA E 92 -9.26 37.61 4.46
C ALA E 92 -9.05 36.66 3.28
N GLY E 93 -9.68 37.00 2.17
CA GLY E 93 -9.58 36.18 0.99
C GLY E 93 -9.83 37.00 -0.26
N GLY E 94 -10.05 36.29 -1.36
CA GLY E 94 -10.27 36.93 -2.63
C GLY E 94 -11.69 37.43 -2.80
N GLN E 95 -11.89 38.19 -3.87
CA GLN E 95 -13.19 38.75 -4.19
C GLN E 95 -14.16 37.64 -4.57
N ASP E 96 -15.45 37.90 -4.34
CA ASP E 96 -16.48 36.92 -4.63
C ASP E 96 -16.67 36.74 -6.13
N ALA E 97 -17.46 35.73 -6.49
CA ALA E 97 -17.76 35.50 -7.89
C ALA E 97 -18.72 36.56 -8.41
N LYS E 98 -18.56 36.89 -9.69
CA LYS E 98 -19.39 37.93 -10.30
C LYS E 98 -20.80 37.42 -10.52
N THR E 99 -20.94 36.23 -11.07
CA THR E 99 -22.23 35.68 -11.45
C THR E 99 -22.98 35.02 -10.30
N MET E 100 -22.39 34.94 -9.12
CA MET E 100 -23.05 34.26 -8.03
C MET E 100 -24.14 35.10 -7.38
N ASN E 101 -24.05 36.43 -7.47
CA ASN E 101 -24.86 37.30 -6.65
C ASN E 101 -26.27 37.53 -7.19
N LYS E 102 -27.02 36.45 -7.41
CA LYS E 102 -28.48 36.42 -7.33
C LYS E 102 -29.20 37.15 -8.45
N GLU E 103 -28.50 37.94 -9.26
CA GLU E 103 -29.15 38.66 -10.34
C GLU E 103 -29.08 37.92 -11.66
N TRP E 104 -28.05 37.10 -11.83
CA TRP E 104 -27.99 36.22 -13.00
C TRP E 104 -29.05 35.13 -12.90
N GLN E 105 -29.25 34.62 -11.69
CA GLN E 105 -30.03 33.40 -11.50
C GLN E 105 -31.53 33.63 -11.65
N LEU E 106 -31.99 34.89 -11.61
CA LEU E 106 -33.40 35.13 -11.88
C LEU E 106 -33.72 34.97 -13.35
N LYS E 107 -32.76 35.21 -14.23
CA LYS E 107 -33.04 35.16 -15.66
C LYS E 107 -32.16 34.19 -16.42
N SER E 108 -31.23 33.50 -15.75
CA SER E 108 -30.64 32.33 -16.38
C SER E 108 -31.64 31.19 -16.45
N ASP E 109 -32.65 31.21 -15.57
CA ASP E 109 -33.77 30.30 -15.71
C ASP E 109 -34.55 30.57 -16.99
N GLU E 110 -34.70 31.85 -17.36
CA GLU E 110 -35.39 32.19 -18.60
C GLU E 110 -34.62 31.72 -19.82
N TYR E 111 -33.31 31.59 -19.72
CA TYR E 111 -32.57 30.90 -20.76
C TYR E 111 -32.87 29.41 -20.73
N LEU E 112 -32.96 28.83 -19.55
CA LEU E 112 -33.18 27.40 -19.42
C LEU E 112 -34.63 27.01 -19.70
N LYS E 113 -35.59 27.79 -19.21
CA LYS E 113 -37.00 27.48 -19.43
C LYS E 113 -37.38 27.65 -20.89
N SER E 114 -36.69 28.53 -21.62
CA SER E 114 -36.93 28.66 -23.05
C SER E 114 -36.43 27.45 -23.82
N LYS E 115 -35.49 26.69 -23.25
CA LYS E 115 -34.92 25.54 -23.93
C LYS E 115 -35.32 24.22 -23.32
N ASN E 116 -36.14 24.22 -22.27
CA ASN E 116 -36.68 23.03 -21.59
C ASN E 116 -35.55 22.12 -21.09
N ALA E 117 -34.77 22.67 -20.15
CA ALA E 117 -33.57 21.99 -19.72
C ALA E 117 -33.88 20.80 -18.82
N ASN E 118 -34.43 21.06 -17.64
CA ASN E 118 -34.69 19.99 -16.68
C ASN E 118 -36.19 19.81 -16.53
N PRO E 119 -36.81 18.85 -17.22
CA PRO E 119 -38.27 18.76 -17.18
C PRO E 119 -38.81 18.23 -15.86
N TRP E 120 -38.20 17.20 -15.31
CA TRP E 120 -38.44 16.83 -13.94
C TRP E 120 -37.31 17.41 -13.09
N GLY E 121 -37.27 17.06 -11.82
CA GLY E 121 -36.23 17.55 -10.94
C GLY E 121 -36.32 19.03 -10.68
N GLY E 122 -35.39 19.79 -11.28
CA GLY E 122 -35.39 21.22 -11.15
C GLY E 122 -34.22 21.89 -11.82
N TYR E 123 -34.48 23.01 -12.47
CA TYR E 123 -33.44 23.81 -13.11
C TYR E 123 -33.31 25.18 -12.44
N SER E 124 -33.65 25.25 -11.15
CA SER E 124 -33.99 26.52 -10.51
C SER E 124 -32.80 27.46 -10.39
N GLN E 125 -31.62 26.92 -10.09
CA GLN E 125 -30.32 27.61 -10.19
C GLN E 125 -30.21 28.81 -9.24
N VAL E 126 -31.13 28.98 -8.30
CA VAL E 126 -31.00 30.16 -7.46
C VAL E 126 -30.34 29.93 -6.11
N GLN E 127 -29.05 30.21 -6.07
CA GLN E 127 -28.27 30.11 -4.86
C GLN E 127 -27.63 31.47 -4.79
N SER E 128 -27.78 32.16 -3.68
CA SER E 128 -27.22 33.50 -3.62
C SER E 128 -25.85 33.53 -2.98
N GLU F 1 -19.35 -30.06 24.63
CA GLU F 1 -19.82 -31.00 23.64
C GLU F 1 -21.21 -31.49 24.01
N THR F 2 -21.48 -31.56 25.31
CA THR F 2 -22.77 -31.99 25.83
C THR F 2 -23.08 -31.00 26.96
N PHE F 3 -24.05 -31.32 27.81
CA PHE F 3 -24.26 -30.57 29.04
C PHE F 3 -23.95 -31.38 30.28
N GLU F 4 -24.28 -32.67 30.30
CA GLU F 4 -23.87 -33.52 31.41
C GLU F 4 -22.38 -33.76 31.40
N GLU F 5 -21.75 -33.72 30.24
CA GLU F 5 -20.31 -33.78 30.13
C GLU F 5 -19.64 -32.45 30.47
N PHE F 6 -20.41 -31.38 30.59
CA PHE F 6 -19.90 -30.13 31.13
C PHE F 6 -19.87 -30.14 32.65
N THR F 7 -20.81 -30.84 33.28
CA THR F 7 -20.83 -30.92 34.74
C THR F 7 -19.67 -31.75 35.26
N ALA F 8 -19.52 -32.97 34.74
CA ALA F 8 -18.45 -33.85 35.18
C ALA F 8 -17.09 -33.48 34.59
N ARG F 9 -16.98 -32.36 33.89
CA ARG F 9 -15.69 -31.75 33.61
C ARG F 9 -15.32 -30.67 34.61
N TYR F 10 -16.31 -30.00 35.19
CA TYR F 10 -16.04 -28.96 36.17
C TYR F 10 -16.35 -29.39 37.60
N GLU F 11 -16.99 -30.53 37.78
CA GLU F 11 -17.07 -31.12 39.10
C GLU F 11 -15.76 -31.76 39.50
N LYS F 12 -14.88 -32.03 38.53
CA LYS F 12 -13.53 -32.51 38.80
C LYS F 12 -12.56 -31.38 39.06
N GLU F 13 -12.65 -30.30 38.28
CA GLU F 13 -11.67 -29.23 38.36
C GLU F 13 -11.79 -28.41 39.64
N PHE F 14 -12.96 -28.39 40.27
CA PHE F 14 -13.11 -27.77 41.57
C PHE F 14 -12.74 -28.71 42.71
N ASP F 15 -12.40 -29.96 42.40
CA ASP F 15 -11.90 -30.90 43.39
C ASP F 15 -10.39 -30.99 43.36
N GLU F 16 -9.74 -30.31 42.43
CA GLU F 16 -8.28 -30.20 42.39
C GLU F 16 -7.95 -28.72 42.15
N ALA F 17 -7.88 -27.96 43.23
CA ALA F 17 -7.67 -26.53 43.04
C ALA F 17 -6.54 -25.96 43.88
N TYR F 18 -6.41 -26.39 45.13
CA TYR F 18 -5.23 -26.21 45.99
C TYR F 18 -4.78 -24.77 46.26
N ASP F 19 -5.44 -23.76 45.69
CA ASP F 19 -4.89 -22.41 45.67
C ASP F 19 -5.96 -21.44 45.22
N LEU F 20 -5.73 -20.16 45.54
CA LEU F 20 -6.66 -19.12 45.14
C LEU F 20 -6.59 -18.84 43.64
N PHE F 21 -5.41 -18.95 43.05
CA PHE F 21 -5.28 -18.71 41.61
C PHE F 21 -6.00 -19.77 40.82
N GLU F 22 -5.95 -21.02 41.26
CA GLU F 22 -6.63 -22.10 40.57
C GLU F 22 -8.05 -22.32 41.07
N VAL F 23 -8.66 -21.31 41.67
CA VAL F 23 -10.10 -21.25 41.85
C VAL F 23 -10.72 -20.14 41.01
N GLN F 24 -10.14 -18.95 41.08
CA GLN F 24 -10.61 -17.83 40.28
C GLN F 24 -10.35 -18.04 38.80
N ARG F 25 -9.38 -18.88 38.43
CA ARG F 25 -9.20 -19.24 37.03
C ARG F 25 -10.27 -20.24 36.58
N VAL F 26 -10.51 -21.28 37.40
CA VAL F 26 -11.48 -22.30 37.03
C VAL F 26 -12.88 -21.75 37.07
N LEU F 27 -13.16 -20.81 37.98
CA LEU F 27 -14.44 -20.14 37.95
C LEU F 27 -14.57 -19.18 36.77
N ASN F 28 -13.44 -18.71 36.22
CA ASN F 28 -13.51 -17.76 35.12
C ASN F 28 -13.94 -18.45 33.84
N ASN F 29 -13.33 -19.59 33.51
CA ASN F 29 -13.76 -20.36 32.36
C ASN F 29 -14.81 -21.40 32.72
N CYS F 30 -15.53 -21.21 33.83
CA CYS F 30 -16.78 -21.90 34.06
C CYS F 30 -17.99 -21.08 33.66
N PHE F 31 -17.84 -19.76 33.66
CA PHE F 31 -18.90 -18.86 33.22
C PHE F 31 -18.63 -18.27 31.84
N SER F 32 -17.41 -18.40 31.33
CA SER F 32 -17.09 -17.84 30.02
C SER F 32 -17.49 -18.76 28.88
N TYR F 33 -18.12 -19.90 29.16
CA TYR F 33 -18.69 -20.72 28.11
C TYR F 33 -20.06 -20.15 27.73
N ASP F 34 -20.79 -20.87 26.88
CA ASP F 34 -22.10 -20.39 26.45
C ASP F 34 -23.13 -20.51 27.56
N LEU F 35 -23.39 -21.73 28.02
CA LEU F 35 -24.46 -21.97 28.97
C LEU F 35 -24.04 -21.61 30.38
N VAL F 36 -25.02 -21.26 31.20
CA VAL F 36 -24.82 -21.11 32.64
C VAL F 36 -24.96 -22.52 33.23
N PRO F 37 -24.11 -22.90 34.18
CA PRO F 37 -24.12 -24.29 34.64
C PRO F 37 -25.30 -24.60 35.55
N ALA F 38 -25.58 -25.89 35.67
CA ALA F 38 -26.51 -26.43 36.63
C ALA F 38 -25.99 -26.19 38.05
N PRO F 39 -26.87 -26.20 39.06
CA PRO F 39 -26.39 -25.91 40.42
C PRO F 39 -25.51 -26.99 41.02
N ALA F 40 -25.49 -28.20 40.45
CA ALA F 40 -24.53 -29.21 40.90
C ALA F 40 -23.09 -28.79 40.60
N VAL F 41 -22.89 -28.00 39.55
CA VAL F 41 -21.57 -27.43 39.29
C VAL F 41 -21.27 -26.32 40.27
N ILE F 42 -22.22 -25.40 40.45
CA ILE F 42 -21.98 -24.21 41.24
C ILE F 42 -21.94 -24.50 42.73
N GLU F 43 -22.41 -25.68 43.15
CA GLU F 43 -22.25 -26.10 44.54
C GLU F 43 -20.78 -26.37 44.84
N LYS F 44 -20.06 -26.97 43.89
CA LYS F 44 -18.64 -27.21 44.12
C LYS F 44 -17.84 -25.92 44.13
N ALA F 45 -18.29 -24.90 43.40
CA ALA F 45 -17.56 -23.63 43.35
C ALA F 45 -17.61 -22.92 44.69
N LEU F 46 -18.74 -23.01 45.39
CA LEU F 46 -18.82 -22.47 46.73
C LEU F 46 -18.00 -23.30 47.70
N ARG F 47 -18.03 -24.62 47.53
CA ARG F 47 -17.29 -25.50 48.41
C ARG F 47 -15.79 -25.36 48.20
N ALA F 48 -15.36 -25.06 46.97
CA ALA F 48 -13.95 -24.88 46.69
C ALA F 48 -13.44 -23.50 47.09
N ALA F 49 -14.30 -22.62 47.60
CA ALA F 49 -13.81 -21.41 48.23
C ALA F 49 -13.42 -21.65 49.68
N ARG F 50 -14.07 -22.62 50.33
CA ARG F 50 -13.67 -22.97 51.69
C ARG F 50 -12.40 -23.80 51.70
N ARG F 51 -12.09 -24.46 50.60
CA ARG F 51 -10.80 -25.13 50.47
C ARG F 51 -9.66 -24.13 50.47
N VAL F 52 -9.89 -22.92 49.94
CA VAL F 52 -8.85 -21.92 49.86
C VAL F 52 -9.06 -20.78 50.84
N ASN F 53 -10.19 -20.76 51.55
CA ASN F 53 -10.51 -19.77 52.59
C ASN F 53 -10.48 -18.34 52.06
N ASP F 54 -11.38 -18.06 51.13
CA ASP F 54 -11.52 -16.70 50.61
C ASP F 54 -13.01 -16.42 50.44
N LEU F 55 -13.49 -15.39 51.14
CA LEU F 55 -14.93 -15.10 51.10
C LEU F 55 -15.40 -14.34 49.87
N PRO F 56 -14.76 -13.23 49.43
CA PRO F 56 -15.34 -12.49 48.29
C PRO F 56 -15.28 -13.22 46.95
N THR F 57 -14.49 -14.28 46.82
CA THR F 57 -14.63 -15.09 45.62
C THR F 57 -15.82 -16.02 45.70
N ALA F 58 -16.45 -16.16 46.87
CA ALA F 58 -17.72 -16.86 46.96
C ALA F 58 -18.89 -15.90 46.92
N ILE F 59 -18.64 -14.59 46.98
CA ILE F 59 -19.71 -13.63 46.81
C ILE F 59 -19.91 -13.34 45.32
N ARG F 60 -18.82 -13.31 44.54
CA ARG F 60 -18.93 -13.05 43.11
C ARG F 60 -19.55 -14.19 42.34
N VAL F 61 -19.64 -15.38 42.95
CA VAL F 61 -20.43 -16.45 42.37
C VAL F 61 -21.87 -16.03 42.24
N PHE F 62 -22.45 -15.52 43.32
CA PHE F 62 -23.82 -15.06 43.29
C PHE F 62 -23.97 -13.68 42.67
N GLU F 63 -22.87 -13.01 42.32
CA GLU F 63 -22.96 -11.80 41.54
C GLU F 63 -22.84 -12.07 40.05
N ALA F 64 -22.11 -13.12 39.67
CA ALA F 64 -22.07 -13.53 38.27
C ALA F 64 -23.24 -14.41 37.90
N LEU F 65 -23.84 -15.09 38.89
CA LEU F 65 -25.04 -15.88 38.60
C LEU F 65 -26.22 -14.99 38.27
N LYS F 66 -26.23 -13.76 38.78
CA LYS F 66 -27.31 -12.84 38.45
C LYS F 66 -27.19 -12.32 37.03
N TYR F 67 -25.96 -12.13 36.54
CA TYR F 67 -25.81 -11.57 35.21
C TYR F 67 -26.07 -12.61 34.12
N LYS F 68 -25.63 -13.84 34.32
CA LYS F 68 -25.68 -14.87 33.30
C LYS F 68 -26.91 -15.77 33.47
N VAL F 69 -28.05 -15.21 33.84
CA VAL F 69 -29.19 -16.02 34.19
C VAL F 69 -30.32 -15.96 33.15
N GLU F 70 -30.35 -14.91 32.31
CA GLU F 70 -31.20 -14.74 31.12
C GLU F 70 -32.69 -14.51 31.45
N ASN F 71 -33.08 -14.65 32.72
CA ASN F 71 -34.46 -14.47 33.12
C ASN F 71 -34.47 -14.28 34.63
N GLU F 72 -35.22 -13.28 35.09
CA GLU F 72 -35.18 -12.91 36.51
C GLU F 72 -35.77 -13.97 37.42
N ASP F 73 -36.71 -14.79 36.93
CA ASP F 73 -37.24 -15.86 37.75
C ASP F 73 -36.21 -16.95 37.98
N GLN F 74 -35.36 -17.21 36.99
CA GLN F 74 -34.34 -18.25 37.13
C GLN F 74 -33.29 -17.90 38.16
N TYR F 75 -33.07 -16.61 38.39
CA TYR F 75 -32.20 -16.21 39.49
C TYR F 75 -32.84 -16.52 40.83
N LYS F 76 -34.16 -16.51 40.90
CA LYS F 76 -34.86 -16.91 42.11
C LYS F 76 -35.03 -18.42 42.22
N ALA F 77 -34.75 -19.17 41.16
CA ALA F 77 -34.80 -20.62 41.24
C ALA F 77 -33.44 -21.24 41.50
N TYR F 78 -32.36 -20.54 41.14
CA TYR F 78 -31.03 -21.00 41.53
C TYR F 78 -30.79 -20.79 43.00
N LEU F 79 -31.24 -19.64 43.54
CA LEU F 79 -31.08 -19.36 44.95
C LEU F 79 -31.91 -20.30 45.81
N ASP F 80 -33.12 -20.62 45.36
CA ASP F 80 -33.99 -21.52 46.11
C ASP F 80 -33.46 -22.94 46.08
N GLU F 81 -32.81 -23.35 44.98
CA GLU F 81 -32.20 -24.67 44.98
C GLU F 81 -30.98 -24.73 45.88
N LEU F 82 -30.27 -23.61 46.04
CA LEU F 82 -29.17 -23.53 46.99
C LEU F 82 -29.69 -23.07 48.34
N LYS F 83 -30.51 -23.96 48.92
CA LYS F 83 -31.13 -23.69 50.22
C LYS F 83 -30.08 -23.70 51.32
N ASP F 84 -29.27 -24.75 51.38
CA ASP F 84 -28.41 -25.03 52.52
C ASP F 84 -26.98 -24.56 52.33
N VAL F 85 -26.45 -24.63 51.11
CA VAL F 85 -25.04 -24.41 50.86
C VAL F 85 -24.71 -22.93 51.04
N ARG F 86 -25.67 -22.07 50.74
CA ARG F 86 -25.53 -20.66 51.08
C ARG F 86 -25.68 -20.41 52.57
N GLN F 87 -26.34 -21.31 53.30
CA GLN F 87 -26.60 -21.12 54.71
C GLN F 87 -25.64 -21.87 55.61
N GLU F 88 -25.18 -23.05 55.21
CA GLU F 88 -24.22 -23.79 56.01
C GLU F 88 -22.86 -23.08 56.01
N LEU F 89 -22.43 -22.62 54.82
CA LEU F 89 -21.19 -21.84 54.74
C LEU F 89 -21.37 -20.47 55.37
N GLY F 90 -22.38 -19.74 54.93
CA GLY F 90 -22.66 -18.42 55.46
C GLY F 90 -22.37 -17.26 54.53
N VAL F 91 -22.00 -17.54 53.29
CA VAL F 91 -21.75 -16.45 52.34
C VAL F 91 -23.08 -15.80 51.96
N PRO F 92 -23.19 -14.48 52.03
CA PRO F 92 -24.44 -13.81 51.69
C PRO F 92 -24.44 -13.31 50.25
N LEU F 93 -25.62 -12.88 49.81
CA LEU F 93 -25.73 -12.22 48.51
C LEU F 93 -25.15 -10.81 48.59
N LYS F 94 -24.80 -10.27 47.43
CA LYS F 94 -24.25 -8.92 47.41
C LYS F 94 -25.33 -7.87 47.65
N GLU F 95 -26.56 -8.13 47.22
CA GLU F 95 -27.64 -7.17 47.43
C GLU F 95 -28.05 -7.10 48.90
N GLU F 96 -28.02 -8.25 49.59
CA GLU F 96 -28.29 -8.26 51.02
C GLU F 96 -27.17 -7.58 51.79
N LEU F 97 -25.93 -7.65 51.29
CA LEU F 97 -24.85 -6.91 51.92
C LEU F 97 -25.03 -5.42 51.73
N PHE F 98 -25.50 -5.02 50.54
CA PHE F 98 -25.65 -3.63 50.12
C PHE F 98 -24.36 -2.83 50.30
N PRO F 99 -23.28 -3.18 49.56
CA PRO F 99 -21.97 -2.60 49.82
C PRO F 99 -21.74 -1.26 49.12
N ASN G 1 46.22 -17.24 2.30
CA ASN G 1 47.47 -16.50 2.32
C ASN G 1 47.45 -15.45 3.42
N LYS G 2 47.00 -14.25 3.07
CA LYS G 2 46.97 -13.11 3.98
C LYS G 2 45.64 -12.98 4.71
N VAL G 3 44.99 -14.10 5.01
CA VAL G 3 43.66 -14.07 5.59
C VAL G 3 43.69 -14.35 7.10
N ILE G 4 44.61 -15.20 7.57
CA ILE G 4 44.66 -15.47 9.00
C ILE G 4 45.31 -14.32 9.75
N GLN G 5 46.23 -13.60 9.12
CA GLN G 5 46.80 -12.42 9.75
C GLN G 5 45.78 -11.30 9.80
N LEU G 6 44.96 -11.18 8.76
CA LEU G 6 43.86 -10.22 8.77
C LEU G 6 42.73 -10.66 9.69
N GLN G 7 42.69 -11.92 10.09
CA GLN G 7 41.77 -12.31 11.14
C GLN G 7 42.27 -11.85 12.50
N LYS G 8 43.59 -11.85 12.71
CA LYS G 8 44.14 -11.38 13.97
C LYS G 8 44.03 -9.88 14.13
N ILE G 9 43.95 -9.13 13.03
CA ILE G 9 43.84 -7.68 13.13
C ILE G 9 42.40 -7.25 13.33
N PHE G 10 41.49 -7.76 12.50
CA PHE G 10 40.11 -7.29 12.52
C PHE G 10 39.37 -7.78 13.76
N GLN G 11 39.72 -8.96 14.27
CA GLN G 11 39.32 -9.33 15.62
C GLN G 11 40.27 -8.70 16.61
N SER G 12 39.71 -8.21 17.73
CA SER G 12 40.45 -7.59 18.84
C SER G 12 41.26 -6.37 18.37
N SER G 13 40.54 -5.34 17.96
CA SER G 13 41.15 -4.05 17.66
C SER G 13 40.39 -2.88 18.27
N THR G 14 39.08 -3.03 18.46
CA THR G 14 38.15 -2.04 19.01
C THR G 14 38.17 -0.71 18.26
N LYS G 15 38.53 -0.74 17.00
CA LYS G 15 38.39 0.39 16.08
C LYS G 15 37.11 0.21 15.27
N PRO G 16 36.63 1.28 14.63
CA PRO G 16 35.56 1.09 13.63
C PRO G 16 36.03 0.19 12.50
N LEU G 17 35.09 -0.62 12.00
CA LEU G 17 35.42 -1.76 11.14
C LEU G 17 36.01 -1.32 9.80
N TRP G 18 35.48 -0.23 9.24
CA TRP G 18 35.97 0.28 7.97
C TRP G 18 37.35 0.92 8.09
N TRP G 19 37.77 1.23 9.32
CA TRP G 19 39.10 1.77 9.58
C TRP G 19 40.12 0.70 9.93
N ARG G 20 39.71 -0.56 10.05
CA ARG G 20 40.53 -1.53 10.77
C ARG G 20 41.74 -2.00 9.96
N HIS G 21 41.64 -1.98 8.64
CA HIS G 21 42.78 -2.38 7.82
C HIS G 21 43.85 -1.29 7.86
N PRO G 22 45.14 -1.67 7.78
CA PRO G 22 46.18 -0.64 7.71
C PRO G 22 46.15 0.16 6.41
N ARG G 23 45.66 -0.44 5.33
CA ARG G 23 45.56 0.24 4.02
C ARG G 23 44.24 0.98 3.90
N SER G 24 43.89 1.76 4.91
CA SER G 24 42.62 2.48 4.92
C SER G 24 42.79 3.96 5.16
N ALA G 25 43.99 4.44 5.50
CA ALA G 25 44.20 5.87 5.63
C ALA G 25 44.19 6.55 4.27
N LEU G 26 44.65 5.87 3.23
CA LEU G 26 44.65 6.45 1.89
C LEU G 26 43.44 6.04 1.08
N TYR G 27 42.42 5.45 1.71
CA TYR G 27 41.14 5.24 1.06
C TYR G 27 40.13 6.30 1.47
N LEU G 28 39.90 6.45 2.77
CA LEU G 28 38.81 7.30 3.24
C LEU G 28 39.18 8.78 3.27
N TYR G 29 40.46 9.10 3.48
CA TYR G 29 40.89 10.49 3.43
C TYR G 29 40.77 11.11 2.04
N PRO G 30 41.05 10.41 0.93
CA PRO G 30 40.59 10.94 -0.35
C PRO G 30 39.09 10.83 -0.53
N PHE G 31 38.46 9.80 0.02
CA PHE G 31 37.03 9.60 -0.23
C PHE G 31 36.19 10.65 0.49
N TYR G 32 36.59 11.05 1.69
CA TYR G 32 35.85 12.11 2.37
C TYR G 32 36.09 13.46 1.73
N ALA G 33 37.17 13.62 0.96
CA ALA G 33 37.37 14.85 0.22
C ALA G 33 36.42 14.94 -0.96
N ILE G 34 36.41 13.92 -1.83
CA ILE G 34 35.60 13.98 -3.03
C ILE G 34 34.12 13.71 -2.79
N PHE G 35 33.75 13.30 -1.58
CA PHE G 35 32.33 13.18 -1.27
C PHE G 35 31.77 14.52 -0.81
N ALA G 36 32.54 15.28 -0.04
CA ALA G 36 32.09 16.59 0.40
C ALA G 36 32.09 17.60 -0.73
N VAL G 37 32.84 17.37 -1.80
CA VAL G 37 32.75 18.22 -2.97
C VAL G 37 31.50 17.88 -3.78
N ALA G 38 31.27 16.60 -4.02
CA ALA G 38 30.22 16.15 -4.91
C ALA G 38 28.82 16.19 -4.29
N VAL G 39 28.68 16.61 -3.04
CA VAL G 39 27.37 16.66 -2.40
C VAL G 39 26.88 18.09 -2.18
N VAL G 40 27.76 19.08 -2.26
CA VAL G 40 27.37 20.47 -2.07
C VAL G 40 27.17 21.18 -3.40
N THR G 41 27.97 20.86 -4.42
CA THR G 41 27.78 21.48 -5.73
C THR G 41 26.47 21.13 -6.43
N PRO G 42 25.79 20.00 -6.19
CA PRO G 42 24.38 19.97 -6.60
C PRO G 42 23.49 20.88 -5.78
N LEU G 43 23.76 21.02 -4.48
CA LEU G 43 22.94 21.90 -3.66
C LEU G 43 23.22 23.36 -3.95
N LEU G 44 24.43 23.68 -4.39
CA LEU G 44 24.79 25.07 -4.64
C LEU G 44 24.17 25.59 -5.92
N TYR G 45 23.89 24.71 -6.87
CA TYR G 45 23.24 25.11 -8.12
C TYR G 45 21.74 25.24 -7.99
N ILE G 46 21.17 24.89 -6.83
CA ILE G 46 19.73 24.94 -6.64
C ILE G 46 19.15 26.36 -6.64
N PRO G 47 19.59 27.34 -5.82
CA PRO G 47 18.86 28.61 -5.79
C PRO G 47 19.08 29.47 -7.02
N ASN G 48 20.11 29.22 -7.81
CA ASN G 48 20.24 29.89 -9.09
C ASN G 48 19.30 29.28 -10.13
N ALA G 49 19.12 27.96 -10.10
CA ALA G 49 18.27 27.30 -11.07
C ALA G 49 16.79 27.48 -10.77
N ILE G 50 16.44 27.83 -9.53
CA ILE G 50 15.05 28.13 -9.23
C ILE G 50 14.64 29.44 -9.90
N ARG G 51 15.53 30.44 -9.86
CA ARG G 51 15.24 31.72 -10.48
C ARG G 51 15.25 31.61 -12.00
N GLY G 52 16.07 30.74 -12.57
CA GLY G 52 16.05 30.52 -13.99
C GLY G 52 17.25 31.04 -14.74
N ILE G 53 18.43 30.92 -14.15
CA ILE G 53 19.68 31.32 -14.81
C ILE G 53 20.48 30.06 -15.10
N LYS G 54 20.71 29.79 -16.37
CA LYS G 54 21.46 28.62 -16.81
C LYS G 54 22.71 29.06 -17.56
N ALA G 55 23.42 28.10 -18.12
CA ALA G 55 24.67 28.37 -18.81
C ALA G 55 24.44 29.04 -20.16
N VAL H 1 20.71 5.07 19.01
CA VAL H 1 20.77 4.79 20.43
C VAL H 1 21.21 3.35 20.59
N HIS H 2 22.51 3.14 20.74
CA HIS H 2 23.05 1.81 20.88
C HIS H 2 23.40 1.44 22.31
N PHE H 3 23.43 2.42 23.22
CA PHE H 3 23.69 2.16 24.63
C PHE H 3 22.76 3.01 25.47
N LYS H 4 22.71 2.68 26.75
CA LYS H 4 21.98 3.42 27.79
C LYS H 4 20.49 3.53 27.46
N ASP H 5 19.83 2.39 27.48
CA ASP H 5 18.38 2.34 27.31
C ASP H 5 17.69 2.99 28.49
N GLY H 6 16.57 3.63 28.22
CA GLY H 6 15.83 4.32 29.27
C GLY H 6 14.57 4.93 28.70
N VAL H 7 13.84 5.63 29.57
CA VAL H 7 12.50 6.10 29.20
C VAL H 7 12.57 7.23 28.18
N TYR H 8 13.46 8.20 28.38
CA TYR H 8 13.63 9.29 27.43
C TYR H 8 14.84 9.11 26.53
N GLU H 9 15.44 7.92 26.53
CA GLU H 9 16.72 7.74 25.86
C GLU H 9 16.60 7.12 24.47
N ASN H 10 15.49 6.47 24.14
CA ASN H 10 15.34 5.83 22.85
C ASN H 10 14.80 6.77 21.78
N ILE H 11 14.75 8.06 22.05
CA ILE H 11 14.23 9.06 21.11
C ILE H 11 15.39 9.95 20.70
N PRO H 12 15.54 10.28 19.41
CA PRO H 12 16.61 11.21 19.01
C PRO H 12 16.37 12.67 19.41
N PHE H 13 15.29 12.99 20.12
CA PHE H 13 15.08 14.31 20.70
C PHE H 13 15.91 14.44 21.97
N LYS H 14 15.68 15.53 22.71
CA LYS H 14 16.21 15.69 24.07
C LYS H 14 15.12 16.40 24.86
N VAL H 15 14.26 15.62 25.51
CA VAL H 15 13.05 16.18 26.10
C VAL H 15 13.37 16.87 27.42
N LYS H 16 13.85 16.12 28.39
CA LYS H 16 14.16 16.70 29.69
C LYS H 16 15.63 17.10 29.75
N GLY H 17 15.94 18.04 30.64
CA GLY H 17 17.29 18.55 30.74
C GLY H 17 17.69 19.52 29.65
N ARG H 18 16.73 20.01 28.89
CA ARG H 18 17.01 20.92 27.78
C ARG H 18 17.34 22.30 28.31
N LYS H 19 18.25 23.00 27.62
CA LYS H 19 18.62 24.35 28.02
C LYS H 19 17.52 25.35 27.69
N THR H 20 16.73 25.08 26.66
CA THR H 20 15.59 25.87 26.23
C THR H 20 14.29 25.13 26.58
N PRO H 21 13.14 25.76 26.42
CA PRO H 21 11.88 25.00 26.50
C PRO H 21 11.77 24.00 25.36
N TYR H 22 11.18 22.84 25.66
CA TYR H 22 11.06 21.79 24.65
C TYR H 22 9.99 22.13 23.63
N ALA H 23 8.94 22.84 24.03
CA ALA H 23 7.84 23.18 23.14
C ALA H 23 8.26 24.11 22.01
N LEU H 24 9.42 24.78 22.15
CA LEU H 24 10.05 25.43 21.02
C LEU H 24 10.49 24.40 19.98
N SER H 25 11.20 23.36 20.40
CA SER H 25 11.74 22.39 19.46
C SER H 25 10.74 21.32 19.07
N HIS H 26 9.50 21.37 19.58
CA HIS H 26 8.46 20.44 19.17
C HIS H 26 7.51 21.08 18.18
N PHE H 27 6.86 22.18 18.59
CA PHE H 27 5.97 22.90 17.68
C PHE H 27 6.74 23.63 16.59
N GLY H 28 8.01 23.94 16.82
CA GLY H 28 8.87 24.49 15.80
C GLY H 28 9.47 23.46 14.87
N PHE H 29 9.10 22.19 15.02
CA PHE H 29 9.41 21.16 14.05
C PHE H 29 8.24 20.88 13.13
N PHE H 30 7.01 20.94 13.65
CA PHE H 30 5.85 20.65 12.84
C PHE H 30 5.39 21.85 12.03
N ALA H 31 5.61 23.06 12.55
CA ALA H 31 5.29 24.25 11.77
C ALA H 31 6.23 24.41 10.58
N ILE H 32 7.46 23.90 10.70
CA ILE H 32 8.33 23.80 9.54
C ILE H 32 7.75 22.81 8.54
N GLY H 33 7.19 21.71 9.04
CA GLY H 33 6.47 20.79 8.20
C GLY H 33 5.08 21.22 7.81
N PHE H 34 4.60 22.36 8.32
CA PHE H 34 3.31 22.89 7.93
C PHE H 34 3.41 24.14 7.06
N ALA H 35 4.50 24.89 7.16
CA ALA H 35 4.70 26.08 6.36
C ALA H 35 5.64 25.83 5.18
N VAL H 36 6.05 24.59 4.97
CA VAL H 36 6.80 24.24 3.77
C VAL H 36 5.96 24.23 2.49
N PRO H 37 4.62 24.02 2.46
CA PRO H 37 3.92 24.33 1.21
C PRO H 37 3.71 25.81 0.96
N PHE H 38 3.63 26.63 2.02
CA PHE H 38 3.34 28.04 1.81
C PHE H 38 4.53 28.77 1.22
N VAL H 39 5.75 28.30 1.50
CA VAL H 39 6.90 28.86 0.81
C VAL H 39 6.95 28.37 -0.63
N ALA H 40 6.40 27.20 -0.91
CA ALA H 40 6.23 26.80 -2.30
C ALA H 40 5.02 27.49 -2.92
N CYS H 41 4.04 27.85 -2.10
CA CYS H 41 2.95 28.70 -2.57
C CYS H 41 3.43 30.13 -2.80
N TYR H 42 4.47 30.56 -2.10
CA TYR H 42 4.97 31.91 -2.25
C TYR H 42 5.83 32.06 -3.50
N VAL H 43 6.94 31.32 -3.55
CA VAL H 43 7.97 31.57 -4.54
C VAL H 43 7.55 31.14 -5.94
N GLN H 44 6.50 30.33 -6.05
CA GLN H 44 5.93 30.02 -7.36
C GLN H 44 4.92 31.06 -7.79
N LEU H 45 4.18 31.66 -6.84
CA LEU H 45 3.30 32.76 -7.18
C LEU H 45 4.09 34.03 -7.47
N LYS H 46 5.14 34.29 -6.70
CA LYS H 46 5.99 35.46 -6.92
C LYS H 46 6.72 35.37 -8.25
N LYS H 47 7.06 34.16 -8.68
CA LYS H 47 7.66 33.97 -9.99
C LYS H 47 6.65 34.25 -11.10
N SER H 48 5.36 34.04 -10.83
CA SER H 48 4.31 34.24 -11.80
C SER H 48 3.78 35.66 -11.82
N GLY H 49 4.57 36.63 -11.37
CA GLY H 49 4.15 38.03 -11.44
C GLY H 49 3.22 38.52 -10.36
N ALA H 50 2.16 37.78 -10.07
CA ALA H 50 1.21 38.18 -9.04
C ALA H 50 1.84 38.05 -7.65
N PHE H 51 1.22 38.69 -6.67
CA PHE H 51 1.79 38.72 -5.33
C PHE H 51 0.83 38.22 -4.27
N THR I 1 -35.88 -28.92 41.07
CA THR I 1 -34.99 -29.44 40.05
C THR I 1 -34.89 -28.45 38.91
N ILE I 2 -33.73 -27.79 38.79
CA ILE I 2 -33.55 -26.78 37.76
C ILE I 2 -33.41 -27.46 36.41
N ALA I 3 -34.26 -27.05 35.47
CA ALA I 3 -34.18 -27.57 34.12
C ALA I 3 -32.91 -27.06 33.43
N PRO I 4 -32.27 -27.86 32.59
CA PRO I 4 -30.96 -27.51 32.03
C PRO I 4 -31.04 -26.34 31.06
N ILE I 5 -30.47 -25.21 31.46
CA ILE I 5 -30.54 -23.97 30.69
C ILE I 5 -29.30 -23.86 29.81
N THR I 6 -29.51 -23.65 28.51
CA THR I 6 -28.41 -23.61 27.56
C THR I 6 -28.78 -22.77 26.35
N GLY I 7 -27.78 -22.34 25.61
CA GLY I 7 -27.98 -21.67 24.34
C GLY I 7 -28.54 -20.28 24.43
N THR I 8 -28.06 -19.47 25.37
CA THR I 8 -28.61 -18.14 25.57
C THR I 8 -28.07 -17.13 24.56
N ILE I 9 -27.03 -17.47 23.80
CA ILE I 9 -26.51 -16.55 22.80
C ILE I 9 -26.67 -17.10 21.38
N LYS I 10 -26.97 -18.39 21.21
CA LYS I 10 -27.35 -18.90 19.90
C LYS I 10 -28.67 -18.32 19.43
N ARG I 11 -29.54 -17.98 20.37
CA ARG I 11 -30.79 -17.30 20.07
C ARG I 11 -30.63 -15.79 19.95
N ARG I 12 -29.41 -15.27 20.12
CA ARG I 12 -29.16 -13.83 20.05
C ARG I 12 -28.33 -13.44 18.84
N VAL I 13 -28.03 -14.38 17.96
CA VAL I 13 -27.58 -14.04 16.62
C VAL I 13 -28.55 -14.47 15.53
N ILE I 14 -29.33 -15.53 15.76
CA ILE I 14 -30.40 -15.87 14.83
C ILE I 14 -31.49 -14.81 14.86
N MET I 15 -31.79 -14.28 16.05
CA MET I 15 -32.70 -13.16 16.18
C MET I 15 -31.99 -11.83 16.10
N ASP I 16 -30.84 -11.76 15.43
CA ASP I 16 -30.16 -10.50 15.25
C ASP I 16 -29.84 -10.30 13.77
N ILE I 17 -29.50 -11.39 13.08
CA ILE I 17 -29.34 -11.32 11.64
C ILE I 17 -30.69 -11.11 10.97
N VAL I 18 -31.74 -11.73 11.51
CA VAL I 18 -33.09 -11.56 10.99
C VAL I 18 -33.56 -10.12 11.17
N LEU I 19 -33.26 -9.52 12.31
CA LEU I 19 -33.49 -8.09 12.50
C LEU I 19 -32.33 -7.23 12.00
N GLY I 20 -31.51 -7.75 11.11
CA GLY I 20 -30.53 -6.96 10.42
C GLY I 20 -30.85 -6.91 8.95
N PHE I 21 -31.45 -7.99 8.44
CA PHE I 21 -31.99 -7.98 7.10
C PHE I 21 -33.31 -7.24 7.03
N SER I 22 -34.16 -7.41 8.04
CA SER I 22 -35.44 -6.70 8.09
C SER I 22 -35.31 -5.29 8.64
N LEU I 23 -34.09 -4.80 8.87
CA LEU I 23 -33.88 -3.40 9.18
C LEU I 23 -33.14 -2.67 8.08
N GLY I 24 -32.55 -3.39 7.13
CA GLY I 24 -32.02 -2.78 5.93
C GLY I 24 -32.97 -3.02 4.79
N GLY I 25 -33.81 -4.05 4.95
CA GLY I 25 -34.77 -4.39 3.90
C GLY I 25 -35.89 -3.38 3.80
N VAL I 26 -36.30 -2.81 4.93
CA VAL I 26 -37.30 -1.76 4.90
C VAL I 26 -36.59 -0.41 4.94
N MET I 27 -35.27 -0.45 4.81
CA MET I 27 -34.50 0.73 4.44
C MET I 27 -34.19 0.77 2.95
N ALA I 28 -34.13 -0.40 2.31
CA ALA I 28 -33.95 -0.48 0.88
C ALA I 28 -35.26 -0.60 0.11
N SER I 29 -36.36 -0.97 0.77
CA SER I 29 -37.64 -0.91 0.09
C SER I 29 -38.11 0.51 -0.11
N TYR I 30 -37.65 1.44 0.72
CA TYR I 30 -37.99 2.85 0.51
C TYR I 30 -37.26 3.41 -0.69
N TRP I 31 -36.07 2.89 -1.00
CA TRP I 31 -35.30 3.38 -2.13
C TRP I 31 -35.90 2.93 -3.45
N TRP I 32 -36.22 1.65 -3.59
CA TRP I 32 -36.67 1.12 -4.86
C TRP I 32 -38.18 1.20 -5.06
N TRP I 33 -38.98 1.16 -4.00
CA TRP I 33 -40.41 1.26 -4.16
C TRP I 33 -40.97 2.62 -3.74
N GLY I 34 -40.13 3.54 -3.27
CA GLY I 34 -40.64 4.82 -2.85
C GLY I 34 -39.83 6.00 -3.37
N PHE I 35 -38.64 5.74 -3.90
CA PHE I 35 -37.80 6.78 -4.47
C PHE I 35 -37.46 6.53 -5.93
N HIS I 36 -37.06 5.30 -6.28
CA HIS I 36 -36.78 5.00 -7.67
C HIS I 36 -38.06 4.93 -8.49
N MET I 37 -39.16 4.50 -7.89
CA MET I 37 -40.44 4.57 -8.57
C MET I 37 -41.09 5.94 -8.45
N ASP I 38 -40.44 6.90 -7.79
CA ASP I 38 -40.88 8.29 -7.82
C ASP I 38 -40.32 9.00 -9.04
N LYS I 39 -39.03 8.79 -9.33
CA LYS I 39 -38.44 9.44 -10.49
C LYS I 39 -38.87 8.77 -11.79
N ILE I 40 -39.01 7.44 -11.79
CA ILE I 40 -39.41 6.74 -13.01
C ILE I 40 -40.91 6.88 -13.26
N ASN I 41 -41.67 7.34 -12.27
CA ASN I 41 -43.04 7.75 -12.58
C ASN I 41 -43.08 9.14 -13.18
N LYS I 42 -42.18 10.02 -12.76
CA LYS I 42 -42.09 11.35 -13.37
C LYS I 42 -41.54 11.29 -14.79
N ARG I 43 -40.79 10.25 -15.13
CA ARG I 43 -40.30 10.12 -16.49
C ARG I 43 -41.42 9.72 -17.44
N GLU I 44 -42.09 8.61 -17.14
CA GLU I 44 -43.10 8.10 -18.07
C GLU I 44 -44.46 8.76 -17.89
N LYS I 45 -44.57 9.75 -17.03
CA LYS I 45 -45.67 10.69 -17.15
C LYS I 45 -45.30 11.81 -18.12
N PHE I 46 -44.05 12.32 -18.01
CA PHE I 46 -43.60 13.40 -18.86
C PHE I 46 -43.45 12.95 -20.31
N TYR I 47 -42.89 11.75 -20.52
CA TYR I 47 -42.77 11.23 -21.87
C TYR I 47 -44.09 10.71 -22.43
N ALA I 48 -45.15 10.69 -21.64
CA ALA I 48 -46.45 10.38 -22.20
C ALA I 48 -47.01 11.57 -22.95
N GLU I 49 -46.59 12.79 -22.61
CA GLU I 49 -47.17 13.96 -23.24
C GLU I 49 -46.47 14.30 -24.55
N LEU I 50 -45.21 13.88 -24.70
CA LEU I 50 -44.45 14.21 -25.90
C LEU I 50 -44.70 13.27 -27.06
N ALA I 51 -45.80 12.53 -27.05
CA ALA I 51 -46.34 11.95 -28.26
C ALA I 51 -47.64 12.63 -28.68
N GLU I 52 -48.06 13.67 -27.96
CA GLU I 52 -49.36 14.29 -28.17
C GLU I 52 -49.28 15.63 -28.87
N ASN J 1 -37.38 11.17 -47.81
CA ASN J 1 -37.75 11.90 -46.61
C ASN J 1 -36.90 11.47 -45.43
N SER J 2 -35.75 10.86 -45.74
CA SER J 2 -34.76 10.46 -44.76
C SER J 2 -33.41 10.96 -45.26
N PRO J 3 -33.03 12.18 -44.90
CA PRO J 3 -31.83 12.78 -45.51
C PRO J 3 -30.51 12.24 -44.97
N LEU J 4 -30.40 12.08 -43.66
CA LEU J 4 -29.13 11.75 -43.04
C LEU J 4 -28.77 10.30 -43.27
N HIS J 5 -27.50 10.06 -43.61
CA HIS J 5 -27.04 8.75 -44.04
C HIS J 5 -25.52 8.71 -43.95
N THR J 6 -25.00 7.66 -43.31
CA THR J 6 -23.55 7.57 -43.11
C THR J 6 -23.15 6.09 -43.08
N VAL J 7 -21.96 5.81 -42.57
CA VAL J 7 -21.38 4.47 -42.62
C VAL J 7 -22.07 3.57 -41.61
N GLY J 8 -22.36 2.33 -42.03
CA GLY J 8 -23.05 1.38 -41.18
C GLY J 8 -22.17 0.71 -40.14
N PHE J 9 -22.29 -0.62 -40.01
CA PHE J 9 -21.58 -1.33 -38.96
C PHE J 9 -20.14 -1.66 -39.34
N ASP J 10 -19.96 -2.35 -40.47
CA ASP J 10 -18.66 -2.84 -40.97
C ASP J 10 -17.98 -3.75 -39.93
N ALA J 11 -18.58 -4.93 -39.78
CA ALA J 11 -18.32 -5.88 -38.69
C ALA J 11 -16.87 -6.34 -38.55
N ARG J 12 -15.99 -6.02 -39.51
CA ARG J 12 -14.57 -6.30 -39.30
C ARG J 12 -13.94 -5.39 -38.26
N PHE J 13 -14.57 -4.26 -37.93
CA PHE J 13 -14.10 -3.37 -36.87
C PHE J 13 -15.24 -3.11 -35.90
N PRO J 14 -15.57 -4.08 -35.04
CA PRO J 14 -16.78 -3.97 -34.23
C PRO J 14 -16.60 -3.23 -32.91
N GLN J 15 -15.37 -3.16 -32.41
CA GLN J 15 -15.15 -2.69 -31.04
C GLN J 15 -15.16 -1.17 -31.00
N GLN J 16 -14.79 -0.61 -29.85
CA GLN J 16 -14.86 0.84 -29.65
C GLN J 16 -13.76 1.56 -30.38
N ASN J 17 -12.56 0.99 -30.43
CA ASN J 17 -11.42 1.65 -31.04
C ASN J 17 -11.52 1.53 -32.56
N GLN J 18 -11.61 2.67 -33.24
CA GLN J 18 -11.76 2.71 -34.69
C GLN J 18 -10.58 3.39 -35.37
N THR J 19 -9.39 3.29 -34.77
CA THR J 19 -8.23 4.01 -35.28
C THR J 19 -7.71 3.43 -36.60
N LYS J 20 -8.03 2.18 -36.91
CA LYS J 20 -7.64 1.61 -38.19
C LYS J 20 -8.78 1.53 -39.18
N HIS J 21 -10.02 1.76 -38.74
CA HIS J 21 -11.13 1.85 -39.69
C HIS J 21 -10.99 3.11 -40.54
N CYS J 22 -10.45 4.17 -39.96
CA CYS J 22 -10.09 5.35 -40.75
C CYS J 22 -8.97 5.04 -41.72
N TRP J 23 -8.01 4.23 -41.28
CA TRP J 23 -6.78 4.01 -42.04
C TRP J 23 -7.00 3.06 -43.20
N GLN J 24 -7.61 1.90 -42.92
CA GLN J 24 -7.80 0.86 -43.93
C GLN J 24 -8.72 1.33 -45.04
N SER J 25 -9.69 2.18 -44.72
CA SER J 25 -10.53 2.77 -45.75
C SER J 25 -9.77 3.82 -46.55
N TYR J 26 -8.79 4.49 -45.94
CA TYR J 26 -8.01 5.49 -46.65
C TYR J 26 -7.06 4.85 -47.65
N VAL J 27 -6.43 3.75 -47.27
CA VAL J 27 -5.52 3.05 -48.17
C VAL J 27 -6.30 2.43 -49.33
N ASP J 28 -7.45 1.83 -49.02
CA ASP J 28 -8.27 1.17 -50.04
C ASP J 28 -8.88 2.15 -51.03
N TYR J 29 -9.00 3.44 -50.66
CA TYR J 29 -9.39 4.44 -51.63
C TYR J 29 -8.22 4.79 -52.55
N HIS J 30 -7.03 4.93 -51.99
CA HIS J 30 -5.85 5.22 -52.79
C HIS J 30 -5.29 3.99 -53.48
N LYS J 31 -5.69 2.79 -53.05
CA LYS J 31 -5.34 1.60 -53.83
C LYS J 31 -6.24 1.46 -55.04
N CYS J 32 -7.53 1.79 -54.90
CA CYS J 32 -8.48 1.72 -56.00
C CYS J 32 -8.17 2.69 -57.13
N VAL J 33 -7.89 3.95 -56.82
CA VAL J 33 -7.73 4.95 -57.87
C VAL J 33 -6.39 4.78 -58.59
N ASN J 34 -5.43 4.09 -57.98
CA ASN J 34 -4.18 3.80 -58.67
C ASN J 34 -4.26 2.47 -59.39
N MET J 35 -4.51 1.39 -58.66
CA MET J 35 -4.58 0.05 -59.24
C MET J 35 -5.97 -0.16 -59.82
N LYS J 36 -6.11 0.20 -61.10
CA LYS J 36 -7.28 -0.04 -61.93
C LYS J 36 -8.55 0.60 -61.33
N GLY J 37 -8.55 1.93 -61.36
CA GLY J 37 -9.80 2.65 -61.16
C GLY J 37 -10.78 2.29 -62.25
N GLU J 38 -11.78 1.48 -61.91
CA GLU J 38 -12.71 0.97 -62.91
C GLU J 38 -13.72 2.03 -63.30
N ASP J 39 -14.19 2.80 -62.32
CA ASP J 39 -14.81 4.10 -62.52
C ASP J 39 -14.66 4.85 -61.21
N PHE J 40 -15.05 6.12 -61.21
CA PHE J 40 -14.87 6.92 -60.02
C PHE J 40 -16.00 6.72 -59.03
N ALA J 41 -17.10 6.08 -59.46
CA ALA J 41 -18.15 5.71 -58.51
C ALA J 41 -17.78 4.51 -57.62
N PRO J 42 -17.52 3.31 -58.14
CA PRO J 42 -17.50 2.14 -57.24
C PRO J 42 -16.22 1.97 -56.43
N CYS J 43 -15.35 2.97 -56.36
CA CYS J 43 -14.39 3.06 -55.27
C CYS J 43 -14.34 4.43 -54.61
N LYS J 44 -15.35 5.26 -54.80
CA LYS J 44 -15.54 6.39 -53.90
C LYS J 44 -16.48 6.06 -52.76
N VAL J 45 -16.95 4.80 -52.72
CA VAL J 45 -17.59 4.27 -51.53
C VAL J 45 -16.62 4.31 -50.36
N PHE J 46 -15.34 4.02 -50.61
CA PHE J 46 -14.31 4.25 -49.62
C PHE J 46 -14.15 5.74 -49.31
N TRP J 47 -14.36 6.60 -50.31
CA TRP J 47 -14.21 8.03 -50.09
C TRP J 47 -15.33 8.58 -49.21
N LYS J 48 -16.49 7.94 -49.22
CA LYS J 48 -17.52 8.32 -48.26
C LYS J 48 -17.20 7.81 -46.85
N THR J 49 -16.41 6.75 -46.74
CA THR J 49 -16.10 6.22 -45.41
C THR J 49 -15.03 7.04 -44.71
N TYR J 50 -13.90 7.29 -45.38
CA TYR J 50 -12.80 7.97 -44.69
C TYR J 50 -12.98 9.47 -44.64
N ASN J 51 -13.95 10.05 -45.36
CA ASN J 51 -14.25 11.45 -45.10
C ASN J 51 -15.01 11.61 -43.80
N ALA J 52 -15.81 10.62 -43.45
CA ALA J 52 -16.27 10.50 -42.08
C ALA J 52 -15.17 9.87 -41.22
N LEU J 53 -15.30 10.03 -39.90
CA LEU J 53 -14.50 9.35 -38.85
C LEU J 53 -12.99 9.49 -39.04
N CYS J 54 -12.54 10.53 -39.73
CA CYS J 54 -11.13 10.88 -39.84
C CYS J 54 -11.00 12.39 -39.69
N PRO J 55 -10.20 12.86 -38.74
CA PRO J 55 -10.08 14.31 -38.53
C PRO J 55 -9.41 14.99 -39.70
N LEU J 56 -9.82 16.24 -39.94
CA LEU J 56 -9.32 16.98 -41.09
C LEU J 56 -7.88 17.46 -40.91
N ASP J 57 -7.28 17.27 -39.74
CA ASP J 57 -5.83 17.40 -39.60
C ASP J 57 -5.11 16.08 -39.84
N TRP J 58 -5.84 14.96 -39.82
CA TRP J 58 -5.23 13.68 -40.15
C TRP J 58 -5.17 13.47 -41.64
N ILE J 59 -6.19 13.96 -42.37
CA ILE J 59 -6.24 13.75 -43.82
C ILE J 59 -5.18 14.57 -44.52
N GLU J 60 -4.94 15.80 -44.05
CA GLU J 60 -3.85 16.58 -44.63
C GLU J 60 -2.49 16.05 -44.20
N LYS J 61 -2.43 15.29 -43.10
CA LYS J 61 -1.17 14.69 -42.70
C LYS J 61 -0.77 13.59 -43.67
N TRP J 62 -1.66 12.62 -43.92
CA TRP J 62 -1.34 11.55 -44.85
C TRP J 62 -1.31 12.03 -46.29
N ASP J 63 -1.93 13.18 -46.60
CA ASP J 63 -1.77 13.73 -47.94
C ASP J 63 -0.38 14.30 -48.14
N ASP J 64 0.28 14.73 -47.06
CA ASP J 64 1.66 15.18 -47.16
C ASP J 64 2.63 14.00 -47.16
N GLN J 65 2.30 12.93 -46.44
CA GLN J 65 3.19 11.77 -46.40
C GLN J 65 3.20 11.04 -47.73
N ARG J 66 2.07 11.02 -48.43
CA ARG J 66 2.06 10.48 -49.79
C ARG J 66 2.56 11.48 -50.82
N GLU J 67 2.68 12.75 -50.45
CA GLU J 67 3.20 13.74 -51.38
C GLU J 67 4.71 13.59 -51.52
N LYS J 68 5.42 13.51 -50.40
CA LYS J 68 6.87 13.39 -50.40
C LYS J 68 7.34 11.95 -50.51
N GLY J 69 6.44 11.02 -50.82
CA GLY J 69 6.83 9.62 -50.93
C GLY J 69 7.23 8.97 -49.63
N ILE J 70 6.79 9.51 -48.49
CA ILE J 70 7.21 9.02 -47.19
C ILE J 70 6.01 8.47 -46.42
N PHE J 71 4.99 8.02 -47.16
CA PHE J 71 3.81 7.46 -46.52
C PHE J 71 4.11 6.07 -45.98
N ALA J 72 3.47 5.76 -44.84
CA ALA J 72 3.80 4.53 -44.11
C ALA J 72 3.23 3.30 -44.81
N GLY J 73 1.91 3.23 -44.93
CA GLY J 73 1.30 2.05 -45.51
C GLY J 73 1.46 2.01 -47.02
N ASP J 74 1.52 0.79 -47.55
CA ASP J 74 1.73 0.60 -48.98
C ASP J 74 0.46 0.97 -49.74
N ILE J 75 0.56 1.95 -50.64
CA ILE J 75 -0.53 2.30 -51.53
C ILE J 75 -0.24 1.94 -52.98
N ASN J 76 0.96 1.46 -53.28
CA ASN J 76 1.33 1.07 -54.65
C ASN J 76 1.30 -0.44 -54.71
N SER J 77 0.16 -0.98 -55.18
CA SER J 77 0.09 -2.41 -55.45
C SER J 77 0.90 -2.78 -56.69
N ASP J 78 1.06 -1.84 -57.61
CA ASP J 78 1.88 -2.05 -58.79
C ASP J 78 3.37 -2.00 -58.44
N ASN K 1 30.33 -26.64 40.89
CA ASN K 1 29.97 -25.36 41.48
C ASN K 1 28.57 -24.93 41.04
N ALA K 2 28.17 -23.75 41.48
CA ALA K 2 26.83 -23.26 41.18
C ALA K 2 26.76 -22.75 39.75
N LEU K 3 25.64 -23.06 39.08
CA LEU K 3 25.29 -22.56 37.74
C LEU K 3 26.31 -22.94 36.67
N LYS K 4 27.01 -24.07 36.84
CA LYS K 4 27.96 -24.49 35.82
C LYS K 4 28.15 -26.01 35.75
N PRO K 5 27.12 -26.82 35.40
CA PRO K 5 27.40 -28.25 35.16
C PRO K 5 28.09 -28.53 33.83
N ALA K 6 27.44 -28.15 32.74
CA ALA K 6 27.76 -28.58 31.38
C ALA K 6 26.96 -27.72 30.42
N PHE K 7 26.92 -28.13 29.15
CA PHE K 7 26.12 -27.45 28.13
C PHE K 7 25.04 -28.34 27.56
N GLY K 8 25.39 -29.50 27.01
CA GLY K 8 24.43 -30.37 26.38
C GLY K 8 24.96 -31.77 26.19
N PRO K 9 24.07 -32.74 26.00
CA PRO K 9 24.51 -34.13 25.83
C PRO K 9 25.03 -34.37 24.43
N PRO K 10 26.05 -35.21 24.28
CA PRO K 10 26.57 -35.49 22.94
C PRO K 10 25.63 -36.39 22.16
N ASP K 11 25.23 -35.95 20.96
CA ASP K 11 24.31 -36.72 20.14
C ASP K 11 25.06 -37.88 19.48
N LYS K 12 26.32 -37.65 19.09
CA LYS K 12 27.38 -38.60 18.70
C LYS K 12 27.02 -39.51 17.51
N VAL K 13 25.84 -39.35 16.92
CA VAL K 13 25.44 -40.10 15.75
C VAL K 13 25.12 -39.17 14.59
N ALA K 14 24.81 -37.89 14.86
CA ALA K 14 24.73 -36.90 13.79
C ALA K 14 26.09 -36.71 13.14
N ALA K 15 27.15 -36.65 13.95
CA ALA K 15 28.49 -36.85 13.42
C ALA K 15 28.64 -38.28 12.95
N GLN K 16 29.44 -38.46 11.89
CA GLN K 16 29.51 -39.65 11.03
C GLN K 16 28.16 -39.95 10.36
N LYS K 17 27.26 -38.99 10.29
CA LYS K 17 26.10 -38.90 9.42
C LYS K 17 26.04 -37.55 8.72
N PHE K 18 26.40 -36.47 9.43
CA PHE K 18 26.60 -35.18 8.78
C PHE K 18 27.96 -35.12 8.12
N LYS K 19 29.00 -35.65 8.78
CA LYS K 19 30.30 -35.78 8.14
C LYS K 19 30.28 -36.84 7.05
N GLU K 20 29.48 -37.89 7.22
CA GLU K 20 29.31 -38.87 6.16
C GLU K 20 28.48 -38.33 5.01
N SER K 21 27.67 -37.29 5.24
CA SER K 21 27.06 -36.56 4.15
C SER K 21 27.96 -35.47 3.60
N LEU K 22 29.06 -35.17 4.28
CA LEU K 22 30.06 -34.24 3.76
C LEU K 22 31.22 -34.94 3.07
N MET K 23 31.39 -36.25 3.29
CA MET K 23 32.35 -37.00 2.48
C MET K 23 31.84 -37.17 1.07
N ALA K 24 30.52 -37.21 0.89
CA ALA K 24 29.92 -37.28 -0.44
C ALA K 24 29.80 -35.91 -1.09
N THR K 25 30.15 -34.83 -0.39
CA THR K 25 30.20 -33.52 -1.02
C THR K 25 31.35 -33.44 -2.00
N GLU K 26 32.52 -33.97 -1.61
CA GLU K 26 33.65 -34.07 -2.53
C GLU K 26 33.41 -35.13 -3.60
N LYS K 27 32.82 -36.27 -3.21
CA LYS K 27 32.59 -37.37 -4.14
C LYS K 27 31.58 -37.04 -5.21
N HIS K 28 30.61 -36.16 -4.92
CA HIS K 28 29.68 -35.70 -5.94
C HIS K 28 30.25 -34.55 -6.75
N ALA K 29 31.11 -33.71 -6.16
CA ALA K 29 31.71 -32.60 -6.90
C ALA K 29 32.87 -33.04 -7.79
N LYS K 30 33.33 -34.28 -7.66
CA LYS K 30 34.37 -34.77 -8.56
C LYS K 30 33.79 -35.17 -9.91
N ASP K 31 32.66 -35.89 -9.90
CA ASP K 31 32.06 -36.35 -11.15
C ASP K 31 31.36 -35.21 -11.90
N THR K 32 30.66 -34.34 -11.17
CA THR K 32 30.01 -33.20 -11.83
C THR K 32 30.98 -32.11 -12.21
N SER K 33 32.23 -32.17 -11.76
CA SER K 33 33.27 -31.39 -12.42
C SER K 33 33.73 -32.08 -13.69
N ASN K 34 33.80 -33.41 -13.67
CA ASN K 34 34.19 -34.17 -14.85
C ASN K 34 33.08 -34.22 -15.89
N MET K 35 31.83 -34.10 -15.47
CA MET K 35 30.72 -34.11 -16.43
C MET K 35 30.68 -32.80 -17.22
N TRP K 36 31.02 -31.69 -16.57
CA TRP K 36 30.93 -30.40 -17.21
C TRP K 36 32.21 -29.95 -17.89
N VAL K 37 33.36 -30.55 -17.58
CA VAL K 37 34.60 -30.12 -18.23
C VAL K 37 34.66 -30.65 -19.65
N LYS K 38 34.02 -31.79 -19.93
CA LYS K 38 34.03 -32.34 -21.28
C LYS K 38 33.10 -31.60 -22.22
N ILE K 39 31.96 -31.11 -21.71
CA ILE K 39 31.01 -30.40 -22.55
C ILE K 39 31.43 -28.96 -22.78
N SER K 40 32.31 -28.42 -21.93
CA SER K 40 32.72 -27.03 -22.05
C SER K 40 33.97 -26.82 -22.88
N VAL K 41 34.71 -27.88 -23.20
CA VAL K 41 35.88 -27.77 -24.06
C VAL K 41 35.78 -28.66 -25.29
N TRP K 42 34.89 -29.65 -25.31
CA TRP K 42 34.76 -30.51 -26.48
C TRP K 42 33.33 -30.58 -27.01
N VAL K 43 32.40 -29.79 -26.48
CA VAL K 43 31.07 -29.67 -27.07
C VAL K 43 30.77 -28.19 -27.32
N ALA K 44 30.89 -27.37 -26.28
CA ALA K 44 30.54 -25.96 -26.40
C ALA K 44 31.61 -25.17 -27.15
N LEU K 45 32.88 -25.40 -26.84
CA LEU K 45 33.97 -24.70 -27.52
C LEU K 45 34.15 -25.11 -28.99
N PRO K 46 33.85 -26.34 -29.42
CA PRO K 46 33.70 -26.55 -30.87
C PRO K 46 32.58 -25.75 -31.50
N ALA K 47 31.53 -25.41 -30.76
CA ALA K 47 30.50 -24.55 -31.31
C ALA K 47 30.92 -23.09 -31.31
N ILE K 48 31.90 -22.72 -30.47
CA ILE K 48 32.38 -21.34 -30.45
C ILE K 48 33.30 -21.08 -31.63
N ALA K 49 34.39 -21.84 -31.74
CA ALA K 49 35.42 -21.56 -32.74
C ALA K 49 35.00 -21.89 -34.16
N LEU K 50 33.88 -22.62 -34.34
CA LEU K 50 33.39 -22.88 -35.68
C LEU K 50 32.53 -21.74 -36.20
N THR K 51 31.73 -21.12 -35.34
CA THR K 51 30.83 -20.06 -35.75
C THR K 51 31.37 -18.67 -35.50
N ALA K 52 32.47 -18.52 -34.74
CA ALA K 52 33.06 -17.20 -34.57
C ALA K 52 33.77 -16.76 -35.84
N VAL K 53 34.41 -17.69 -36.54
CA VAL K 53 34.98 -17.36 -37.84
C VAL K 53 33.90 -17.33 -38.92
N ASN K 54 32.77 -18.01 -38.70
CA ASN K 54 31.63 -17.84 -39.59
C ASN K 54 31.02 -16.45 -39.42
N THR K 55 31.00 -15.95 -38.18
CA THR K 55 30.56 -14.58 -37.94
C THR K 55 31.61 -13.58 -38.42
N TYR K 56 32.88 -13.95 -38.33
CA TYR K 56 33.93 -13.08 -38.88
C TYR K 56 34.07 -13.22 -40.40
N PHE K 57 33.26 -14.06 -41.03
CA PHE K 57 33.16 -14.09 -42.48
C PHE K 57 32.17 -13.06 -43.03
N VAL K 58 31.15 -12.70 -42.25
CA VAL K 58 30.24 -11.64 -42.68
C VAL K 58 30.66 -10.27 -42.16
N GLU K 59 31.65 -10.21 -41.27
CA GLU K 59 32.16 -8.92 -40.82
C GLU K 59 32.95 -8.23 -41.92
N LYS K 60 33.69 -9.00 -42.73
CA LYS K 60 34.55 -8.42 -43.75
C LYS K 60 33.75 -7.87 -44.94
N GLU K 61 32.48 -8.27 -45.09
CA GLU K 61 31.65 -7.76 -46.17
C GLU K 61 30.59 -6.77 -45.71
N HIS K 62 30.15 -6.84 -44.46
CA HIS K 62 29.20 -5.85 -43.97
C HIS K 62 29.89 -4.54 -43.62
N ALA K 63 31.16 -4.59 -43.20
CA ALA K 63 31.95 -3.37 -43.11
C ALA K 63 32.32 -2.86 -44.49
N GLU K 64 32.45 -3.77 -45.47
CA GLU K 64 32.57 -3.36 -46.86
C GLU K 64 31.27 -2.72 -47.34
N HIS K 65 30.13 -3.23 -46.87
CA HIS K 65 28.85 -2.58 -47.15
C HIS K 65 28.78 -1.20 -46.48
N ARG K 66 29.40 -1.05 -45.32
CA ARG K 66 29.56 0.28 -44.74
C ARG K 66 30.52 1.13 -45.56
N GLU K 67 31.54 0.50 -46.17
CA GLU K 67 32.43 1.24 -47.05
C GLU K 67 31.76 1.61 -48.36
N HIS K 68 30.72 0.86 -48.75
CA HIS K 68 29.95 1.22 -49.93
C HIS K 68 29.09 2.45 -49.69
N LEU K 69 28.66 2.67 -48.45
CA LEU K 69 27.66 3.70 -48.18
C LEU K 69 28.27 5.10 -48.24
N LYS K 70 29.45 5.28 -47.68
CA LYS K 70 30.13 6.57 -47.76
C LYS K 70 31.07 6.66 -48.95
N HIS K 71 31.04 5.67 -49.85
CA HIS K 71 31.80 5.77 -51.09
C HIS K 71 31.24 6.86 -51.99
N VAL K 72 29.98 6.73 -52.36
CA VAL K 72 29.22 7.83 -52.94
C VAL K 72 28.78 8.68 -51.75
N PRO K 73 28.80 10.03 -51.85
CA PRO K 73 28.29 10.84 -50.75
C PRO K 73 26.79 10.65 -50.53
N ASP K 74 26.04 10.62 -51.64
CA ASP K 74 24.60 10.39 -51.69
C ASP K 74 23.85 11.41 -50.84
N SER K 75 23.86 12.65 -51.34
CA SER K 75 22.96 13.67 -50.82
C SER K 75 21.50 13.33 -51.09
N GLU K 76 21.26 12.46 -52.06
CA GLU K 76 19.93 11.88 -52.35
C GLU K 76 19.70 10.67 -51.43
N TRP K 77 19.82 10.92 -50.14
CA TRP K 77 19.47 9.96 -49.09
C TRP K 77 17.96 9.74 -49.10
N PRO K 78 17.48 8.54 -48.68
CA PRO K 78 16.06 8.18 -48.89
C PRO K 78 14.96 9.02 -48.25
N ARG K 79 15.30 10.13 -47.58
CA ARG K 79 14.34 11.07 -46.98
C ARG K 79 13.45 10.36 -45.96
N ASP K 80 14.09 10.04 -44.84
CA ASP K 80 13.52 9.18 -43.80
C ASP K 80 12.18 9.71 -43.25
N TYR K 81 11.46 8.82 -42.58
CA TYR K 81 10.05 8.99 -42.32
C TYR K 81 9.81 10.01 -41.20
N GLU K 82 8.55 10.14 -40.78
CA GLU K 82 8.18 11.10 -39.74
C GLU K 82 8.68 10.69 -38.37
N PHE K 83 8.92 9.41 -38.15
CA PHE K 83 9.32 8.90 -36.85
C PHE K 83 10.81 8.61 -36.74
N MET K 84 11.59 8.88 -37.79
CA MET K 84 12.94 8.34 -37.84
C MET K 84 13.96 9.20 -37.10
N ASN K 85 13.65 10.45 -36.80
CA ASN K 85 14.54 11.31 -36.02
C ASN K 85 13.69 12.17 -35.10
N ILE K 86 13.43 11.67 -33.90
CA ILE K 86 12.70 12.45 -32.90
C ILE K 86 13.66 13.42 -32.23
N ARG K 87 13.30 14.70 -32.22
CA ARG K 87 14.25 15.71 -31.76
C ARG K 87 13.60 16.72 -30.83
N SER K 88 12.49 16.37 -30.20
CA SER K 88 11.92 17.19 -29.14
C SER K 88 12.84 17.13 -27.92
N LYS K 89 13.23 18.31 -27.42
CA LYS K 89 14.35 18.50 -26.49
C LYS K 89 15.61 17.87 -27.06
N PRO K 90 16.32 18.58 -27.95
CA PRO K 90 17.59 18.08 -28.48
C PRO K 90 18.61 17.77 -27.39
N PHE K 91 19.56 16.92 -27.74
CA PHE K 91 20.37 16.24 -26.73
C PHE K 91 21.38 17.18 -26.09
N PHE K 92 21.69 16.86 -24.83
CA PHE K 92 22.42 17.78 -23.95
C PHE K 92 23.91 17.53 -23.88
N TRP K 93 24.38 16.31 -24.15
CA TRP K 93 25.81 16.08 -24.10
C TRP K 93 26.51 16.51 -25.39
N GLY K 94 25.81 16.44 -26.51
CA GLY K 94 26.36 16.80 -27.80
C GLY K 94 25.51 17.85 -28.49
N ASP K 95 26.08 18.38 -29.58
CA ASP K 95 25.41 19.39 -30.40
C ASP K 95 24.15 18.86 -31.07
N GLY K 96 24.31 17.93 -32.01
CA GLY K 96 23.20 17.30 -32.69
C GLY K 96 23.39 15.81 -32.66
N ASP K 97 24.01 15.35 -31.57
CA ASP K 97 24.39 13.95 -31.43
C ASP K 97 23.13 13.15 -31.13
N LYS K 98 22.84 12.18 -31.98
CA LYS K 98 21.58 11.43 -31.87
C LYS K 98 21.59 10.49 -30.67
N THR K 99 22.64 9.69 -30.50
CA THR K 99 22.69 8.74 -29.40
C THR K 99 23.99 8.96 -28.66
N LEU K 100 24.31 8.04 -27.74
CA LEU K 100 25.61 8.10 -27.07
C LEU K 100 26.72 7.73 -28.05
N PHE K 101 26.47 6.74 -28.92
CA PHE K 101 27.43 6.35 -29.96
C PHE K 101 26.68 6.04 -31.24
N TRP K 102 27.20 6.54 -32.37
CA TRP K 102 26.73 6.14 -33.68
C TRP K 102 27.82 6.49 -34.69
N ASN K 103 28.14 5.54 -35.55
CA ASN K 103 28.97 5.86 -36.70
C ASN K 103 28.20 6.80 -37.65
N PRO K 104 28.87 7.78 -38.24
CA PRO K 104 28.17 8.72 -39.13
C PRO K 104 27.85 8.13 -40.49
N VAL K 105 28.32 6.92 -40.80
CA VAL K 105 28.16 6.37 -42.15
C VAL K 105 26.72 5.90 -42.38
N VAL K 106 26.04 5.46 -41.31
CA VAL K 106 24.69 4.92 -41.45
C VAL K 106 23.67 5.68 -40.61
N ASN K 107 24.06 6.77 -39.95
CA ASN K 107 23.19 7.51 -39.06
C ASN K 107 23.33 9.00 -39.35
N ARG K 108 23.17 9.35 -40.63
CA ARG K 108 23.60 10.66 -41.12
C ARG K 108 22.71 11.81 -40.62
N HIS K 109 21.38 11.56 -40.54
CA HIS K 109 20.37 12.55 -40.16
C HIS K 109 20.43 13.79 -41.08
N ILE K 110 20.12 13.54 -42.34
CA ILE K 110 20.08 14.59 -43.35
C ILE K 110 18.71 15.25 -43.29
N GLU K 111 18.69 16.55 -43.04
CA GLU K 111 17.46 17.31 -42.90
C GLU K 111 16.99 17.80 -44.27
N HIS K 112 15.73 17.52 -44.59
CA HIS K 112 15.11 17.96 -45.85
C HIS K 112 13.86 18.75 -45.50
N ASP K 113 14.02 20.06 -45.31
CA ASP K 113 12.85 20.93 -45.12
C ASP K 113 12.14 21.17 -46.44
N ASP K 114 12.90 21.65 -47.44
CA ASP K 114 12.43 21.96 -48.79
C ASP K 114 11.25 22.94 -48.81
N GLU L 1 -42.64 -19.66 27.63
CA GLU L 1 -43.72 -18.80 28.11
C GLU L 1 -43.20 -17.47 28.61
N SER L 2 -41.92 -17.18 28.36
CA SER L 2 -41.37 -15.90 28.76
C SER L 2 -40.50 -15.24 27.69
N TRP L 3 -39.82 -16.06 26.87
CA TRP L 3 -38.60 -15.63 26.22
C TRP L 3 -38.80 -14.59 25.11
N VAL L 4 -40.01 -14.38 24.64
CA VAL L 4 -40.20 -13.41 23.56
C VAL L 4 -40.12 -11.99 24.11
N ILE L 5 -40.56 -11.78 25.34
CA ILE L 5 -40.62 -10.44 25.90
C ILE L 5 -39.26 -9.97 26.41
N THR L 6 -38.44 -10.88 26.95
CA THR L 6 -37.16 -10.48 27.55
C THR L 6 -36.14 -10.08 26.49
N GLU L 7 -36.32 -10.52 25.25
CA GLU L 7 -35.57 -9.91 24.15
C GLU L 7 -36.30 -8.68 23.62
N GLY L 8 -37.64 -8.70 23.67
CA GLY L 8 -38.42 -7.56 23.21
C GLY L 8 -38.30 -6.34 24.09
N ARG L 9 -37.96 -6.52 25.37
CA ARG L 9 -37.69 -5.37 26.21
C ARG L 9 -36.39 -4.67 25.83
N ARG L 10 -35.44 -5.40 25.27
CA ARG L 10 -34.15 -4.82 24.90
C ARG L 10 -34.11 -4.34 23.45
N LEU L 11 -34.62 -5.13 22.51
CA LEU L 11 -34.41 -4.83 21.10
C LEU L 11 -35.26 -3.68 20.59
N ILE L 12 -36.41 -3.42 21.21
CA ILE L 12 -37.30 -2.35 20.77
C ILE L 12 -36.69 -0.97 21.03
N PRO L 13 -36.03 -0.68 22.17
CA PRO L 13 -35.22 0.54 22.19
C PRO L 13 -33.91 0.44 21.44
N GLU L 14 -33.52 -0.74 20.96
CA GLU L 14 -32.31 -0.82 20.16
C GLU L 14 -32.58 -0.43 18.70
N ILE L 15 -33.72 -0.86 18.15
CA ILE L 15 -34.05 -0.50 16.77
C ILE L 15 -34.55 0.92 16.63
N PHE L 16 -34.83 1.60 17.73
CA PHE L 16 -35.20 3.01 17.68
C PHE L 16 -33.99 3.89 17.89
N GLN L 17 -33.04 3.46 18.73
CA GLN L 17 -31.81 4.22 18.89
C GLN L 17 -30.90 4.07 17.68
N TRP L 18 -31.00 2.96 16.96
CA TRP L 18 -30.13 2.74 15.81
C TRP L 18 -30.56 3.62 14.64
N SER L 19 -31.86 3.69 14.38
CA SER L 19 -32.36 4.58 13.34
C SER L 19 -32.20 6.04 13.72
N ALA L 20 -32.10 6.32 15.01
CA ALA L 20 -31.82 7.69 15.43
C ALA L 20 -30.38 8.07 15.13
N VAL L 21 -29.45 7.11 15.17
CA VAL L 21 -28.05 7.46 14.96
C VAL L 21 -27.67 7.25 13.50
N LEU L 22 -28.44 6.45 12.78
CA LEU L 22 -28.15 6.29 11.35
C LEU L 22 -28.69 7.46 10.56
N SER L 23 -29.84 8.02 10.96
CA SER L 23 -30.38 9.17 10.26
C SER L 23 -29.61 10.45 10.55
N VAL L 24 -28.73 10.45 11.56
CA VAL L 24 -27.79 11.54 11.73
C VAL L 24 -26.50 11.24 10.98
N CYS L 25 -26.06 9.99 10.99
CA CYS L 25 -24.81 9.63 10.33
C CYS L 25 -24.95 9.59 8.81
N LEU L 26 -26.16 9.50 8.29
CA LEU L 26 -26.37 9.51 6.85
C LEU L 26 -27.19 10.69 6.38
N GLY L 27 -28.22 11.09 7.12
CA GLY L 27 -29.10 12.14 6.68
C GLY L 27 -28.75 13.54 7.14
N TRP L 28 -27.56 13.75 7.67
CA TRP L 28 -27.15 15.10 8.03
C TRP L 28 -26.98 16.09 6.87
N PRO L 29 -26.71 15.71 5.60
CA PRO L 29 -26.84 16.72 4.54
C PRO L 29 -28.26 17.17 4.27
N GLY L 30 -29.27 16.47 4.76
CA GLY L 30 -30.62 16.98 4.68
C GLY L 30 -30.88 18.18 5.57
N ALA L 31 -30.04 18.41 6.57
CA ALA L 31 -30.22 19.55 7.45
C ALA L 31 -29.60 20.81 6.87
N VAL L 32 -28.43 20.68 6.23
CA VAL L 32 -27.77 21.86 5.70
C VAL L 32 -28.48 22.36 4.45
N TYR L 33 -29.17 21.47 3.74
CA TYR L 33 -29.93 21.92 2.57
C TYR L 33 -31.21 22.62 2.99
N PHE L 34 -31.86 22.14 4.06
CA PHE L 34 -33.16 22.65 4.44
C PHE L 34 -33.10 24.10 4.92
N PHE L 35 -32.02 24.47 5.61
CA PHE L 35 -31.91 25.82 6.14
C PHE L 35 -31.58 26.81 5.02
N SER L 36 -30.40 26.69 4.44
CA SER L 36 -29.88 27.70 3.53
C SER L 36 -30.11 27.27 2.09
N LYS L 37 -31.35 27.44 1.64
CA LYS L 37 -31.60 27.43 0.20
C LYS L 37 -31.25 28.75 -0.44
N ALA L 38 -31.21 29.82 0.37
CA ALA L 38 -30.86 31.18 -0.02
C ALA L 38 -31.70 31.70 -1.20
#